data_3A2Y
# 
_entry.id   3A2Y 
# 
_audit_conform.dict_name       mmcif_pdbx.dic 
_audit_conform.dict_version    5.380 
_audit_conform.dict_location   http://mmcif.pdb.org/dictionaries/ascii/mmcif_pdbx.dic 
# 
loop_
_database_2.database_id 
_database_2.database_code 
_database_2.pdbx_database_accession 
_database_2.pdbx_DOI 
PDB   3A2Y         pdb_00003a2y 10.2210/pdb3a2y/pdb 
RCSB  RCSB028745   ?            ?                   
WWPDB D_1000028745 ?            ?                   
# 
loop_
_pdbx_database_related.db_name 
_pdbx_database_related.db_id 
_pdbx_database_related.details 
_pdbx_database_related.content_type 
PDB 2iob 'model for molecular replacement'                unspecified 
PDB 3a2z 'E. coli Gsp amidase Cys59 sulfenic acid'        unspecified 
PDB 3a30 'E. coli Gsp amidase Cys59 acetate modification' unspecified 
# 
_pdbx_database_status.status_code                     REL 
_pdbx_database_status.entry_id                        3A2Y 
_pdbx_database_status.recvd_initial_deposition_date   2009-06-04 
_pdbx_database_status.deposit_site                    PDBJ 
_pdbx_database_status.process_site                    PDBJ 
_pdbx_database_status.status_code_sf                  REL 
_pdbx_database_status.status_code_mr                  ? 
_pdbx_database_status.SG_entry                        ? 
_pdbx_database_status.status_code_cs                  ? 
_pdbx_database_status.pdb_format_compatible           Y 
_pdbx_database_status.methods_development_category    ? 
_pdbx_database_status.status_code_nmr_data            ? 
# 
loop_
_audit_author.name 
_audit_author.pdbx_ordinal 
'Pai, C.-H.'    1 
'Ko, T.-P.'     2 
'Chiang, B.-Y.' 3 
'Lin, C.-H.'    4 
'Wang, A.H.-J.' 5 
# 
_citation.id                        primary 
_citation.title                     
;Structure and mechanism of Escherichia coli glutathionylspermidine amidase belonging to the family of cysteine; histidine-dependent amidohydrolases/peptidases
;
_citation.journal_abbrev            'Protein Sci.' 
_citation.journal_volume            20 
_citation.page_first                557 
_citation.page_last                 566 
_citation.year                      2011 
_citation.journal_id_ASTM           PRCIEI 
_citation.country                   US 
_citation.journal_id_ISSN           0961-8368 
_citation.journal_id_CSD            0795 
_citation.book_publisher            ? 
_citation.pdbx_database_id_PubMed   21226054 
_citation.pdbx_database_id_DOI      10.1002/pro.589 
# 
loop_
_citation_author.citation_id 
_citation_author.name 
_citation_author.ordinal 
_citation_author.identifier_ORCID 
primary 'Pai, C.-H.'    1 ? 
primary 'Wu, H.-J.'     2 ? 
primary 'Lin, C.-H.'    3 ? 
primary 'Wang, A.H.-J.' 4 ? 
# 
_cell.entry_id           3A2Y 
_cell.length_a           83.962 
_cell.length_b           83.962 
_cell.length_c           104.937 
_cell.angle_alpha        90.00 
_cell.angle_beta         90.00 
_cell.angle_gamma        120.00 
_cell.Z_PDB              12 
_cell.pdbx_unique_axis   ? 
_cell.length_a_esd       ? 
_cell.length_b_esd       ? 
_cell.length_c_esd       ? 
_cell.angle_alpha_esd    ? 
_cell.angle_beta_esd     ? 
_cell.angle_gamma_esd    ? 
# 
_symmetry.entry_id                         3A2Y 
_symmetry.space_group_name_H-M             'P 64 2 2' 
_symmetry.pdbx_full_space_group_name_H-M   ? 
_symmetry.cell_setting                     ? 
_symmetry.Int_Tables_number                181 
_symmetry.space_group_name_Hall            ? 
# 
loop_
_entity.id 
_entity.type 
_entity.src_method 
_entity.pdbx_description 
_entity.formula_weight 
_entity.pdbx_number_of_molecules 
_entity.pdbx_ec 
_entity.pdbx_mutation 
_entity.pdbx_fragment 
_entity.details 
1 polymer     man 'Bifunctional glutathionylspermidine synthetase/amidase' 22261.848 1   '6.3.1.8, 3.5.1.78' C59A 'residues 1-197' 
? 
2 non-polymer syn GLUTATHIONYLSPERMIDINE                                   434.554   1   ?                   ?    ?                
? 
3 water       nat water                                                    18.015    131 ?                   ?    ?                
? 
# 
_entity_name_com.entity_id   1 
_entity_name_com.name        
;Glutathionylspermidine synthase, Glutathione:spermidine ligase [ADP-forming], GSP synthetase, Glutathionylspermidine amidase, Glutathionylspermidine amidohydrolase [spermidine-forming], GSP amidase
;
# 
_entity_poly.entity_id                      1 
_entity_poly.type                           'polypeptide(L)' 
_entity_poly.nstd_linkage                   no 
_entity_poly.nstd_monomer                   no 
_entity_poly.pdbx_seq_one_letter_code       
;MSKGTTSQDAPFGTLLGYAPGGVAIYSSDYSSLDPQEYEDDAVFRSYIDDEYMGHKWQAVEFARRFLFLNYGVVFTDVGM
AWEIFSLRFLREVVNDNILPLQAFPNGSPRAPVAGALLIWDKGGEFKDTGHVAIITQLHGNKVRIAEQNVIHSPLPQGQQ
WTRELEMVVENGCYTLKDTFDDTTILGWMIQTEDTEY
;
_entity_poly.pdbx_seq_one_letter_code_can   
;MSKGTTSQDAPFGTLLGYAPGGVAIYSSDYSSLDPQEYEDDAVFRSYIDDEYMGHKWQAVEFARRFLFLNYGVVFTDVGM
AWEIFSLRFLREVVNDNILPLQAFPNGSPRAPVAGALLIWDKGGEFKDTGHVAIITQLHGNKVRIAEQNVIHSPLPQGQQ
WTRELEMVVENGCYTLKDTFDDTTILGWMIQTEDTEY
;
_entity_poly.pdbx_strand_id                 A 
_entity_poly.pdbx_target_identifier         ? 
# 
loop_
_entity_poly_seq.entity_id 
_entity_poly_seq.num 
_entity_poly_seq.mon_id 
_entity_poly_seq.hetero 
1 1   MET n 
1 2   SER n 
1 3   LYS n 
1 4   GLY n 
1 5   THR n 
1 6   THR n 
1 7   SER n 
1 8   GLN n 
1 9   ASP n 
1 10  ALA n 
1 11  PRO n 
1 12  PHE n 
1 13  GLY n 
1 14  THR n 
1 15  LEU n 
1 16  LEU n 
1 17  GLY n 
1 18  TYR n 
1 19  ALA n 
1 20  PRO n 
1 21  GLY n 
1 22  GLY n 
1 23  VAL n 
1 24  ALA n 
1 25  ILE n 
1 26  TYR n 
1 27  SER n 
1 28  SER n 
1 29  ASP n 
1 30  TYR n 
1 31  SER n 
1 32  SER n 
1 33  LEU n 
1 34  ASP n 
1 35  PRO n 
1 36  GLN n 
1 37  GLU n 
1 38  TYR n 
1 39  GLU n 
1 40  ASP n 
1 41  ASP n 
1 42  ALA n 
1 43  VAL n 
1 44  PHE n 
1 45  ARG n 
1 46  SER n 
1 47  TYR n 
1 48  ILE n 
1 49  ASP n 
1 50  ASP n 
1 51  GLU n 
1 52  TYR n 
1 53  MET n 
1 54  GLY n 
1 55  HIS n 
1 56  LYS n 
1 57  TRP n 
1 58  GLN n 
1 59  ALA n 
1 60  VAL n 
1 61  GLU n 
1 62  PHE n 
1 63  ALA n 
1 64  ARG n 
1 65  ARG n 
1 66  PHE n 
1 67  LEU n 
1 68  PHE n 
1 69  LEU n 
1 70  ASN n 
1 71  TYR n 
1 72  GLY n 
1 73  VAL n 
1 74  VAL n 
1 75  PHE n 
1 76  THR n 
1 77  ASP n 
1 78  VAL n 
1 79  GLY n 
1 80  MET n 
1 81  ALA n 
1 82  TRP n 
1 83  GLU n 
1 84  ILE n 
1 85  PHE n 
1 86  SER n 
1 87  LEU n 
1 88  ARG n 
1 89  PHE n 
1 90  LEU n 
1 91  ARG n 
1 92  GLU n 
1 93  VAL n 
1 94  VAL n 
1 95  ASN n 
1 96  ASP n 
1 97  ASN n 
1 98  ILE n 
1 99  LEU n 
1 100 PRO n 
1 101 LEU n 
1 102 GLN n 
1 103 ALA n 
1 104 PHE n 
1 105 PRO n 
1 106 ASN n 
1 107 GLY n 
1 108 SER n 
1 109 PRO n 
1 110 ARG n 
1 111 ALA n 
1 112 PRO n 
1 113 VAL n 
1 114 ALA n 
1 115 GLY n 
1 116 ALA n 
1 117 LEU n 
1 118 LEU n 
1 119 ILE n 
1 120 TRP n 
1 121 ASP n 
1 122 LYS n 
1 123 GLY n 
1 124 GLY n 
1 125 GLU n 
1 126 PHE n 
1 127 LYS n 
1 128 ASP n 
1 129 THR n 
1 130 GLY n 
1 131 HIS n 
1 132 VAL n 
1 133 ALA n 
1 134 ILE n 
1 135 ILE n 
1 136 THR n 
1 137 GLN n 
1 138 LEU n 
1 139 HIS n 
1 140 GLY n 
1 141 ASN n 
1 142 LYS n 
1 143 VAL n 
1 144 ARG n 
1 145 ILE n 
1 146 ALA n 
1 147 GLU n 
1 148 GLN n 
1 149 ASN n 
1 150 VAL n 
1 151 ILE n 
1 152 HIS n 
1 153 SER n 
1 154 PRO n 
1 155 LEU n 
1 156 PRO n 
1 157 GLN n 
1 158 GLY n 
1 159 GLN n 
1 160 GLN n 
1 161 TRP n 
1 162 THR n 
1 163 ARG n 
1 164 GLU n 
1 165 LEU n 
1 166 GLU n 
1 167 MET n 
1 168 VAL n 
1 169 VAL n 
1 170 GLU n 
1 171 ASN n 
1 172 GLY n 
1 173 CYS n 
1 174 TYR n 
1 175 THR n 
1 176 LEU n 
1 177 LYS n 
1 178 ASP n 
1 179 THR n 
1 180 PHE n 
1 181 ASP n 
1 182 ASP n 
1 183 THR n 
1 184 THR n 
1 185 ILE n 
1 186 LEU n 
1 187 GLY n 
1 188 TRP n 
1 189 MET n 
1 190 ILE n 
1 191 GLN n 
1 192 THR n 
1 193 GLU n 
1 194 ASP n 
1 195 THR n 
1 196 GLU n 
1 197 TYR n 
# 
_entity_src_gen.entity_id                          1 
_entity_src_gen.pdbx_src_id                        1 
_entity_src_gen.pdbx_alt_source_flag               sample 
_entity_src_gen.pdbx_seq_type                      ? 
_entity_src_gen.pdbx_beg_seq_num                   ? 
_entity_src_gen.pdbx_end_seq_num                   ? 
_entity_src_gen.gene_src_common_name               ? 
_entity_src_gen.gene_src_genus                     ? 
_entity_src_gen.pdbx_gene_src_gene                 'gsp, b2988, JW2956' 
_entity_src_gen.gene_src_species                   ? 
_entity_src_gen.gene_src_strain                    K12 
_entity_src_gen.gene_src_tissue                    ? 
_entity_src_gen.gene_src_tissue_fraction           ? 
_entity_src_gen.gene_src_details                   ? 
_entity_src_gen.pdbx_gene_src_fragment             ? 
_entity_src_gen.pdbx_gene_src_scientific_name      'Escherichia coli' 
_entity_src_gen.pdbx_gene_src_ncbi_taxonomy_id     83333 
_entity_src_gen.pdbx_gene_src_variant              ? 
_entity_src_gen.pdbx_gene_src_cell_line            ? 
_entity_src_gen.pdbx_gene_src_atcc                 ? 
_entity_src_gen.pdbx_gene_src_organ                ? 
_entity_src_gen.pdbx_gene_src_organelle            ? 
_entity_src_gen.pdbx_gene_src_cell                 ? 
_entity_src_gen.pdbx_gene_src_cellular_location    ? 
_entity_src_gen.host_org_common_name               ? 
_entity_src_gen.pdbx_host_org_scientific_name      'Escherichia coli' 
_entity_src_gen.pdbx_host_org_ncbi_taxonomy_id     469008 
_entity_src_gen.host_org_genus                     ? 
_entity_src_gen.pdbx_host_org_gene                 ? 
_entity_src_gen.pdbx_host_org_organ                ? 
_entity_src_gen.host_org_species                   ? 
_entity_src_gen.pdbx_host_org_tissue               ? 
_entity_src_gen.pdbx_host_org_tissue_fraction      ? 
_entity_src_gen.pdbx_host_org_strain               'BL21(DE3)' 
_entity_src_gen.pdbx_host_org_variant              ? 
_entity_src_gen.pdbx_host_org_cell_line            ? 
_entity_src_gen.pdbx_host_org_atcc                 ? 
_entity_src_gen.pdbx_host_org_culture_collection   ? 
_entity_src_gen.pdbx_host_org_cell                 ? 
_entity_src_gen.pdbx_host_org_organelle            ? 
_entity_src_gen.pdbx_host_org_cellular_location    ? 
_entity_src_gen.pdbx_host_org_vector_type          plasmid 
_entity_src_gen.pdbx_host_org_vector               ? 
_entity_src_gen.host_org_details                   ? 
_entity_src_gen.expression_system_id               ? 
_entity_src_gen.plasmid_name                       pET28a 
_entity_src_gen.plasmid_details                    ? 
_entity_src_gen.pdbx_description                   ? 
# 
_struct_ref.id                         1 
_struct_ref.db_name                    UNP 
_struct_ref.db_code                    GSP_ECOLI 
_struct_ref.pdbx_db_accession          P0AES0 
_struct_ref.entity_id                  1 
_struct_ref.pdbx_seq_one_letter_code   
;MSKGTTSQDAPFGTLLGYAPGGVAIYSSDYSSLDPQEYEDDAVFRSYIDDEYMGHKWQCVEFARRFLFLNYGVVFTDVGM
AWEIFSLRFLREVVNDNILPLQAFPNGSPRAPVAGALLIWDKGGEFKDTGHVAIITQLHGNKVRIAEQNVIHSPLPQGQQ
WTRELEMVVENGCYTLKDTFDDTTILGWMIQTEDTEY
;
_struct_ref.pdbx_align_begin           1 
_struct_ref.pdbx_db_isoform            ? 
# 
_struct_ref_seq.align_id                      1 
_struct_ref_seq.ref_id                        1 
_struct_ref_seq.pdbx_PDB_id_code              3A2Y 
_struct_ref_seq.pdbx_strand_id                A 
_struct_ref_seq.seq_align_beg                 1 
_struct_ref_seq.pdbx_seq_align_beg_ins_code   ? 
_struct_ref_seq.seq_align_end                 197 
_struct_ref_seq.pdbx_seq_align_end_ins_code   ? 
_struct_ref_seq.pdbx_db_accession             P0AES0 
_struct_ref_seq.db_align_beg                  1 
_struct_ref_seq.pdbx_db_align_beg_ins_code    ? 
_struct_ref_seq.db_align_end                  197 
_struct_ref_seq.pdbx_db_align_end_ins_code    ? 
_struct_ref_seq.pdbx_auth_seq_align_beg       1 
_struct_ref_seq.pdbx_auth_seq_align_end       197 
# 
_struct_ref_seq_dif.align_id                     1 
_struct_ref_seq_dif.pdbx_pdb_id_code             3A2Y 
_struct_ref_seq_dif.mon_id                       ALA 
_struct_ref_seq_dif.pdbx_pdb_strand_id           A 
_struct_ref_seq_dif.seq_num                      59 
_struct_ref_seq_dif.pdbx_pdb_ins_code            ? 
_struct_ref_seq_dif.pdbx_seq_db_name             UNP 
_struct_ref_seq_dif.pdbx_seq_db_accession_code   P0AES0 
_struct_ref_seq_dif.db_mon_id                    CYS 
_struct_ref_seq_dif.pdbx_seq_db_seq_num          59 
_struct_ref_seq_dif.details                      'engineered mutation' 
_struct_ref_seq_dif.pdbx_auth_seq_num            59 
_struct_ref_seq_dif.pdbx_ordinal                 1 
# 
loop_
_chem_comp.id 
_chem_comp.type 
_chem_comp.mon_nstd_flag 
_chem_comp.name 
_chem_comp.pdbx_synonyms 
_chem_comp.formula 
_chem_comp.formula_weight 
ALA 'L-peptide linking' y ALANINE                ? 'C3 H7 N O2'      89.093  
ARG 'L-peptide linking' y ARGININE               ? 'C6 H15 N4 O2 1'  175.209 
ASN 'L-peptide linking' y ASPARAGINE             ? 'C4 H8 N2 O3'     132.118 
ASP 'L-peptide linking' y 'ASPARTIC ACID'        ? 'C4 H7 N O4'      133.103 
CYS 'L-peptide linking' y CYSTEINE               ? 'C3 H7 N O2 S'    121.158 
GLN 'L-peptide linking' y GLUTAMINE              ? 'C5 H10 N2 O3'    146.144 
GLU 'L-peptide linking' y 'GLUTAMIC ACID'        ? 'C5 H9 N O4'      147.129 
GLY 'peptide linking'   y GLYCINE                ? 'C2 H5 N O2'      75.067  
HIS 'L-peptide linking' y HISTIDINE              ? 'C6 H10 N3 O2 1'  156.162 
HOH non-polymer         . WATER                  ? 'H2 O'            18.015  
ILE 'L-peptide linking' y ISOLEUCINE             ? 'C6 H13 N O2'     131.173 
LEU 'L-peptide linking' y LEUCINE                ? 'C6 H13 N O2'     131.173 
LYS 'L-peptide linking' y LYSINE                 ? 'C6 H15 N2 O2 1'  147.195 
MET 'L-peptide linking' y METHIONINE             ? 'C5 H11 N O2 S'   149.211 
PHE 'L-peptide linking' y PHENYLALANINE          ? 'C9 H11 N O2'     165.189 
PRO 'L-peptide linking' y PROLINE                ? 'C5 H9 N O2'      115.130 
SER 'L-peptide linking' y SERINE                 ? 'C3 H7 N O3'      105.093 
THR 'L-peptide linking' y THREONINE              ? 'C4 H9 N O3'      119.119 
TRP 'L-peptide linking' y TRYPTOPHAN             ? 'C11 H12 N2 O2'   204.225 
TS5 non-polymer         . GLUTATHIONYLSPERMIDINE ? 'C17 H34 N6 O5 S' 434.554 
TYR 'L-peptide linking' y TYROSINE               ? 'C9 H11 N O3'     181.189 
VAL 'L-peptide linking' y VALINE                 ? 'C5 H11 N O2'     117.146 
# 
_exptl.entry_id          3A2Y 
_exptl.method            'X-RAY DIFFRACTION' 
_exptl.crystals_number   1 
# 
_exptl_crystal.id                    1 
_exptl_crystal.density_meas          ? 
_exptl_crystal.density_Matthews      2.40 
_exptl_crystal.density_percent_sol   48.71 
_exptl_crystal.description           ? 
_exptl_crystal.F_000                 ? 
_exptl_crystal.preparation           ? 
# 
_exptl_crystal_grow.crystal_id      1 
_exptl_crystal_grow.method          'VAPOR DIFFUSION' 
_exptl_crystal_grow.temp            298 
_exptl_crystal_grow.temp_details    ? 
_exptl_crystal_grow.pH              4.5 
_exptl_crystal_grow.pdbx_details    
'0.1M acetate, 0.8M NaH2PO4, 1.2M K2HPO4, 0.1M imidazole, pH 4.5, VAPOR DIFFUSION, temperature 298K' 
_exptl_crystal_grow.pdbx_pH_range   . 
# 
_diffrn.id                     1 
_diffrn.ambient_temp           100 
_diffrn.ambient_temp_details   ? 
_diffrn.crystal_id             1 
# 
_diffrn_detector.diffrn_id              1 
_diffrn_detector.detector               CCD 
_diffrn_detector.type                   'ADSC QUANTUM 210' 
_diffrn_detector.pdbx_collection_date   2008-03-29 
_diffrn_detector.details                ? 
# 
_diffrn_radiation.diffrn_id                        1 
_diffrn_radiation.wavelength_id                    1 
_diffrn_radiation.pdbx_monochromatic_or_laue_m_l   M 
_diffrn_radiation.monochromator                    ? 
_diffrn_radiation.pdbx_diffrn_protocol             'SINGLE WAVELENGTH' 
_diffrn_radiation.pdbx_scattering_type             x-ray 
# 
_diffrn_radiation_wavelength.id           1 
_diffrn_radiation_wavelength.wavelength   0.97315 
_diffrn_radiation_wavelength.wt           1.0 
# 
_diffrn_source.diffrn_id                   1 
_diffrn_source.source                      SYNCHROTRON 
_diffrn_source.type                        'NSRRC BEAMLINE BL13C1' 
_diffrn_source.pdbx_synchrotron_site       NSRRC 
_diffrn_source.pdbx_synchrotron_beamline   BL13C1 
_diffrn_source.pdbx_wavelength             ? 
_diffrn_source.pdbx_wavelength_list        0.97315 
# 
_reflns.entry_id                     3A2Y 
_reflns.observed_criterion_sigma_F   0 
_reflns.observed_criterion_sigma_I   1 
_reflns.d_resolution_high            1.95 
_reflns.d_resolution_low             30 
_reflns.number_all                   ? 
_reflns.number_obs                   16593 
_reflns.pdbx_number_measured_all     222956 
_reflns.percent_possible_obs         99.8 
_reflns.pdbx_Rmerge_I_obs            0.056 
_reflns.pdbx_Rsym_value              ? 
_reflns.pdbx_netI_over_sigmaI        61.9 
_reflns.B_iso_Wilson_estimate        ? 
_reflns.pdbx_redundancy              13.4 
_reflns.R_free_details               ? 
_reflns.limit_h_max                  ? 
_reflns.limit_h_min                  ? 
_reflns.limit_k_max                  ? 
_reflns.limit_k_min                  ? 
_reflns.limit_l_max                  ? 
_reflns.limit_l_min                  ? 
_reflns.observed_criterion_F_max     ? 
_reflns.observed_criterion_F_min     ? 
_reflns.pdbx_chi_squared             ? 
_reflns.pdbx_scaling_rejects         ? 
_reflns.pdbx_ordinal                 1 
_reflns.pdbx_diffrn_id               1 
# 
_reflns_shell.d_res_high             1.95 
_reflns_shell.d_res_low              2.02 
_reflns_shell.percent_possible_all   100 
_reflns_shell.Rmerge_I_obs           0.7 
_reflns_shell.pdbx_Rsym_value        ? 
_reflns_shell.meanI_over_sigI_obs    3.9 
_reflns_shell.pdbx_redundancy        13.4 
_reflns_shell.percent_possible_obs   ? 
_reflns_shell.number_unique_all      ? 
_reflns_shell.number_measured_all    ? 
_reflns_shell.number_measured_obs    ? 
_reflns_shell.number_unique_obs      ? 
_reflns_shell.pdbx_chi_squared       ? 
_reflns_shell.pdbx_ordinal           1 
_reflns_shell.pdbx_diffrn_id         1 
# 
_refine.entry_id                                 3A2Y 
_refine.ls_d_res_high                            1.95 
_refine.ls_d_res_low                             30 
_refine.pdbx_ls_sigma_F                          0 
_refine.pdbx_ls_sigma_I                          0 
_refine.ls_number_reflns_all                     16593 
_refine.ls_number_reflns_obs                     15878 
_refine.ls_number_reflns_R_free                  779 
_refine.ls_percent_reflns_obs                    96.200 
_refine.ls_R_factor_all                          ? 
_refine.ls_R_factor_obs                          ? 
_refine.ls_R_factor_R_work                       0.2057 
_refine.ls_R_factor_R_free                       0.2297 
_refine.ls_redundancy_reflns_obs                 ? 
_refine.pdbx_data_cutoff_high_absF               ? 
_refine.pdbx_data_cutoff_low_absF                ? 
_refine.ls_number_parameters                     ? 
_refine.ls_number_restraints                     ? 
_refine.ls_percent_reflns_R_free                 4.700 
_refine.ls_R_factor_R_free_error                 ? 
_refine.ls_R_factor_R_free_error_details         ? 
_refine.pdbx_method_to_determine_struct          'MOLECULAR REPLACEMENT' 
_refine.pdbx_starting_model                      'pdb entry 2iob' 
_refine.pdbx_ls_cross_valid_method               THROUGHOUT 
_refine.pdbx_R_Free_selection_details            random 
_refine.pdbx_stereochem_target_val_spec_case     ? 
_refine.pdbx_stereochemistry_target_values       'Engh & Huber' 
_refine.solvent_model_details                    ? 
_refine.solvent_model_param_bsol                 71.143 
_refine.solvent_model_param_ksol                 ? 
_refine.occupancy_max                            1.00 
_refine.occupancy_min                            1.00 
_refine.pdbx_isotropic_thermal_model             ? 
_refine.B_iso_mean                               43.635 
_refine.aniso_B[1][1]                            -0.384 
_refine.aniso_B[2][2]                            -0.384 
_refine.aniso_B[3][3]                            0.768 
_refine.aniso_B[1][2]                            -0.925 
_refine.aniso_B[1][3]                            0.000 
_refine.aniso_B[2][3]                            0.000 
_refine.details                                  ? 
_refine.B_iso_max                                96.21 
_refine.B_iso_min                                23.30 
_refine.correlation_coeff_Fo_to_Fc               ? 
_refine.correlation_coeff_Fo_to_Fc_free          ? 
_refine.pdbx_solvent_vdw_probe_radii             ? 
_refine.pdbx_solvent_ion_probe_radii             ? 
_refine.pdbx_solvent_shrinkage_radii             ? 
_refine.overall_SU_R_Cruickshank_DPI             ? 
_refine.overall_SU_R_free                        ? 
_refine.overall_SU_ML                            ? 
_refine.overall_SU_B                             ? 
_refine.pdbx_overall_ESU_R_Free                  ? 
_refine.pdbx_data_cutoff_high_rms_absF           ? 
_refine.ls_wR_factor_R_free                      ? 
_refine.ls_wR_factor_R_work                      ? 
_refine.overall_FOM_free_R_set                   ? 
_refine.overall_FOM_work_R_set                   ? 
_refine.pdbx_refine_id                           'X-RAY DIFFRACTION' 
_refine.pdbx_overall_phase_error                 ? 
_refine.pdbx_overall_ESU_R                       ? 
_refine.pdbx_diffrn_id                           1 
_refine.pdbx_TLS_residual_ADP_flag               ? 
_refine.pdbx_overall_SU_R_free_Cruickshank_DPI   ? 
_refine.pdbx_overall_SU_R_Blow_DPI               ? 
_refine.pdbx_overall_SU_R_free_Blow_DPI          ? 
# 
_refine_analyze.entry_id                        3A2Y 
_refine_analyze.Luzzati_coordinate_error_obs    0.23 
_refine_analyze.Luzzati_sigma_a_obs             0.16 
_refine_analyze.Luzzati_d_res_low_obs           5 
_refine_analyze.Luzzati_coordinate_error_free   0.28 
_refine_analyze.Luzzati_sigma_a_free            0.14 
_refine_analyze.Luzzati_d_res_low_free          ? 
_refine_analyze.number_disordered_residues      ? 
_refine_analyze.occupancy_sum_non_hydrogen      ? 
_refine_analyze.occupancy_sum_hydrogen          ? 
_refine_analyze.pdbx_Luzzati_d_res_high_obs     ? 
_refine_analyze.pdbx_refine_id                  'X-RAY DIFFRACTION' 
# 
_refine_hist.pdbx_refine_id                   'X-RAY DIFFRACTION' 
_refine_hist.cycle_id                         LAST 
_refine_hist.pdbx_number_atoms_protein        1479 
_refine_hist.pdbx_number_atoms_nucleic_acid   0 
_refine_hist.pdbx_number_atoms_ligand         29 
_refine_hist.number_atoms_solvent             131 
_refine_hist.number_atoms_total               1639 
_refine_hist.d_res_high                       1.95 
_refine_hist.d_res_low                        30 
# 
loop_
_refine_ls_restr.pdbx_refine_id 
_refine_ls_restr.type 
_refine_ls_restr.number 
_refine_ls_restr.dev_ideal 
_refine_ls_restr.dev_ideal_target 
_refine_ls_restr.weight 
_refine_ls_restr.pdbx_restraint_function 
'X-RAY DIFFRACTION' c_mcbond_it  ? 1.599  1.500 ? ? 
'X-RAY DIFFRACTION' c_scbond_it  ? 2.096  2.000 ? ? 
'X-RAY DIFFRACTION' c_mcangle_it ? 2.684  2.000 ? ? 
'X-RAY DIFFRACTION' c_scangle_it ? 3.326  2.500 ? ? 
'X-RAY DIFFRACTION' c_angle_deg  ? 1.2567 ?     ? ? 
'X-RAY DIFFRACTION' c_bond_d     ? 0.0062 ?     ? ? 
# 
_refine_ls_shell.pdbx_total_number_of_bins_used   ? 
_refine_ls_shell.d_res_high                       1.95 
_refine_ls_shell.d_res_low                        2.02 
_refine_ls_shell.number_reflns_R_work             ? 
_refine_ls_shell.R_factor_R_work                  0.252 
_refine_ls_shell.percent_reflns_obs               96.2 
_refine_ls_shell.R_factor_R_free                  0.3011 
_refine_ls_shell.R_factor_R_free_error            ? 
_refine_ls_shell.percent_reflns_R_free            ? 
_refine_ls_shell.number_reflns_R_free             81 
_refine_ls_shell.number_reflns_all                ? 
_refine_ls_shell.R_factor_all                     ? 
_refine_ls_shell.number_reflns_obs                1598 
_refine_ls_shell.redundancy_reflns_obs            ? 
_refine_ls_shell.pdbx_refine_id                   'X-RAY DIFFRACTION' 
# 
loop_
_pdbx_xplor_file.pdbx_refine_id 
_pdbx_xplor_file.serial_no 
_pdbx_xplor_file.param_file 
_pdbx_xplor_file.topol_file 
'X-RAY DIFFRACTION' 1 CNS_TOPPAR:protein_rep.param ? 
'X-RAY DIFFRACTION' 2 CNS_TOPPAR:water_rep.param   ? 
'X-RAY DIFFRACTION' 3 TS5_par.par                  ? 
# 
_struct.entry_id                  3A2Y 
_struct.title                     'E. coli Gsp amidase C59A complexed with Gsp' 
_struct.pdbx_model_details        ? 
_struct.pdbx_CASP_flag            ? 
_struct.pdbx_model_type_details   ? 
# 
_struct_keywords.entry_id        3A2Y 
_struct_keywords.pdbx_keywords   'Hydrolase, Ligase' 
_struct_keywords.text            'Gsp amidase, ATP-binding, Hydrolase, Ligase, Multifunctional enzyme, Nucleotide-binding' 
# 
loop_
_struct_asym.id 
_struct_asym.pdbx_blank_PDB_chainid_flag 
_struct_asym.pdbx_modified 
_struct_asym.entity_id 
_struct_asym.details 
A N N 1 ? 
B N N 2 ? 
C N N 3 ? 
# 
_struct_biol.id        1 
_struct_biol.details   ? 
# 
loop_
_struct_conf.conf_type_id 
_struct_conf.id 
_struct_conf.pdbx_PDB_helix_id 
_struct_conf.beg_label_comp_id 
_struct_conf.beg_label_asym_id 
_struct_conf.beg_label_seq_id 
_struct_conf.pdbx_beg_PDB_ins_code 
_struct_conf.end_label_comp_id 
_struct_conf.end_label_asym_id 
_struct_conf.end_label_seq_id 
_struct_conf.pdbx_end_PDB_ins_code 
_struct_conf.beg_auth_comp_id 
_struct_conf.beg_auth_asym_id 
_struct_conf.beg_auth_seq_id 
_struct_conf.end_auth_comp_id 
_struct_conf.end_auth_asym_id 
_struct_conf.end_auth_seq_id 
_struct_conf.pdbx_PDB_helix_class 
_struct_conf.details 
_struct_conf.pdbx_PDB_helix_length 
HELX_P HELX_P1 1 ASP A 34  ? ASP A 41  ? ASP A 34  ASP A 41  1 ? 8  
HELX_P HELX_P2 2 GLN A 58  ? GLY A 72  ? GLN A 58  GLY A 72  1 ? 15 
HELX_P HELX_P3 3 MET A 80  ? LEU A 87  ? MET A 80  LEU A 87  5 ? 8  
HELX_P HELX_P4 4 GLY A 123 ? LYS A 127 ? GLY A 123 LYS A 127 5 ? 5  
# 
_struct_conf_type.id          HELX_P 
_struct_conf_type.criteria    ? 
_struct_conf_type.reference   ? 
# 
_struct_mon_prot_cis.pdbx_id                1 
_struct_mon_prot_cis.label_comp_id          LYS 
_struct_mon_prot_cis.label_seq_id           56 
_struct_mon_prot_cis.label_asym_id          A 
_struct_mon_prot_cis.label_alt_id           . 
_struct_mon_prot_cis.pdbx_PDB_ins_code      ? 
_struct_mon_prot_cis.auth_comp_id           LYS 
_struct_mon_prot_cis.auth_seq_id            56 
_struct_mon_prot_cis.auth_asym_id           A 
_struct_mon_prot_cis.pdbx_label_comp_id_2   TRP 
_struct_mon_prot_cis.pdbx_label_seq_id_2    57 
_struct_mon_prot_cis.pdbx_label_asym_id_2   A 
_struct_mon_prot_cis.pdbx_PDB_ins_code_2    ? 
_struct_mon_prot_cis.pdbx_auth_comp_id_2    TRP 
_struct_mon_prot_cis.pdbx_auth_seq_id_2     57 
_struct_mon_prot_cis.pdbx_auth_asym_id_2    A 
_struct_mon_prot_cis.pdbx_PDB_model_num     1 
_struct_mon_prot_cis.pdbx_omega_angle       -7.72 
# 
loop_
_struct_sheet.id 
_struct_sheet.type 
_struct_sheet.number_strands 
_struct_sheet.details 
A ? 2 ? 
B ? 2 ? 
C ? 9 ? 
# 
loop_
_struct_sheet_order.sheet_id 
_struct_sheet_order.range_id_1 
_struct_sheet_order.range_id_2 
_struct_sheet_order.offset 
_struct_sheet_order.sense 
A 1 2 ? anti-parallel 
B 1 2 ? anti-parallel 
C 1 2 ? anti-parallel 
C 2 3 ? anti-parallel 
C 3 4 ? anti-parallel 
C 4 5 ? anti-parallel 
C 5 6 ? anti-parallel 
C 6 7 ? anti-parallel 
C 7 8 ? anti-parallel 
C 8 9 ? anti-parallel 
# 
loop_
_struct_sheet_range.sheet_id 
_struct_sheet_range.id 
_struct_sheet_range.beg_label_comp_id 
_struct_sheet_range.beg_label_asym_id 
_struct_sheet_range.beg_label_seq_id 
_struct_sheet_range.pdbx_beg_PDB_ins_code 
_struct_sheet_range.end_label_comp_id 
_struct_sheet_range.end_label_asym_id 
_struct_sheet_range.end_label_seq_id 
_struct_sheet_range.pdbx_end_PDB_ins_code 
_struct_sheet_range.beg_auth_comp_id 
_struct_sheet_range.beg_auth_asym_id 
_struct_sheet_range.beg_auth_seq_id 
_struct_sheet_range.end_auth_comp_id 
_struct_sheet_range.end_auth_asym_id 
_struct_sheet_range.end_auth_seq_id 
A 1 LEU A 15  ? ALA A 19  ? LEU A 15  ALA A 19  
A 2 VAL A 23  ? TYR A 26  ? VAL A 23  TYR A 26  
B 1 ARG A 45  ? ILE A 48  ? ARG A 45  ILE A 48  
B 2 GLU A 51  ? HIS A 55  ? GLU A 51  HIS A 55  
C 1 VAL A 73  ? VAL A 74  ? VAL A 73  VAL A 74  
C 2 PHE A 89  ? GLU A 92  ? PHE A 89  GLU A 92  
C 3 ILE A 98  ? PRO A 105 ? ILE A 98  PRO A 105 
C 4 THR A 184 ? GLN A 191 ? THR A 184 GLN A 191 
C 5 LEU A 117 ? ASP A 121 ? LEU A 117 ASP A 121 
C 6 HIS A 131 ? LEU A 138 ? HIS A 131 LEU A 138 
C 7 LYS A 142 ? ALA A 146 ? LYS A 142 ALA A 146 
C 8 ARG A 163 ? GLU A 170 ? ARG A 163 GLU A 170 
C 9 CYS A 173 ? LYS A 177 ? CYS A 173 LYS A 177 
# 
loop_
_pdbx_struct_sheet_hbond.sheet_id 
_pdbx_struct_sheet_hbond.range_id_1 
_pdbx_struct_sheet_hbond.range_id_2 
_pdbx_struct_sheet_hbond.range_1_label_atom_id 
_pdbx_struct_sheet_hbond.range_1_label_comp_id 
_pdbx_struct_sheet_hbond.range_1_label_asym_id 
_pdbx_struct_sheet_hbond.range_1_label_seq_id 
_pdbx_struct_sheet_hbond.range_1_PDB_ins_code 
_pdbx_struct_sheet_hbond.range_1_auth_atom_id 
_pdbx_struct_sheet_hbond.range_1_auth_comp_id 
_pdbx_struct_sheet_hbond.range_1_auth_asym_id 
_pdbx_struct_sheet_hbond.range_1_auth_seq_id 
_pdbx_struct_sheet_hbond.range_2_label_atom_id 
_pdbx_struct_sheet_hbond.range_2_label_comp_id 
_pdbx_struct_sheet_hbond.range_2_label_asym_id 
_pdbx_struct_sheet_hbond.range_2_label_seq_id 
_pdbx_struct_sheet_hbond.range_2_PDB_ins_code 
_pdbx_struct_sheet_hbond.range_2_auth_atom_id 
_pdbx_struct_sheet_hbond.range_2_auth_comp_id 
_pdbx_struct_sheet_hbond.range_2_auth_asym_id 
_pdbx_struct_sheet_hbond.range_2_auth_seq_id 
A 1 2 N LEU A 16  ? N LEU A 16  O ILE A 25  ? O ILE A 25  
B 1 2 N SER A 46  ? N SER A 46  O MET A 53  ? O MET A 53  
C 1 2 N VAL A 74  ? N VAL A 74  O ARG A 91  ? O ARG A 91  
C 2 3 N LEU A 90  ? N LEU A 90  O LEU A 99  ? O LEU A 99  
C 3 4 N PHE A 104 ? N PHE A 104 O TRP A 188 ? O TRP A 188 
C 4 5 O GLY A 187 ? O GLY A 187 N ILE A 119 ? N ILE A 119 
C 5 6 N TRP A 120 ? N TRP A 120 O HIS A 131 ? O HIS A 131 
C 6 7 N THR A 136 ? N THR A 136 O ARG A 144 ? O ARG A 144 
C 7 8 N VAL A 143 ? N VAL A 143 O LEU A 165 ? O LEU A 165 
C 8 9 N VAL A 168 ? N VAL A 168 O THR A 175 ? O THR A 175 
# 
_struct_site.id                   AC1 
_struct_site.pdbx_evidence_code   Software 
_struct_site.pdbx_auth_asym_id    A 
_struct_site.pdbx_auth_comp_id    TS5 
_struct_site.pdbx_auth_seq_id     198 
_struct_site.pdbx_auth_ins_code   ? 
_struct_site.pdbx_num_residues    18 
_struct_site.details              'BINDING SITE FOR RESIDUE TS5 A 198' 
# 
loop_
_struct_site_gen.id 
_struct_site_gen.site_id 
_struct_site_gen.pdbx_num_res 
_struct_site_gen.label_comp_id 
_struct_site_gen.label_asym_id 
_struct_site_gen.label_seq_id 
_struct_site_gen.pdbx_auth_ins_code 
_struct_site_gen.auth_comp_id 
_struct_site_gen.auth_asym_id 
_struct_site_gen.auth_seq_id 
_struct_site_gen.label_atom_id 
_struct_site_gen.label_alt_id 
_struct_site_gen.symmetry 
_struct_site_gen.details 
1  AC1 18 GLY A 54  ? GLY A 54   . ? 1_555 ? 
2  AC1 18 GLN A 58  ? GLN A 58   . ? 1_555 ? 
3  AC1 18 ALA A 59  ? ALA A 59   . ? 1_555 ? 
4  AC1 18 VAL A 60  ? VAL A 60   . ? 1_555 ? 
5  AC1 18 ARG A 64  ? ARG A 64   . ? 1_555 ? 
6  AC1 18 ASP A 77  ? ASP A 77   . ? 1_555 ? 
7  AC1 18 VAL A 78  ? VAL A 78   . ? 1_555 ? 
8  AC1 18 GLY A 79  ? GLY A 79   . ? 1_555 ? 
9  AC1 18 MET A 80  ? MET A 80   . ? 1_555 ? 
10 AC1 18 ALA A 81  ? ALA A 81   . ? 1_555 ? 
11 AC1 18 PHE A 126 ? PHE A 126  . ? 1_555 ? 
12 AC1 18 THR A 129 ? THR A 129  . ? 1_555 ? 
13 AC1 18 GLY A 130 ? GLY A 130  . ? 1_555 ? 
14 AC1 18 HIS A 131 ? HIS A 131  . ? 1_555 ? 
15 AC1 18 ASN A 149 ? ASN A 149  . ? 1_555 ? 
16 AC1 18 HOH C .   ? HOH A 3018 . ? 1_555 ? 
17 AC1 18 HOH C .   ? HOH A 3080 . ? 1_555 ? 
18 AC1 18 HOH C .   ? HOH A 3081 . ? 1_555 ? 
# 
_atom_sites.entry_id                    3A2Y 
_atom_sites.fract_transf_matrix[1][1]   -0.00854598 
_atom_sites.fract_transf_matrix[1][2]   0.00074181 
_atom_sites.fract_transf_matrix[1][3]   -0.01074911 
_atom_sites.fract_transf_matrix[2][1]   -0.00297339 
_atom_sites.fract_transf_matrix[2][2]   -0.01132459 
_atom_sites.fract_transf_matrix[2][3]   -0.00721510 
_atom_sites.fract_transf_matrix[3][1]   -0.00739377 
_atom_sites.fract_transf_matrix[3][2]   -0.00172792 
_atom_sites.fract_transf_matrix[3][3]   0.00575911 
_atom_sites.fract_transf_vector[1]      0.813456 
_atom_sites.fract_transf_vector[2]      0.626102 
_atom_sites.fract_transf_vector[3]      0.854205 
# 
loop_
_atom_type.symbol 
C 
N 
O 
S 
# 
loop_
_atom_site.group_PDB 
_atom_site.id 
_atom_site.type_symbol 
_atom_site.label_atom_id 
_atom_site.label_alt_id 
_atom_site.label_comp_id 
_atom_site.label_asym_id 
_atom_site.label_entity_id 
_atom_site.label_seq_id 
_atom_site.pdbx_PDB_ins_code 
_atom_site.Cartn_x 
_atom_site.Cartn_y 
_atom_site.Cartn_z 
_atom_site.occupancy 
_atom_site.B_iso_or_equiv 
_atom_site.pdbx_formal_charge 
_atom_site.auth_seq_id 
_atom_site.auth_comp_id 
_atom_site.auth_asym_id 
_atom_site.auth_atom_id 
_atom_site.pdbx_PDB_model_num 
ATOM   1    N N     . ASP A 1 9   ? 14.264  10.752  6.103   1.00 54.75 ? 9    ASP A N     1 
ATOM   2    C CA    . ASP A 1 9   ? 15.090  11.736  5.359   1.00 54.53 ? 9    ASP A CA    1 
ATOM   3    C C     . ASP A 1 9   ? 14.400  13.098  5.311   1.00 52.27 ? 9    ASP A C     1 
ATOM   4    O O     . ASP A 1 9   ? 15.028  14.119  5.587   1.00 53.81 ? 9    ASP A O     1 
ATOM   5    C CB    . ASP A 1 9   ? 15.367  11.227  3.943   1.00 57.39 ? 9    ASP A CB    1 
ATOM   6    C CG    . ASP A 1 9   ? 16.242  12.177  3.148   1.00 59.67 ? 9    ASP A CG    1 
ATOM   7    O OD1   . ASP A 1 9   ? 15.712  13.192  2.646   1.00 61.23 ? 9    ASP A OD1   1 
ATOM   8    O OD2   . ASP A 1 9   ? 17.458  11.909  3.029   1.00 62.12 ? 9    ASP A OD2   1 
ATOM   9    N N     . ALA A 1 10  ? 13.120  13.118  4.960   1.00 48.76 ? 10   ALA A N     1 
ATOM   10   C CA    . ALA A 1 10  ? 12.374  14.379  4.917   1.00 45.12 ? 10   ALA A CA    1 
ATOM   11   C C     . ALA A 1 10  ? 11.442  14.436  6.130   1.00 42.47 ? 10   ALA A C     1 
ATOM   12   O O     . ALA A 1 10  ? 10.973  13.409  6.608   1.00 40.11 ? 10   ALA A O     1 
ATOM   13   C CB    . ALA A 1 10  ? 11.564  14.478  3.620   1.00 43.87 ? 10   ALA A CB    1 
ATOM   14   N N     . PRO A 1 11  ? 11.175  15.645  6.648   1.00 41.24 ? 11   PRO A N     1 
ATOM   15   C CA    . PRO A 1 11  ? 10.289  15.738  7.813   1.00 40.19 ? 11   PRO A CA    1 
ATOM   16   C C     . PRO A 1 11  ? 8.880   15.189  7.567   1.00 38.84 ? 11   PRO A C     1 
ATOM   17   O O     . PRO A 1 11  ? 8.395   15.148  6.438   1.00 36.17 ? 11   PRO A O     1 
ATOM   18   C CB    . PRO A 1 11  ? 10.292  17.235  8.141   1.00 41.18 ? 11   PRO A CB    1 
ATOM   19   C CG    . PRO A 1 11  ? 10.615  17.885  6.833   1.00 42.13 ? 11   PRO A CG    1 
ATOM   20   C CD    . PRO A 1 11  ? 11.666  16.974  6.251   1.00 41.93 ? 11   PRO A CD    1 
ATOM   21   N N     . PHE A 1 12  ? 8.248   14.753  8.652   1.00 37.04 ? 12   PHE A N     1 
ATOM   22   C CA    . PHE A 1 12  ? 6.903   14.203  8.624   1.00 35.74 ? 12   PHE A CA    1 
ATOM   23   C C     . PHE A 1 12  ? 5.957   15.082  7.801   1.00 36.52 ? 12   PHE A C     1 
ATOM   24   O O     . PHE A 1 12  ? 5.924   16.304  7.970   1.00 34.00 ? 12   PHE A O     1 
ATOM   25   C CB    . PHE A 1 12  ? 6.383   14.101  10.062  1.00 35.43 ? 12   PHE A CB    1 
ATOM   26   C CG    . PHE A 1 12  ? 4.987   13.569  10.163  1.00 36.39 ? 12   PHE A CG    1 
ATOM   27   C CD1   . PHE A 1 12  ? 4.750   12.199  10.190  1.00 35.87 ? 12   PHE A CD1   1 
ATOM   28   C CD2   . PHE A 1 12  ? 3.899   14.439  10.221  1.00 35.50 ? 12   PHE A CD2   1 
ATOM   29   C CE1   . PHE A 1 12  ? 3.454   11.700  10.256  1.00 37.61 ? 12   PHE A CE1   1 
ATOM   30   C CE2   . PHE A 1 12  ? 2.595   13.950  10.291  1.00 37.36 ? 12   PHE A CE2   1 
ATOM   31   C CZ    . PHE A 1 12  ? 2.373   12.578  10.315  1.00 37.85 ? 12   PHE A CZ    1 
ATOM   32   N N     . GLY A 1 13  ? 5.193   14.463  6.902   1.00 35.04 ? 13   GLY A N     1 
ATOM   33   C CA    . GLY A 1 13  ? 4.245   15.210  6.095   1.00 34.94 ? 13   GLY A CA    1 
ATOM   34   C C     . GLY A 1 13  ? 4.773   15.847  4.822   1.00 34.09 ? 13   GLY A C     1 
ATOM   35   O O     . GLY A 1 13  ? 4.005   16.452  4.065   1.00 32.94 ? 13   GLY A O     1 
ATOM   36   N N     . THR A 1 14  ? 6.074   15.726  4.574   1.00 33.13 ? 14   THR A N     1 
ATOM   37   C CA    . THR A 1 14  ? 6.667   16.295  3.371   1.00 33.05 ? 14   THR A CA    1 
ATOM   38   C C     . THR A 1 14  ? 6.244   15.533  2.119   1.00 33.21 ? 14   THR A C     1 
ATOM   39   O O     . THR A 1 14  ? 6.297   14.300  2.088   1.00 31.96 ? 14   THR A O     1 
ATOM   40   C CB    . THR A 1 14  ? 8.221   16.262  3.444   1.00 33.73 ? 14   THR A CB    1 
ATOM   41   O OG1   . THR A 1 14  ? 8.662   17.011  4.576   1.00 34.69 ? 14   THR A OG1   1 
ATOM   42   C CG2   . THR A 1 14  ? 8.827   16.856  2.174   1.00 34.79 ? 14   THR A CG2   1 
ATOM   43   N N     . LEU A 1 15  ? 5.821   16.262  1.094   1.00 33.04 ? 15   LEU A N     1 
ATOM   44   C CA    . LEU A 1 15  ? 5.432   15.653  -0.177  1.00 33.56 ? 15   LEU A CA    1 
ATOM   45   C C     . LEU A 1 15  ? 6.708   15.050  -0.763  1.00 34.78 ? 15   LEU A C     1 
ATOM   46   O O     . LEU A 1 15  ? 7.713   15.751  -0.914  1.00 35.02 ? 15   LEU A O     1 
ATOM   47   C CB    . LEU A 1 15  ? 4.885   16.713  -1.132  1.00 33.89 ? 15   LEU A CB    1 
ATOM   48   C CG    . LEU A 1 15  ? 4.535   16.213  -2.537  1.00 34.75 ? 15   LEU A CG    1 
ATOM   49   C CD1   . LEU A 1 15  ? 3.426   15.166  -2.438  1.00 34.64 ? 15   LEU A CD1   1 
ATOM   50   C CD2   . LEU A 1 15  ? 4.085   17.381  -3.407  1.00 35.44 ? 15   LEU A CD2   1 
ATOM   51   N N     . LEU A 1 16  ? 6.680   13.761  -1.088  1.00 31.08 ? 16   LEU A N     1 
ATOM   52   C CA    . LEU A 1 16  ? 7.866   13.091  -1.636  1.00 30.92 ? 16   LEU A CA    1 
ATOM   53   C C     . LEU A 1 16  ? 7.762   12.882  -3.140  1.00 32.09 ? 16   LEU A C     1 
ATOM   54   O O     . LEU A 1 16  ? 8.774   12.737  -3.835  1.00 31.18 ? 16   LEU A O     1 
ATOM   55   C CB    . LEU A 1 16  ? 8.075   11.740  -0.949  1.00 31.47 ? 16   LEU A CB    1 
ATOM   56   C CG    . LEU A 1 16  ? 8.171   11.751  0.578   1.00 31.31 ? 16   LEU A CG    1 
ATOM   57   C CD1   . LEU A 1 16  ? 8.447   10.334  1.081   1.00 31.30 ? 16   LEU A CD1   1 
ATOM   58   C CD2   . LEU A 1 16  ? 9.269   12.703  1.020   1.00 31.00 ? 16   LEU A CD2   1 
ATOM   59   N N     . GLY A 1 17  ? 6.531   12.867  -3.636  1.00 31.51 ? 17   GLY A N     1 
ATOM   60   C CA    . GLY A 1 17  ? 6.298   12.666  -5.052  1.00 32.43 ? 17   GLY A CA    1 
ATOM   61   C C     . GLY A 1 17  ? 4.879   12.189  -5.268  1.00 32.00 ? 17   GLY A C     1 
ATOM   62   O O     . GLY A 1 17  ? 4.030   12.340  -4.388  1.00 31.03 ? 17   GLY A O     1 
ATOM   63   N N     . TYR A 1 18  ? 4.616   11.617  -6.438  1.00 31.89 ? 18   TYR A N     1 
ATOM   64   C CA    . TYR A 1 18  ? 3.279   11.131  -6.747  1.00 32.93 ? 18   TYR A CA    1 
ATOM   65   C C     . TYR A 1 18  ? 3.290   9.764   -7.402  1.00 32.25 ? 18   TYR A C     1 
ATOM   66   O O     . TYR A 1 18  ? 4.195   9.437   -8.171  1.00 32.52 ? 18   TYR A O     1 
ATOM   67   C CB    . TYR A 1 18  ? 2.545   12.086  -7.696  1.00 33.24 ? 18   TYR A CB    1 
ATOM   68   C CG    . TYR A 1 18  ? 2.281   13.467  -7.156  1.00 37.25 ? 18   TYR A CG    1 
ATOM   69   C CD1   . TYR A 1 18  ? 3.237   14.477  -7.273  1.00 38.87 ? 18   TYR A CD1   1 
ATOM   70   C CD2   . TYR A 1 18  ? 1.061   13.779  -6.553  1.00 37.19 ? 18   TYR A CD2   1 
ATOM   71   C CE1   . TYR A 1 18  ? 2.985   15.763  -6.808  1.00 40.45 ? 18   TYR A CE1   1 
ATOM   72   C CE2   . TYR A 1 18  ? 0.801   15.062  -6.078  1.00 38.69 ? 18   TYR A CE2   1 
ATOM   73   C CZ    . TYR A 1 18  ? 1.770   16.047  -6.209  1.00 40.53 ? 18   TYR A CZ    1 
ATOM   74   O OH    . TYR A 1 18  ? 1.523   17.323  -5.755  1.00 42.85 ? 18   TYR A OH    1 
ATOM   75   N N     . ALA A 1 19  ? 2.270   8.977   -7.088  1.00 31.12 ? 19   ALA A N     1 
ATOM   76   C CA    . ALA A 1 19  ? 2.102   7.667   -7.680  1.00 30.10 ? 19   ALA A CA    1 
ATOM   77   C C     . ALA A 1 19  ? 1.176   7.938   -8.867  1.00 30.49 ? 19   ALA A C     1 
ATOM   78   O O     . ALA A 1 19  ? 0.615   9.031   -8.983  1.00 30.26 ? 19   ALA A O     1 
ATOM   79   C CB    . ALA A 1 19  ? 1.442   6.714   -6.684  1.00 28.38 ? 19   ALA A CB    1 
ATOM   80   N N     . PRO A 1 20  ? 1.007   6.955   -9.765  1.00 30.49 ? 20   PRO A N     1 
ATOM   81   C CA    . PRO A 1 20  ? 0.132   7.134   -10.935 1.00 32.50 ? 20   PRO A CA    1 
ATOM   82   C C     . PRO A 1 20  ? -1.239  7.702   -10.574 1.00 33.89 ? 20   PRO A C     1 
ATOM   83   O O     . PRO A 1 20  ? -1.834  7.336   -9.551  1.00 34.01 ? 20   PRO A O     1 
ATOM   84   C CB    . PRO A 1 20  ? 0.054   5.723   -11.506 1.00 31.66 ? 20   PRO A CB    1 
ATOM   85   C CG    . PRO A 1 20  ? 1.438   5.208   -11.240 1.00 31.11 ? 20   PRO A CG    1 
ATOM   86   C CD    . PRO A 1 20  ? 1.670   5.646   -9.804  1.00 30.45 ? 20   PRO A CD    1 
ATOM   87   N N     . GLY A 1 21  ? -1.744  8.606   -11.413 1.00 33.45 ? 21   GLY A N     1 
ATOM   88   C CA    . GLY A 1 21  ? -3.030  9.217   -11.152 1.00 32.93 ? 21   GLY A CA    1 
ATOM   89   C C     . GLY A 1 21  ? -2.904  10.477  -10.318 1.00 33.36 ? 21   GLY A C     1 
ATOM   90   O O     . GLY A 1 21  ? -3.904  11.115  -9.984  1.00 36.08 ? 21   GLY A O     1 
ATOM   91   N N     . GLY A 1 22  ? -1.667  10.838  -9.974  1.00 33.26 ? 22   GLY A N     1 
ATOM   92   C CA    . GLY A 1 22  ? -1.433  12.035  -9.184  1.00 32.34 ? 22   GLY A CA    1 
ATOM   93   C C     . GLY A 1 22  ? -1.749  11.873  -7.708  1.00 33.19 ? 22   GLY A C     1 
ATOM   94   O O     . GLY A 1 22  ? -2.243  12.803  -7.062  1.00 32.62 ? 22   GLY A O     1 
ATOM   95   N N     . VAL A 1 23  ? -1.459  10.692  -7.164  1.00 29.29 ? 23   VAL A N     1 
ATOM   96   C CA    . VAL A 1 23  ? -1.719  10.420  -5.753  1.00 29.59 ? 23   VAL A CA    1 
ATOM   97   C C     . VAL A 1 23  ? -0.453  10.707  -4.952  1.00 29.01 ? 23   VAL A C     1 
ATOM   98   O O     . VAL A 1 23  ? 0.563   10.040  -5.132  1.00 26.65 ? 23   VAL A O     1 
ATOM   99   C CB    . VAL A 1 23  ? -2.145  8.944   -5.536  1.00 29.77 ? 23   VAL A CB    1 
ATOM   100  C CG1   . VAL A 1 23  ? -2.487  8.704   -4.070  1.00 30.23 ? 23   VAL A CG1   1 
ATOM   101  C CG2   . VAL A 1 23  ? -3.334  8.618   -6.415  1.00 28.65 ? 23   VAL A CG2   1 
ATOM   102  N N     . ALA A 1 24  ? -0.523  11.696  -4.072  1.00 28.98 ? 24   ALA A N     1 
ATOM   103  C CA    . ALA A 1 24  ? 0.622   12.096  -3.263  1.00 29.58 ? 24   ALA A CA    1 
ATOM   104  C C     . ALA A 1 24  ? 1.136   11.042  -2.280  1.00 31.09 ? 24   ALA A C     1 
ATOM   105  O O     . ALA A 1 24  ? 0.366   10.275  -1.706  1.00 30.72 ? 24   ALA A O     1 
ATOM   106  C CB    . ALA A 1 24  ? 0.290   13.378  -2.502  1.00 29.23 ? 24   ALA A CB    1 
ATOM   107  N N     . ILE A 1 25  ? 2.449   11.039  -2.104  1.00 30.35 ? 25   ILE A N     1 
ATOM   108  C CA    . ILE A 1 25  ? 3.137   10.144  -1.175  1.00 30.00 ? 25   ILE A CA    1 
ATOM   109  C C     . ILE A 1 25  ? 3.853   11.090  -0.208  1.00 30.61 ? 25   ILE A C     1 
ATOM   110  O O     . ILE A 1 25  ? 4.596   11.967  -0.648  1.00 29.01 ? 25   ILE A O     1 
ATOM   111  C CB    . ILE A 1 25  ? 4.199   9.282   -1.895  1.00 30.39 ? 25   ILE A CB    1 
ATOM   112  C CG1   . ILE A 1 25  ? 3.513   8.318   -2.871  1.00 31.37 ? 25   ILE A CG1   1 
ATOM   113  C CG2   . ILE A 1 25  ? 5.036   8.520   -0.874  1.00 30.19 ? 25   ILE A CG2   1 
ATOM   114  C CD1   . ILE A 1 25  ? 4.471   7.692   -3.885  1.00 32.33 ? 25   ILE A CD1   1 
ATOM   115  N N     . TYR A 1 26  ? 3.627   10.911  1.091   1.00 29.48 ? 26   TYR A N     1 
ATOM   116  C CA    . TYR A 1 26  ? 4.253   11.773  2.085   1.00 30.92 ? 26   TYR A CA    1 
ATOM   117  C C     . TYR A 1 26  ? 5.177   11.024  3.027   1.00 31.42 ? 26   TYR A C     1 
ATOM   118  O O     . TYR A 1 26  ? 4.996   9.835   3.283   1.00 29.31 ? 26   TYR A O     1 
ATOM   119  C CB    . TYR A 1 26  ? 3.197   12.489  2.941   1.00 30.39 ? 26   TYR A CB    1 
ATOM   120  C CG    . TYR A 1 26  ? 2.160   13.264  2.170   1.00 32.07 ? 26   TYR A CG    1 
ATOM   121  C CD1   . TYR A 1 26  ? 0.967   12.659  1.769   1.00 30.59 ? 26   TYR A CD1   1 
ATOM   122  C CD2   . TYR A 1 26  ? 2.364   14.611  1.841   1.00 31.91 ? 26   TYR A CD2   1 
ATOM   123  C CE1   . TYR A 1 26  ? -0.005  13.376  1.067   1.00 33.59 ? 26   TYR A CE1   1 
ATOM   124  C CE2   . TYR A 1 26  ? 1.407   15.333  1.139   1.00 34.06 ? 26   TYR A CE2   1 
ATOM   125  C CZ    . TYR A 1 26  ? 0.222   14.710  0.753   1.00 35.11 ? 26   TYR A CZ    1 
ATOM   126  O OH    . TYR A 1 26  ? -0.741  15.430  0.082   1.00 34.37 ? 26   TYR A OH    1 
ATOM   127  N N     . SER A 1 27  ? 6.162   11.741  3.553   1.00 32.61 ? 27   SER A N     1 
ATOM   128  C CA    . SER A 1 27  ? 7.086   11.156  4.517   1.00 32.51 ? 27   SER A CA    1 
ATOM   129  C C     . SER A 1 27  ? 6.296   10.908  5.797   1.00 33.68 ? 27   SER A C     1 
ATOM   130  O O     . SER A 1 27  ? 5.430   11.710  6.157   1.00 32.25 ? 27   SER A O     1 
ATOM   131  C CB    . SER A 1 27  ? 8.226   12.131  4.814   1.00 32.37 ? 27   SER A CB    1 
ATOM   132  O OG    . SER A 1 27  ? 8.876   11.794  6.028   1.00 33.96 ? 27   SER A OG    1 
ATOM   133  N N     . SER A 1 28  ? 6.581   9.805   6.481   1.00 34.49 ? 28   SER A N     1 
ATOM   134  C CA    . SER A 1 28  ? 5.899   9.508   7.732   1.00 36.24 ? 28   SER A CA    1 
ATOM   135  C C     . SER A 1 28  ? 6.921   9.338   8.859   1.00 39.89 ? 28   SER A C     1 
ATOM   136  O O     . SER A 1 28  ? 6.728   8.537   9.774   1.00 38.45 ? 28   SER A O     1 
ATOM   137  C CB    . SER A 1 28  ? 5.049   8.244   7.612   1.00 34.82 ? 28   SER A CB    1 
ATOM   138  O OG    . SER A 1 28  ? 4.125   8.179   8.688   1.00 34.13 ? 28   SER A OG    1 
ATOM   139  N N     . ASP A 1 29  ? 8.006   10.098  8.773   1.00 42.97 ? 29   ASP A N     1 
ATOM   140  C CA    . ASP A 1 29  ? 9.057   10.046  9.780   1.00 48.45 ? 29   ASP A CA    1 
ATOM   141  C C     . ASP A 1 29  ? 8.627   10.832  11.011  1.00 50.82 ? 29   ASP A C     1 
ATOM   142  O O     . ASP A 1 29  ? 8.839   12.039  11.092  1.00 50.03 ? 29   ASP A O     1 
ATOM   143  C CB    . ASP A 1 29  ? 10.351  10.639  9.221   1.00 48.53 ? 29   ASP A CB    1 
ATOM   144  C CG    . ASP A 1 29  ? 11.485  10.632  10.238  1.00 50.49 ? 29   ASP A CG    1 
ATOM   145  O OD1   . ASP A 1 29  ? 12.577  11.134  9.901   1.00 52.21 ? 29   ASP A OD1   1 
ATOM   146  O OD2   . ASP A 1 29  ? 11.286  10.128  11.366  1.00 49.69 ? 29   ASP A OD2   1 
ATOM   147  N N     . TYR A 1 30  ? 8.017   10.140  11.970  1.00 55.38 ? 30   TYR A N     1 
ATOM   148  C CA    . TYR A 1 30  ? 7.559   10.785  13.194  1.00 61.56 ? 30   TYR A CA    1 
ATOM   149  C C     . TYR A 1 30  ? 8.572   10.691  14.328  1.00 64.43 ? 30   TYR A C     1 
ATOM   150  O O     . TYR A 1 30  ? 8.199   10.609  15.499  1.00 65.23 ? 30   TYR A O     1 
ATOM   151  C CB    . TYR A 1 30  ? 6.217   10.183  13.636  1.00 63.50 ? 30   TYR A CB    1 
ATOM   152  C CG    . TYR A 1 30  ? 6.021   8.736   13.243  1.00 66.48 ? 30   TYR A CG    1 
ATOM   153  C CD1   . TYR A 1 30  ? 6.783   7.721   13.818  1.00 68.92 ? 30   TYR A CD1   1 
ATOM   154  C CD2   . TYR A 1 30  ? 5.077   8.383   12.280  1.00 68.14 ? 30   TYR A CD2   1 
ATOM   155  C CE1   . TYR A 1 30  ? 6.609   6.383   13.443  1.00 70.61 ? 30   TYR A CE1   1 
ATOM   156  C CE2   . TYR A 1 30  ? 4.892   7.054   11.897  1.00 69.58 ? 30   TYR A CE2   1 
ATOM   157  C CZ    . TYR A 1 30  ? 5.658   6.058   12.482  1.00 71.10 ? 30   TYR A CZ    1 
ATOM   158  O OH    . TYR A 1 30  ? 5.474   4.739   12.110  1.00 72.29 ? 30   TYR A OH    1 
ATOM   159  N N     . SER A 1 31  ? 9.858   10.713  13.978  1.00 67.48 ? 31   SER A N     1 
ATOM   160  C CA    . SER A 1 31  ? 10.921  10.640  14.977  1.00 71.57 ? 31   SER A CA    1 
ATOM   161  C C     . SER A 1 31  ? 11.377  12.047  15.360  1.00 74.31 ? 31   SER A C     1 
ATOM   162  O O     . SER A 1 31  ? 12.480  12.473  15.012  1.00 75.24 ? 31   SER A O     1 
ATOM   163  C CB    . SER A 1 31  ? 12.109  9.839   14.435  1.00 71.00 ? 31   SER A CB    1 
ATOM   164  O OG    . SER A 1 31  ? 12.731  10.508  13.352  1.00 70.88 ? 31   SER A OG    1 
ATOM   165  N N     . SER A 1 32  ? 10.512  12.761  16.075  1.00 77.12 ? 32   SER A N     1 
ATOM   166  C CA    . SER A 1 32  ? 10.798  14.122  16.516  1.00 79.52 ? 32   SER A CA    1 
ATOM   167  C C     . SER A 1 32  ? 9.568   14.680  17.212  1.00 81.04 ? 32   SER A C     1 
ATOM   168  O O     . SER A 1 32  ? 9.536   15.846  17.614  1.00 80.97 ? 32   SER A O     1 
ATOM   169  C CB    . SER A 1 32  ? 11.148  15.009  15.319  1.00 80.06 ? 32   SER A CB    1 
ATOM   170  O OG    . SER A 1 32  ? 10.065  15.082  14.408  1.00 80.68 ? 32   SER A OG    1 
ATOM   171  N N     . LEU A 1 33  ? 8.548   13.837  17.349  1.00 82.63 ? 33   LEU A N     1 
ATOM   172  C CA    . LEU A 1 33  ? 7.308   14.238  17.993  1.00 84.70 ? 33   LEU A CA    1 
ATOM   173  C C     . LEU A 1 33  ? 6.790   13.185  18.969  1.00 85.88 ? 33   LEU A C     1 
ATOM   174  O O     . LEU A 1 33  ? 7.152   12.010  18.889  1.00 85.93 ? 33   LEU A O     1 
ATOM   175  C CB    . LEU A 1 33  ? 6.244   14.553  16.928  1.00 84.31 ? 33   LEU A CB    1 
ATOM   176  C CG    . LEU A 1 33  ? 5.944   13.518  15.839  1.00 83.81 ? 33   LEU A CG    1 
ATOM   177  C CD1   . LEU A 1 33  ? 5.246   12.306  16.441  1.00 84.03 ? 33   LEU A CD1   1 
ATOM   178  C CD2   . LEU A 1 33  ? 5.065   14.155  14.772  1.00 83.03 ? 33   LEU A CD2   1 
ATOM   179  N N     . ASP A 1 34  ? 5.942   13.628  19.891  1.00 87.33 ? 34   ASP A N     1 
ATOM   180  C CA    . ASP A 1 34  ? 5.353   12.769  20.913  1.00 88.93 ? 34   ASP A CA    1 
ATOM   181  C C     . ASP A 1 34  ? 4.572   11.605  20.288  1.00 89.60 ? 34   ASP A C     1 
ATOM   182  O O     . ASP A 1 34  ? 3.631   11.821  19.520  1.00 89.30 ? 34   ASP A O     1 
ATOM   183  C CB    . ASP A 1 34  ? 4.432   13.612  21.801  1.00 89.91 ? 34   ASP A CB    1 
ATOM   184  C CG    . ASP A 1 34  ? 4.001   12.889  23.059  1.00 90.82 ? 34   ASP A CG    1 
ATOM   185  O OD1   . ASP A 1 34  ? 3.277   13.507  23.868  1.00 92.00 ? 34   ASP A OD1   1 
ATOM   186  O OD2   . ASP A 1 34  ? 4.382   11.716  23.246  1.00 91.28 ? 34   ASP A OD2   1 
ATOM   187  N N     . PRO A 1 35  ? 4.953   10.358  20.616  1.00 90.27 ? 35   PRO A N     1 
ATOM   188  C CA    . PRO A 1 35  ? 4.290   9.158   20.085  1.00 90.48 ? 35   PRO A CA    1 
ATOM   189  C C     . PRO A 1 35  ? 2.825   9.036   20.499  1.00 90.74 ? 35   PRO A C     1 
ATOM   190  O O     . PRO A 1 35  ? 1.968   8.705   19.681  1.00 90.61 ? 35   PRO A O     1 
ATOM   191  C CB    . PRO A 1 35  ? 5.151   8.023   20.632  1.00 90.15 ? 35   PRO A CB    1 
ATOM   192  C CG    . PRO A 1 35  ? 5.622   8.569   21.936  1.00 90.04 ? 35   PRO A CG    1 
ATOM   193  C CD    . PRO A 1 35  ? 6.013   9.981   21.566  1.00 90.24 ? 35   PRO A CD    1 
ATOM   194  N N     . GLN A 1 36  ? 2.545   9.296   21.773  1.00 90.96 ? 36   GLN A N     1 
ATOM   195  C CA    . GLN A 1 36  ? 1.178   9.223   22.275  1.00 91.41 ? 36   GLN A CA    1 
ATOM   196  C C     . GLN A 1 36  ? 0.335   10.286  21.584  1.00 90.70 ? 36   GLN A C     1 
ATOM   197  O O     . GLN A 1 36  ? -0.805  10.041  21.191  1.00 90.31 ? 36   GLN A O     1 
ATOM   198  C CB    . GLN A 1 36  ? 1.154   9.437   23.791  1.00 92.76 ? 36   GLN A CB    1 
ATOM   199  C CG    . GLN A 1 36  ? -0.246  9.537   24.383  1.00 94.44 ? 36   GLN A CG    1 
ATOM   200  C CD    . GLN A 1 36  ? -0.244  9.540   25.901  1.00 95.81 ? 36   GLN A CD    1 
ATOM   201  O OE1   . GLN A 1 36  ? 0.475   10.313  26.536  1.00 96.21 ? 36   GLN A OE1   1 
ATOM   202  N NE2   . GLN A 1 36  ? -1.062  8.674   26.492  1.00 96.11 ? 36   GLN A NE2   1 
ATOM   203  N N     . GLU A 1 37  ? 0.916   11.474  21.437  1.00 89.83 ? 37   GLU A N     1 
ATOM   204  C CA    . GLU A 1 37  ? 0.242   12.589  20.791  1.00 89.01 ? 37   GLU A CA    1 
ATOM   205  C C     . GLU A 1 37  ? 0.008   12.251  19.319  1.00 88.18 ? 37   GLU A C     1 
ATOM   206  O O     . GLU A 1 37  ? -0.941  12.734  18.700  1.00 87.87 ? 37   GLU A O     1 
ATOM   207  C CB    . GLU A 1 37  ? 1.108   13.842  20.918  1.00 89.37 ? 37   GLU A CB    1 
ATOM   208  C CG    . GLU A 1 37  ? 0.474   15.110  20.392  1.00 90.97 ? 37   GLU A CG    1 
ATOM   209  C CD    . GLU A 1 37  ? 1.381   16.313  20.557  1.00 92.00 ? 37   GLU A CD    1 
ATOM   210  O OE1   . GLU A 1 37  ? 0.991   17.418  20.123  1.00 92.83 ? 37   GLU A OE1   1 
ATOM   211  O OE2   . GLU A 1 37  ? 2.486   16.152  21.121  1.00 91.96 ? 37   GLU A OE2   1 
ATOM   212  N N     . TYR A 1 38  ? 0.879   11.408  18.775  1.00 87.15 ? 38   TYR A N     1 
ATOM   213  C CA    . TYR A 1 38  ? 0.804   10.984  17.378  1.00 86.29 ? 38   TYR A CA    1 
ATOM   214  C C     . TYR A 1 38  ? -0.389  10.072  17.093  1.00 86.01 ? 38   TYR A C     1 
ATOM   215  O O     . TYR A 1 38  ? -1.032  10.184  16.049  1.00 85.82 ? 38   TYR A O     1 
ATOM   216  C CB    . TYR A 1 38  ? 2.098   10.265  16.985  1.00 85.65 ? 38   TYR A CB    1 
ATOM   217  C CG    . TYR A 1 38  ? 2.075   9.659   15.597  1.00 85.41 ? 38   TYR A CG    1 
ATOM   218  C CD1   . TYR A 1 38  ? 1.938   10.461  14.464  1.00 84.75 ? 38   TYR A CD1   1 
ATOM   219  C CD2   . TYR A 1 38  ? 2.188   8.278   15.418  1.00 84.95 ? 38   TYR A CD2   1 
ATOM   220  C CE1   . TYR A 1 38  ? 1.915   9.907   13.185  1.00 83.91 ? 38   TYR A CE1   1 
ATOM   221  C CE2   . TYR A 1 38  ? 2.166   7.714   14.141  1.00 84.14 ? 38   TYR A CE2   1 
ATOM   222  C CZ    . TYR A 1 38  ? 2.030   8.534   13.032  1.00 83.80 ? 38   TYR A CZ    1 
ATOM   223  O OH    . TYR A 1 38  ? 2.023   7.982   11.771  1.00 81.78 ? 38   TYR A OH    1 
ATOM   224  N N     . GLU A 1 39  ? -0.679  9.165   18.022  1.00 85.63 ? 39   GLU A N     1 
ATOM   225  C CA    . GLU A 1 39  ? -1.780  8.229   17.841  1.00 85.13 ? 39   GLU A CA    1 
ATOM   226  C C     . GLU A 1 39  ? -3.136  8.748   18.313  1.00 83.56 ? 39   GLU A C     1 
ATOM   227  O O     . GLU A 1 39  ? -4.174  8.243   17.885  1.00 83.59 ? 39   GLU A O     1 
ATOM   228  C CB    . GLU A 1 39  ? -1.469  6.914   18.561  1.00 86.96 ? 39   GLU A CB    1 
ATOM   229  C CG    . GLU A 1 39  ? -0.251  6.182   18.020  1.00 89.57 ? 39   GLU A CG    1 
ATOM   230  C CD    . GLU A 1 39  ? 0.011   4.872   18.744  1.00 91.08 ? 39   GLU A CD    1 
ATOM   231  O OE1   . GLU A 1 39  ? 0.988   4.180   18.383  1.00 91.86 ? 39   GLU A OE1   1 
ATOM   232  O OE2   . GLU A 1 39  ? -0.755  4.537   19.671  1.00 91.86 ? 39   GLU A OE2   1 
ATOM   233  N N     . ASP A 1 40  ? -3.133  9.754   19.182  1.00 81.44 ? 40   ASP A N     1 
ATOM   234  C CA    . ASP A 1 40  ? -4.384  10.292  19.709  1.00 78.96 ? 40   ASP A CA    1 
ATOM   235  C C     . ASP A 1 40  ? -4.928  11.536  19.013  1.00 76.02 ? 40   ASP A C     1 
ATOM   236  O O     . ASP A 1 40  ? -6.126  11.620  18.736  1.00 76.13 ? 40   ASP A O     1 
ATOM   237  C CB    . ASP A 1 40  ? -4.244  10.590  21.204  1.00 80.23 ? 40   ASP A CB    1 
ATOM   238  C CG    . ASP A 1 40  ? -3.957  9.343   22.019  1.00 81.77 ? 40   ASP A CG    1 
ATOM   239  O OD1   . ASP A 1 40  ? -4.676  8.336   21.844  1.00 82.04 ? 40   ASP A OD1   1 
ATOM   240  O OD2   . ASP A 1 40  ? -3.017  9.378   22.843  1.00 82.57 ? 40   ASP A OD2   1 
ATOM   241  N N     . ASP A 1 41  ? -4.057  12.496  18.733  1.00 72.31 ? 41   ASP A N     1 
ATOM   242  C CA    . ASP A 1 41  ? -4.485  13.737  18.098  1.00 68.20 ? 41   ASP A CA    1 
ATOM   243  C C     . ASP A 1 41  ? -5.151  13.538  16.739  1.00 64.71 ? 41   ASP A C     1 
ATOM   244  O O     . ASP A 1 41  ? -4.679  12.767  15.900  1.00 63.38 ? 41   ASP A O     1 
ATOM   245  C CB    . ASP A 1 41  ? -3.294  14.687  17.966  1.00 69.84 ? 41   ASP A CB    1 
ATOM   246  C CG    . ASP A 1 41  ? -3.725  16.114  17.700  1.00 71.46 ? 41   ASP A CG    1 
ATOM   247  O OD1   . ASP A 1 41  ? -2.845  16.999  17.655  1.00 74.01 ? 41   ASP A OD1   1 
ATOM   248  O OD2   . ASP A 1 41  ? -4.940  16.352  17.540  1.00 72.20 ? 41   ASP A OD2   1 
ATOM   249  N N     . ALA A 1 42  ? -6.255  14.248  16.531  1.00 60.32 ? 42   ALA A N     1 
ATOM   250  C CA    . ALA A 1 42  ? -7.012  14.165  15.289  1.00 57.38 ? 42   ALA A CA    1 
ATOM   251  C C     . ALA A 1 42  ? -6.292  14.809  14.109  1.00 54.89 ? 42   ALA A C     1 
ATOM   252  O O     . ALA A 1 42  ? -6.702  14.632  12.961  1.00 54.17 ? 42   ALA A O     1 
ATOM   253  C CB    . ALA A 1 42  ? -8.374  14.806  15.472  1.00 58.09 ? 42   ALA A CB    1 
ATOM   254  N N     . VAL A 1 43  ? -5.231  15.562  14.389  1.00 51.92 ? 43   VAL A N     1 
ATOM   255  C CA    . VAL A 1 43  ? -4.474  16.215  13.329  1.00 49.23 ? 43   VAL A CA    1 
ATOM   256  C C     . VAL A 1 43  ? -3.688  15.193  12.517  1.00 47.33 ? 43   VAL A C     1 
ATOM   257  O O     . VAL A 1 43  ? -3.120  15.525  11.479  1.00 46.55 ? 43   VAL A O     1 
ATOM   258  C CB    . VAL A 1 43  ? -3.479  17.258  13.885  1.00 49.42 ? 43   VAL A CB    1 
ATOM   259  C CG1   . VAL A 1 43  ? -4.224  18.311  14.687  1.00 50.61 ? 43   VAL A CG1   1 
ATOM   260  C CG2   . VAL A 1 43  ? -2.421  16.568  14.730  1.00 47.81 ? 43   VAL A CG2   1 
ATOM   261  N N     . PHE A 1 44  ? -3.647  13.952  13.001  1.00 43.94 ? 44   PHE A N     1 
ATOM   262  C CA    . PHE A 1 44  ? -2.931  12.895  12.295  1.00 43.67 ? 44   PHE A CA    1 
ATOM   263  C C     . PHE A 1 44  ? -3.888  12.005  11.527  1.00 42.07 ? 44   PHE A C     1 
ATOM   264  O O     . PHE A 1 44  ? -3.523  10.925  11.069  1.00 42.88 ? 44   PHE A O     1 
ATOM   265  C CB    . PHE A 1 44  ? -2.110  12.053  13.269  1.00 43.69 ? 44   PHE A CB    1 
ATOM   266  C CG    . PHE A 1 44  ? -1.001  12.809  13.928  1.00 46.66 ? 44   PHE A CG    1 
ATOM   267  C CD1   . PHE A 1 44  ? -1.155  13.326  15.212  1.00 46.49 ? 44   PHE A CD1   1 
ATOM   268  C CD2   . PHE A 1 44  ? 0.187   13.051  13.244  1.00 47.16 ? 44   PHE A CD2   1 
ATOM   269  C CE1   . PHE A 1 44  ? -0.138  14.070  15.810  1.00 47.42 ? 44   PHE A CE1   1 
ATOM   270  C CE2   . PHE A 1 44  ? 1.210   13.794  13.832  1.00 47.62 ? 44   PHE A CE2   1 
ATOM   271  C CZ    . PHE A 1 44  ? 1.045   14.305  15.118  1.00 47.85 ? 44   PHE A CZ    1 
ATOM   272  N N     . ARG A 1 45  ? -5.122  12.475  11.389  1.00 40.47 ? 45   ARG A N     1 
ATOM   273  C CA    . ARG A 1 45  ? -6.143  11.738  10.666  1.00 40.48 ? 45   ARG A CA    1 
ATOM   274  C C     . ARG A 1 45  ? -6.337  12.344  9.284   1.00 38.45 ? 45   ARG A C     1 
ATOM   275  O O     . ARG A 1 45  ? -6.604  13.540  9.143   1.00 34.68 ? 45   ARG A O     1 
ATOM   276  C CB    . ARG A 1 45  ? -7.444  11.743  11.456  1.00 43.27 ? 45   ARG A CB    1 
ATOM   277  C CG    . ARG A 1 45  ? -7.391  10.782  12.628  1.00 50.07 ? 45   ARG A CG    1 
ATOM   278  C CD    . ARG A 1 45  ? -8.306  11.195  13.756  1.00 55.31 ? 45   ARG A CD    1 
ATOM   279  N NE    . ARG A 1 45  ? -9.682  11.383  13.316  1.00 60.09 ? 45   ARG A NE    1 
ATOM   280  C CZ    . ARG A 1 45  ? -10.671 11.738  14.131  1.00 63.34 ? 45   ARG A CZ    1 
ATOM   281  N NH1   . ARG A 1 45  ? -10.424 11.923  15.422  1.00 64.56 ? 45   ARG A NH1   1 
ATOM   282  N NH2   . ARG A 1 45  ? -11.899 11.910  13.658  1.00 65.17 ? 45   ARG A NH2   1 
ATOM   283  N N     . SER A 1 46  ? -6.186  11.503  8.271   1.00 35.53 ? 46   SER A N     1 
ATOM   284  C CA    . SER A 1 46  ? -6.315  11.926  6.887   1.00 34.99 ? 46   SER A CA    1 
ATOM   285  C C     . SER A 1 46  ? -7.712  11.746  6.324   1.00 36.64 ? 46   SER A C     1 
ATOM   286  O O     . SER A 1 46  ? -8.310  10.672  6.438   1.00 35.06 ? 46   SER A O     1 
ATOM   287  C CB    . SER A 1 46  ? -5.317  11.153  6.017   1.00 33.97 ? 46   SER A CB    1 
ATOM   288  O OG    . SER A 1 46  ? -5.505  11.439  4.645   1.00 31.73 ? 46   SER A OG    1 
ATOM   289  N N     . TYR A 1 47  ? -8.224  12.808  5.704   1.00 37.98 ? 47   TYR A N     1 
ATOM   290  C CA    . TYR A 1 47  ? -9.546  12.776  5.093   1.00 40.65 ? 47   TYR A CA    1 
ATOM   291  C C     . TYR A 1 47  ? -9.519  13.417  3.719   1.00 41.46 ? 47   TYR A C     1 
ATOM   292  O O     . TYR A 1 47  ? -8.615  14.179  3.390   1.00 39.77 ? 47   TYR A O     1 
ATOM   293  C CB    . TYR A 1 47  ? -10.577 13.539  5.936   1.00 43.34 ? 47   TYR A CB    1 
ATOM   294  C CG    . TYR A 1 47  ? -10.867 12.947  7.290   1.00 45.79 ? 47   TYR A CG    1 
ATOM   295  C CD1   . TYR A 1 47  ? -9.986  13.126  8.355   1.00 47.25 ? 47   TYR A CD1   1 
ATOM   296  C CD2   . TYR A 1 47  ? -12.021 12.193  7.509   1.00 47.76 ? 47   TYR A CD2   1 
ATOM   297  C CE1   . TYR A 1 47  ? -10.241 12.564  9.600   1.00 50.36 ? 47   TYR A CE1   1 
ATOM   298  C CE2   . TYR A 1 47  ? -12.286 11.625  8.751   1.00 50.55 ? 47   TYR A CE2   1 
ATOM   299  C CZ    . TYR A 1 47  ? -11.394 11.816  9.793   1.00 51.30 ? 47   TYR A CZ    1 
ATOM   300  O OH    . TYR A 1 47  ? -11.647 11.247  11.022  1.00 55.39 ? 47   TYR A OH    1 
ATOM   301  N N     . ILE A 1 48  ? -10.528 13.078  2.932   1.00 43.56 ? 48   ILE A N     1 
ATOM   302  C CA    . ILE A 1 48  ? -10.741 13.633  1.607   1.00 46.88 ? 48   ILE A CA    1 
ATOM   303  C C     . ILE A 1 48  ? -12.256 13.747  1.522   1.00 49.73 ? 48   ILE A C     1 
ATOM   304  O O     . ILE A 1 48  ? -12.959 12.739  1.412   1.00 49.48 ? 48   ILE A O     1 
ATOM   305  C CB    . ILE A 1 48  ? -10.233 12.713  0.482   1.00 46.61 ? 48   ILE A CB    1 
ATOM   306  C CG1   . ILE A 1 48  ? -8.703  12.668  0.502   1.00 45.70 ? 48   ILE A CG1   1 
ATOM   307  C CG2   . ILE A 1 48  ? -10.728 13.233  -0.860  1.00 46.42 ? 48   ILE A CG2   1 
ATOM   308  C CD1   . ILE A 1 48  ? -8.094  11.832  -0.599  1.00 45.95 ? 48   ILE A CD1   1 
ATOM   309  N N     . ASP A 1 49  ? -12.751 14.977  1.619   1.00 53.05 ? 49   ASP A N     1 
ATOM   310  C CA    . ASP A 1 49  ? -14.184 15.227  1.571   1.00 56.24 ? 49   ASP A CA    1 
ATOM   311  C C     . ASP A 1 49  ? -14.934 14.369  2.581   1.00 57.26 ? 49   ASP A C     1 
ATOM   312  O O     . ASP A 1 49  ? -15.828 13.600  2.223   1.00 59.43 ? 49   ASP A O     1 
ATOM   313  C CB    . ASP A 1 49  ? -14.725 14.971  0.163   1.00 58.04 ? 49   ASP A CB    1 
ATOM   314  C CG    . ASP A 1 49  ? -14.171 15.944  -0.856  1.00 59.45 ? 49   ASP A CG    1 
ATOM   315  O OD1   . ASP A 1 49  ? -14.248 17.166  -0.609  1.00 61.16 ? 49   ASP A OD1   1 
ATOM   316  O OD2   . ASP A 1 49  ? -13.664 15.489  -1.902  1.00 61.31 ? 49   ASP A OD2   1 
ATOM   317  N N     . ASP A 1 50  ? -14.546 14.499  3.846   1.00 57.60 ? 50   ASP A N     1 
ATOM   318  C CA    . ASP A 1 50  ? -15.169 13.761  4.938   1.00 57.76 ? 50   ASP A CA    1 
ATOM   319  C C     . ASP A 1 50  ? -15.022 12.242  4.881   1.00 56.31 ? 50   ASP A C     1 
ATOM   320  O O     . ASP A 1 50  ? -15.538 11.537  5.749   1.00 56.29 ? 50   ASP A O     1 
ATOM   321  C CB    . ASP A 1 50  ? -16.654 14.127  5.044   1.00 62.02 ? 50   ASP A CB    1 
ATOM   322  C CG    . ASP A 1 50  ? -16.875 15.617  5.261   1.00 64.69 ? 50   ASP A CG    1 
ATOM   323  O OD1   . ASP A 1 50  ? -15.939 16.297  5.734   1.00 66.26 ? 50   ASP A OD1   1 
ATOM   324  O OD2   . ASP A 1 50  ? -17.991 16.098  4.966   1.00 67.22 ? 50   ASP A OD2   1 
ATOM   325  N N     . GLU A 1 51  ? -14.341 11.729  3.864   1.00 53.06 ? 51   GLU A N     1 
ATOM   326  C CA    . GLU A 1 51  ? -14.133 10.288  3.775   1.00 48.65 ? 51   GLU A CA    1 
ATOM   327  C C     . GLU A 1 51  ? -12.787 10.027  4.448   1.00 45.25 ? 51   GLU A C     1 
ATOM   328  O O     . GLU A 1 51  ? -11.764 10.582  4.037   1.00 42.43 ? 51   GLU A O     1 
ATOM   329  C CB    . GLU A 1 51  ? -14.096 9.823   2.317   1.00 50.83 ? 51   GLU A CB    1 
ATOM   330  C CG    . GLU A 1 51  ? -13.951 8.312   2.155   1.00 52.72 ? 51   GLU A CG    1 
ATOM   331  C CD    . GLU A 1 51  ? -15.230 7.542   2.472   1.00 55.74 ? 51   GLU A CD    1 
ATOM   332  O OE1   . GLU A 1 51  ? -15.130 6.353   2.851   1.00 55.41 ? 51   GLU A OE1   1 
ATOM   333  O OE2   . GLU A 1 51  ? -16.336 8.114   2.330   1.00 54.67 ? 51   GLU A OE2   1 
ATOM   334  N N     . TYR A 1 52  ? -12.788 9.203   5.485   1.00 42.03 ? 52   TYR A N     1 
ATOM   335  C CA    . TYR A 1 52  ? -11.563 8.895   6.211   1.00 40.36 ? 52   TYR A CA    1 
ATOM   336  C C     . TYR A 1 52  ? -10.633 8.016   5.382   1.00 39.31 ? 52   TYR A C     1 
ATOM   337  O O     . TYR A 1 52  ? -11.023 6.938   4.922   1.00 38.20 ? 52   TYR A O     1 
ATOM   338  C CB    . TYR A 1 52  ? -11.901 8.218   7.545   1.00 40.34 ? 52   TYR A CB    1 
ATOM   339  C CG    . TYR A 1 52  ? -10.697 7.750   8.335   1.00 41.33 ? 52   TYR A CG    1 
ATOM   340  C CD1   . TYR A 1 52  ? -10.354 6.396   8.376   1.00 42.37 ? 52   TYR A CD1   1 
ATOM   341  C CD2   . TYR A 1 52  ? -9.898  8.656   9.035   1.00 40.85 ? 52   TYR A CD2   1 
ATOM   342  C CE1   . TYR A 1 52  ? -9.246  5.955   9.090   1.00 42.26 ? 52   TYR A CE1   1 
ATOM   343  C CE2   . TYR A 1 52  ? -8.778  8.223   9.755   1.00 40.73 ? 52   TYR A CE2   1 
ATOM   344  C CZ    . TYR A 1 52  ? -8.461  6.872   9.776   1.00 42.13 ? 52   TYR A CZ    1 
ATOM   345  O OH    . TYR A 1 52  ? -7.354  6.425   10.461  1.00 41.62 ? 52   TYR A OH    1 
ATOM   346  N N     . MET A 1 53  ? -9.407  8.488   5.197   1.00 37.03 ? 53   MET A N     1 
ATOM   347  C CA    . MET A 1 53  ? -8.406  7.775   4.410   1.00 37.06 ? 53   MET A CA    1 
ATOM   348  C C     . MET A 1 53  ? -7.475  6.925   5.266   1.00 36.80 ? 53   MET A C     1 
ATOM   349  O O     . MET A 1 53  ? -7.036  5.859   4.840   1.00 35.95 ? 53   MET A O     1 
ATOM   350  C CB    . MET A 1 53  ? -7.573  8.769   3.596   1.00 36.81 ? 53   MET A CB    1 
ATOM   351  C CG    . MET A 1 53  ? -8.350  9.502   2.513   1.00 38.94 ? 53   MET A CG    1 
ATOM   352  S SD    . MET A 1 53  ? -8.884  8.390   1.189   1.00 40.59 ? 53   MET A SD    1 
ATOM   353  C CE    . MET A 1 53  ? -10.562 7.980   1.737   1.00 41.14 ? 53   MET A CE    1 
ATOM   354  N N     . GLY A 1 54  ? -7.165  7.402   6.465   1.00 35.42 ? 54   GLY A N     1 
ATOM   355  C CA    . GLY A 1 54  ? -6.274  6.659   7.331   1.00 34.68 ? 54   GLY A CA    1 
ATOM   356  C C     . GLY A 1 54  ? -5.461  7.557   8.241   1.00 35.61 ? 54   GLY A C     1 
ATOM   357  O O     . GLY A 1 54  ? -5.784  8.734   8.405   1.00 34.40 ? 54   GLY A O     1 
ATOM   358  N N     . HIS A 1 55  ? -4.406  7.003   8.828   1.00 35.26 ? 55   HIS A N     1 
ATOM   359  C CA    . HIS A 1 55  ? -3.543  7.741   9.749   1.00 35.65 ? 55   HIS A CA    1 
ATOM   360  C C     . HIS A 1 55  ? -2.298  8.255   9.017   1.00 33.23 ? 55   HIS A C     1 
ATOM   361  O O     . HIS A 1 55  ? -1.618  7.491   8.332   1.00 32.52 ? 55   HIS A O     1 
ATOM   362  C CB    . HIS A 1 55  ? -3.132  6.822   10.910  1.00 38.47 ? 55   HIS A CB    1 
ATOM   363  C CG    . HIS A 1 55  ? -2.661  7.550   12.128  1.00 42.89 ? 55   HIS A CG    1 
ATOM   364  N ND1   . HIS A 1 55  ? -1.353  7.535   12.552  1.00 45.50 ? 55   HIS A ND1   1 
ATOM   365  C CD2   . HIS A 1 55  ? -3.337  8.317   13.023  1.00 45.07 ? 55   HIS A CD2   1 
ATOM   366  C CE1   . HIS A 1 55  ? -1.236  8.258   13.654  1.00 45.20 ? 55   HIS A CE1   1 
ATOM   367  N NE2   . HIS A 1 55  ? -2.425  8.740   13.960  1.00 46.89 ? 55   HIS A NE2   1 
ATOM   368  N N     . LYS A 1 56  ? -2.010  9.543   9.165   1.00 31.15 ? 56   LYS A N     1 
ATOM   369  C CA    . LYS A 1 56  ? -0.859  10.179  8.522   1.00 29.36 ? 56   LYS A CA    1 
ATOM   370  C C     . LYS A 1 56  ? 0.447   9.650   9.104   1.00 29.94 ? 56   LYS A C     1 
ATOM   371  O O     . LYS A 1 56  ? 0.661   9.759   10.303  1.00 30.32 ? 56   LYS A O     1 
ATOM   372  C CB    . LYS A 1 56  ? -0.905  11.696  8.736   1.00 29.01 ? 56   LYS A CB    1 
ATOM   373  C CG    . LYS A 1 56  ? -2.147  12.397  8.194   1.00 31.08 ? 56   LYS A CG    1 
ATOM   374  C CD    . LYS A 1 56  ? -2.153  13.887  8.546   1.00 33.20 ? 56   LYS A CD    1 
ATOM   375  C CE    . LYS A 1 56  ? -3.416  14.581  8.045   1.00 35.52 ? 56   LYS A CE    1 
ATOM   376  N NZ    . LYS A 1 56  ? -3.534  15.975  8.569   1.00 33.14 ? 56   LYS A NZ    1 
ATOM   377  N N     . TRP A 1 57  ? 1.365   9.163   8.265   1.00 29.59 ? 57   TRP A N     1 
ATOM   378  C CA    . TRP A 1 57  ? 1.170   8.941   6.838   1.00 29.53 ? 57   TRP A CA    1 
ATOM   379  C C     . TRP A 1 57  ? 1.614   7.480   6.657   1.00 29.48 ? 57   TRP A C     1 
ATOM   380  O O     . TRP A 1 57  ? 2.644   7.178   6.053   1.00 28.73 ? 57   TRP A O     1 
ATOM   381  C CB    . TRP A 1 57  ? 2.034   9.899   6.008   1.00 28.66 ? 57   TRP A CB    1 
ATOM   382  C CG    . TRP A 1 57  ? 1.533   11.330  6.080   1.00 29.01 ? 57   TRP A CG    1 
ATOM   383  C CD1   . TRP A 1 57  ? 2.107   12.373  6.748   1.00 29.28 ? 57   TRP A CD1   1 
ATOM   384  C CD2   . TRP A 1 57  ? 0.338   11.846  5.486   1.00 29.48 ? 57   TRP A CD2   1 
ATOM   385  N NE1   . TRP A 1 57  ? 1.343   13.513  6.604   1.00 29.76 ? 57   TRP A NE1   1 
ATOM   386  C CE2   . TRP A 1 57  ? 0.244   13.212  5.831   1.00 30.01 ? 57   TRP A CE2   1 
ATOM   387  C CE3   . TRP A 1 57  ? -0.677  11.280  4.692   1.00 29.94 ? 57   TRP A CE3   1 
ATOM   388  C CZ2   . TRP A 1 57  ? -0.812  14.034  5.413   1.00 31.34 ? 57   TRP A CZ2   1 
ATOM   389  C CZ3   . TRP A 1 57  ? -1.733  12.096  4.273   1.00 31.40 ? 57   TRP A CZ3   1 
ATOM   390  C CH2   . TRP A 1 57  ? -1.788  13.455  4.638   1.00 30.75 ? 57   TRP A CH2   1 
ATOM   391  N N     . GLN A 1 58  ? 0.806   6.596   7.223   1.00 29.95 ? 58   GLN A N     1 
ATOM   392  C CA    . GLN A 1 58  ? 1.043   5.155   7.214   1.00 30.30 ? 58   GLN A CA    1 
ATOM   393  C C     . GLN A 1 58  ? 0.797   4.497   5.855   1.00 30.17 ? 58   GLN A C     1 
ATOM   394  O O     . GLN A 1 58  ? 0.189   5.092   4.967   1.00 27.65 ? 58   GLN A O     1 
ATOM   395  C CB    . GLN A 1 58  ? 0.157   4.501   8.271   1.00 32.48 ? 58   GLN A CB    1 
ATOM   396  C CG    . GLN A 1 58  ? 0.399   5.029   9.684   1.00 37.74 ? 58   GLN A CG    1 
ATOM   397  C CD    . GLN A 1 58  ? 1.638   4.451   10.330  1.00 41.37 ? 58   GLN A CD    1 
ATOM   398  O OE1   . GLN A 1 58  ? 2.295   5.114   11.136  1.00 45.60 ? 58   GLN A OE1   1 
ATOM   399  N NE2   . GLN A 1 58  ? 1.965   3.201   9.996   1.00 40.92 ? 58   GLN A NE2   1 
ATOM   400  N N     . ALA A 1 59  ? 1.263   3.261   5.704   1.00 27.88 ? 59   ALA A N     1 
ATOM   401  C CA    . ALA A 1 59  ? 1.096   2.536   4.455   1.00 27.05 ? 59   ALA A CA    1 
ATOM   402  C C     . ALA A 1 59  ? -0.371  2.332   4.090   1.00 26.16 ? 59   ALA A C     1 
ATOM   403  O O     . ALA A 1 59  ? -0.738  2.423   2.918   1.00 26.09 ? 59   ALA A O     1 
ATOM   404  C CB    . ALA A 1 59  ? 1.809   1.180   4.533   1.00 26.25 ? 59   ALA A CB    1 
ATOM   405  N N     . VAL A 1 60  ? -1.198  2.044   5.091   1.00 24.73 ? 60   VAL A N     1 
ATOM   406  C CA    . VAL A 1 60  ? -2.622  1.820   4.851   1.00 27.35 ? 60   VAL A CA    1 
ATOM   407  C C     . VAL A 1 60  ? -3.310  3.080   4.335   1.00 26.56 ? 60   VAL A C     1 
ATOM   408  O O     . VAL A 1 60  ? -4.157  3.013   3.451   1.00 25.48 ? 60   VAL A O     1 
ATOM   409  C CB    . VAL A 1 60  ? -3.340  1.336   6.145   1.00 27.99 ? 60   VAL A CB    1 
ATOM   410  C CG1   . VAL A 1 60  ? -4.841  1.212   5.906   1.00 28.63 ? 60   VAL A CG1   1 
ATOM   411  C CG2   . VAL A 1 60  ? -2.778  -0.005  6.574   1.00 30.08 ? 60   VAL A CG2   1 
ATOM   412  N N     . GLU A 1 61  ? -2.939  4.234   4.890   1.00 27.48 ? 61   GLU A N     1 
ATOM   413  C CA    . GLU A 1 61  ? -3.544  5.498   4.468   1.00 26.88 ? 61   GLU A CA    1 
ATOM   414  C C     . GLU A 1 61  ? -3.320  5.708   2.966   1.00 27.13 ? 61   GLU A C     1 
ATOM   415  O O     . GLU A 1 61  ? -4.246  6.059   2.237   1.00 26.60 ? 61   GLU A O     1 
ATOM   416  C CB    . GLU A 1 61  ? -2.927  6.658   5.262   1.00 29.55 ? 61   GLU A CB    1 
ATOM   417  C CG    . GLU A 1 61  ? -3.588  8.033   5.075   1.00 28.33 ? 61   GLU A CG    1 
ATOM   418  C CD    . GLU A 1 61  ? -3.226  8.710   3.760   1.00 29.21 ? 61   GLU A CD    1 
ATOM   419  O OE1   . GLU A 1 61  ? -2.139  8.427   3.214   1.00 27.57 ? 61   GLU A OE1   1 
ATOM   420  O OE2   . GLU A 1 61  ? -4.025  9.546   3.288   1.00 29.52 ? 61   GLU A OE2   1 
ATOM   421  N N     . PHE A 1 62  ? -2.093  5.482   2.507   1.00 26.30 ? 62   PHE A N     1 
ATOM   422  C CA    . PHE A 1 62  ? -1.777  5.659   1.087   1.00 27.88 ? 62   PHE A CA    1 
ATOM   423  C C     . PHE A 1 62  ? -2.547  4.694   0.190   1.00 27.92 ? 62   PHE A C     1 
ATOM   424  O O     . PHE A 1 62  ? -3.095  5.084   -0.843  1.00 26.82 ? 62   PHE A O     1 
ATOM   425  C CB    . PHE A 1 62  ? -0.283  5.457   0.826   1.00 26.06 ? 62   PHE A CB    1 
ATOM   426  C CG    . PHE A 1 62  ? 0.061   5.428   -0.638  1.00 27.70 ? 62   PHE A CG    1 
ATOM   427  C CD1   . PHE A 1 62  ? 0.065   6.604   -1.395  1.00 27.00 ? 62   PHE A CD1   1 
ATOM   428  C CD2   . PHE A 1 62  ? 0.315   4.218   -1.281  1.00 25.81 ? 62   PHE A CD2   1 
ATOM   429  C CE1   . PHE A 1 62  ? 0.301   6.574   -2.772  1.00 26.35 ? 62   PHE A CE1   1 
ATOM   430  C CE2   . PHE A 1 62  ? 0.555   4.174   -2.662  1.00 26.08 ? 62   PHE A CE2   1 
ATOM   431  C CZ    . PHE A 1 62  ? 0.550   5.357   -3.406  1.00 25.80 ? 62   PHE A CZ    1 
ATOM   432  N N     . ALA A 1 63  ? -2.556  3.424   0.576   1.00 26.60 ? 63   ALA A N     1 
ATOM   433  C CA    . ALA A 1 63  ? -3.239  2.414   -0.218  1.00 27.60 ? 63   ALA A CA    1 
ATOM   434  C C     . ALA A 1 63  ? -4.719  2.752   -0.351  1.00 27.27 ? 63   ALA A C     1 
ATOM   435  O O     . ALA A 1 63  ? -5.281  2.657   -1.435  1.00 26.22 ? 63   ALA A O     1 
ATOM   436  C CB    . ALA A 1 63  ? -3.064  1.032   0.416   1.00 27.66 ? 63   ALA A CB    1 
ATOM   437  N N     . ARG A 1 64  ? -5.338  3.169   0.754   1.00 27.32 ? 64   ARG A N     1 
ATOM   438  C CA    . ARG A 1 64  ? -6.751  3.494   0.705   1.00 27.83 ? 64   ARG A CA    1 
ATOM   439  C C     . ARG A 1 64  ? -7.005  4.768   -0.109  1.00 28.50 ? 64   ARG A C     1 
ATOM   440  O O     . ARG A 1 64  ? -7.982  4.841   -0.861  1.00 27.03 ? 64   ARG A O     1 
ATOM   441  C CB    . ARG A 1 64  ? -7.332  3.625   2.127   1.00 27.58 ? 64   ARG A CB    1 
ATOM   442  C CG    . ARG A 1 64  ? -8.854  3.758   2.135   1.00 33.11 ? 64   ARG A CG    1 
ATOM   443  C CD    . ARG A 1 64  ? -9.486  3.785   3.539   1.00 35.44 ? 64   ARG A CD    1 
ATOM   444  N NE    . ARG A 1 64  ? -9.329  2.527   4.267   1.00 35.97 ? 64   ARG A NE    1 
ATOM   445  C CZ    . ARG A 1 64  ? -8.419  2.318   5.213   1.00 40.46 ? 64   ARG A CZ    1 
ATOM   446  N NH1   . ARG A 1 64  ? -8.349  1.141   5.826   1.00 43.84 ? 64   ARG A NH1   1 
ATOM   447  N NH2   . ARG A 1 64  ? -7.581  3.288   5.558   1.00 40.82 ? 64   ARG A NH2   1 
ATOM   448  N N     . ARG A 1 65  ? -6.137  5.757   0.021   1.00 28.18 ? 65   ARG A N     1 
ATOM   449  C CA    . ARG A 1 65  ? -6.306  7.010   -0.717  1.00 28.35 ? 65   ARG A CA    1 
ATOM   450  C C     . ARG A 1 65  ? -6.120  6.783   -2.228  1.00 28.47 ? 65   ARG A C     1 
ATOM   451  O O     . ARG A 1 65  ? -6.831  7.370   -3.044  1.00 28.56 ? 65   ARG A O     1 
ATOM   452  C CB    . ARG A 1 65  ? -5.317  8.075   -0.197  1.00 27.24 ? 65   ARG A CB    1 
ATOM   453  C CG    . ARG A 1 65  ? -5.450  9.457   -0.859  1.00 28.69 ? 65   ARG A CG    1 
ATOM   454  C CD    . ARG A 1 65  ? -4.894  10.561  0.046   1.00 26.44 ? 65   ARG A CD    1 
ATOM   455  N NE    . ARG A 1 65  ? -3.629  10.167  0.664   1.00 29.87 ? 65   ARG A NE    1 
ATOM   456  C CZ    . ARG A 1 65  ? -2.443  10.212  0.057   1.00 30.68 ? 65   ARG A CZ    1 
ATOM   457  N NH1   . ARG A 1 65  ? -2.340  10.643  -1.194  1.00 29.17 ? 65   ARG A NH1   1 
ATOM   458  N NH2   . ARG A 1 65  ? -1.356  9.807   0.708   1.00 30.35 ? 65   ARG A NH2   1 
ATOM   459  N N     . PHE A 1 66  ? -5.177  5.923   -2.582  1.00 27.35 ? 66   PHE A N     1 
ATOM   460  C CA    . PHE A 1 66  ? -4.912  5.595   -3.981  1.00 27.40 ? 66   PHE A CA    1 
ATOM   461  C C     . PHE A 1 66  ? -6.144  4.931   -4.620  1.00 27.59 ? 66   PHE A C     1 
ATOM   462  O O     . PHE A 1 66  ? -6.554  5.284   -5.730  1.00 27.01 ? 66   PHE A O     1 
ATOM   463  C CB    . PHE A 1 66  ? -3.697  4.664   -4.076  1.00 27.17 ? 66   PHE A CB    1 
ATOM   464  C CG    . PHE A 1 66  ? -3.295  4.316   -5.493  1.00 29.13 ? 66   PHE A CG    1 
ATOM   465  C CD1   . PHE A 1 66  ? -2.295  5.037   -6.143  1.00 31.57 ? 66   PHE A CD1   1 
ATOM   466  C CD2   . PHE A 1 66  ? -3.925  3.278   -6.174  1.00 29.38 ? 66   PHE A CD2   1 
ATOM   467  C CE1   . PHE A 1 66  ? -1.922  4.720   -7.456  1.00 31.93 ? 66   PHE A CE1   1 
ATOM   468  C CE2   . PHE A 1 66  ? -3.563  2.946   -7.484  1.00 30.06 ? 66   PHE A CE2   1 
ATOM   469  C CZ    . PHE A 1 66  ? -2.563  3.677   -8.130  1.00 33.23 ? 66   PHE A CZ    1 
ATOM   470  N N     . LEU A 1 67  ? -6.722  3.959   -3.919  1.00 26.18 ? 67   LEU A N     1 
ATOM   471  C CA    . LEU A 1 67  ? -7.892  3.272   -4.455  1.00 26.68 ? 67   LEU A CA    1 
ATOM   472  C C     . LEU A 1 67  ? -9.060  4.253   -4.542  1.00 25.98 ? 67   LEU A C     1 
ATOM   473  O O     . LEU A 1 67  ? -9.823  4.231   -5.495  1.00 24.93 ? 67   LEU A O     1 
ATOM   474  C CB    . LEU A 1 67  ? -8.278  2.078   -3.578  1.00 28.22 ? 67   LEU A CB    1 
ATOM   475  C CG    . LEU A 1 67  ? -7.359  0.860   -3.688  1.00 32.50 ? 67   LEU A CG    1 
ATOM   476  C CD1   . LEU A 1 67  ? -7.858  -0.252  -2.772  1.00 31.35 ? 67   LEU A CD1   1 
ATOM   477  C CD2   . LEU A 1 67  ? -7.323  0.379   -5.137  1.00 35.27 ? 67   LEU A CD2   1 
ATOM   478  N N     . PHE A 1 68  ? -9.182  5.106   -3.540  1.00 25.62 ? 68   PHE A N     1 
ATOM   479  C CA    . PHE A 1 68  ? -10.260 6.085   -3.518  1.00 28.37 ? 68   PHE A CA    1 
ATOM   480  C C     . PHE A 1 68  ? -10.160 7.057   -4.701  1.00 29.09 ? 68   PHE A C     1 
ATOM   481  O O     . PHE A 1 68  ? -11.116 7.245   -5.451  1.00 28.49 ? 68   PHE A O     1 
ATOM   482  C CB    . PHE A 1 68  ? -10.211 6.876   -2.209  1.00 31.16 ? 68   PHE A CB    1 
ATOM   483  C CG    . PHE A 1 68  ? -11.239 7.976   -2.126  1.00 34.40 ? 68   PHE A CG    1 
ATOM   484  C CD1   . PHE A 1 68  ? -12.592 7.672   -1.990  1.00 36.48 ? 68   PHE A CD1   1 
ATOM   485  C CD2   . PHE A 1 68  ? -10.854 9.307   -2.183  1.00 35.84 ? 68   PHE A CD2   1 
ATOM   486  C CE1   . PHE A 1 68  ? -13.544 8.687   -1.912  1.00 39.60 ? 68   PHE A CE1   1 
ATOM   487  C CE2   . PHE A 1 68  ? -11.799 10.329  -2.107  1.00 37.46 ? 68   PHE A CE2   1 
ATOM   488  C CZ    . PHE A 1 68  ? -13.145 10.016  -1.971  1.00 39.58 ? 68   PHE A CZ    1 
ATOM   489  N N     . LEU A 1 69  ? -8.984  7.656   -4.857  1.00 29.15 ? 69   LEU A N     1 
ATOM   490  C CA    . LEU A 1 69  ? -8.749  8.633   -5.921  1.00 31.17 ? 69   LEU A CA    1 
ATOM   491  C C     . LEU A 1 69  ? -8.718  8.090   -7.344  1.00 31.84 ? 69   LEU A C     1 
ATOM   492  O O     . LEU A 1 69  ? -9.127  8.786   -8.273  1.00 31.49 ? 69   LEU A O     1 
ATOM   493  C CB    . LEU A 1 69  ? -7.446  9.384   -5.644  1.00 30.32 ? 69   LEU A CB    1 
ATOM   494  C CG    . LEU A 1 69  ? -7.501  10.257  -4.393  1.00 31.74 ? 69   LEU A CG    1 
ATOM   495  C CD1   . LEU A 1 69  ? -6.127  10.819  -4.074  1.00 32.21 ? 69   LEU A CD1   1 
ATOM   496  C CD2   . LEU A 1 69  ? -8.522  11.374  -4.616  1.00 33.29 ? 69   LEU A CD2   1 
ATOM   497  N N     . ASN A 1 70  ? -8.237  6.861   -7.519  1.00 31.44 ? 70   ASN A N     1 
ATOM   498  C CA    . ASN A 1 70  ? -8.145  6.280   -8.857  1.00 32.88 ? 70   ASN A CA    1 
ATOM   499  C C     . ASN A 1 70  ? -9.237  5.287   -9.230  1.00 34.71 ? 70   ASN A C     1 
ATOM   500  O O     . ASN A 1 70  ? -9.500  5.087   -10.420 1.00 33.61 ? 70   ASN A O     1 
ATOM   501  C CB    . ASN A 1 70  ? -6.786  5.611   -9.061  1.00 31.81 ? 70   ASN A CB    1 
ATOM   502  C CG    . ASN A 1 70  ? -5.648  6.616   -9.141  1.00 34.78 ? 70   ASN A CG    1 
ATOM   503  O OD1   . ASN A 1 70  ? -5.851  7.764   -9.544  1.00 32.75 ? 70   ASN A OD1   1 
ATOM   504  N ND2   . ASN A 1 70  ? -4.447  6.181   -8.781  1.00 30.62 ? 70   ASN A ND2   1 
ATOM   505  N N     . TYR A 1 71  ? -9.859  4.660   -8.238  1.00 34.23 ? 71   TYR A N     1 
ATOM   506  C CA    . TYR A 1 71  ? -10.916 3.687   -8.510  1.00 35.59 ? 71   TYR A CA    1 
ATOM   507  C C     . TYR A 1 71  ? -12.255 4.008   -7.846  1.00 34.64 ? 71   TYR A C     1 
ATOM   508  O O     . TYR A 1 71  ? -13.253 3.341   -8.108  1.00 32.72 ? 71   TYR A O     1 
ATOM   509  C CB    . TYR A 1 71  ? -10.490 2.281   -8.074  1.00 39.41 ? 71   TYR A CB    1 
ATOM   510  C CG    . TYR A 1 71  ? -9.317  1.690   -8.830  1.00 45.02 ? 71   TYR A CG    1 
ATOM   511  C CD1   . TYR A 1 71  ? -8.003  2.057   -8.530  1.00 45.85 ? 71   TYR A CD1   1 
ATOM   512  C CD2   . TYR A 1 71  ? -9.522  0.725   -9.819  1.00 47.78 ? 71   TYR A CD2   1 
ATOM   513  C CE1   . TYR A 1 71  ? -6.920  1.474   -9.194  1.00 47.60 ? 71   TYR A CE1   1 
ATOM   514  C CE2   . TYR A 1 71  ? -8.451  0.137   -10.488 1.00 49.19 ? 71   TYR A CE2   1 
ATOM   515  C CZ    . TYR A 1 71  ? -7.156  0.513   -10.169 1.00 50.16 ? 71   TYR A CZ    1 
ATOM   516  O OH    . TYR A 1 71  ? -6.106  -0.091  -10.819 1.00 51.80 ? 71   TYR A OH    1 
ATOM   517  N N     . GLY A 1 72  ? -12.278 5.026   -6.990  1.00 32.81 ? 72   GLY A N     1 
ATOM   518  C CA    . GLY A 1 72  ? -13.521 5.369   -6.321  1.00 32.03 ? 72   GLY A CA    1 
ATOM   519  C C     . GLY A 1 72  ? -13.979 4.311   -5.327  1.00 32.39 ? 72   GLY A C     1 
ATOM   520  O O     . GLY A 1 72  ? -15.167 4.201   -5.027  1.00 33.12 ? 72   GLY A O     1 
ATOM   521  N N     . VAL A 1 73  ? -13.025 3.529   -4.806  1.00 29.69 ? 73   VAL A N     1 
ATOM   522  C CA    . VAL A 1 73  ? -13.336 2.483   -3.839  1.00 29.06 ? 73   VAL A CA    1 
ATOM   523  C C     . VAL A 1 73  ? -12.376 2.522   -2.657  1.00 30.60 ? 73   VAL A C     1 
ATOM   524  O O     . VAL A 1 73  ? -11.319 3.164   -2.712  1.00 29.17 ? 73   VAL A O     1 
ATOM   525  C CB    . VAL A 1 73  ? -13.238 1.078   -4.472  1.00 32.28 ? 73   VAL A CB    1 
ATOM   526  C CG1   . VAL A 1 73  ? -14.233 0.946   -5.620  1.00 32.33 ? 73   VAL A CG1   1 
ATOM   527  C CG2   . VAL A 1 73  ? -11.812 0.821   -4.964  1.00 31.18 ? 73   VAL A CG2   1 
ATOM   528  N N     . VAL A 1 74  ? -12.746 1.842   -1.575  1.00 30.50 ? 74   VAL A N     1 
ATOM   529  C CA    . VAL A 1 74  ? -11.884 1.756   -0.399  1.00 30.05 ? 74   VAL A CA    1 
ATOM   530  C C     . VAL A 1 74  ? -12.086 0.401   0.256   1.00 30.54 ? 74   VAL A C     1 
ATOM   531  O O     . VAL A 1 74  ? -13.106 -0.257  0.038   1.00 30.33 ? 74   VAL A O     1 
ATOM   532  C CB    . VAL A 1 74  ? -12.208 2.833   0.681   1.00 31.22 ? 74   VAL A CB    1 
ATOM   533  C CG1   . VAL A 1 74  ? -11.973 4.237   0.134   1.00 30.29 ? 74   VAL A CG1   1 
ATOM   534  C CG2   . VAL A 1 74  ? -13.649 2.667   1.179   1.00 29.60 ? 74   VAL A CG2   1 
ATOM   535  N N     . PHE A 1 75  ? -11.092 -0.040  1.023   1.00 31.06 ? 75   PHE A N     1 
ATOM   536  C CA    . PHE A 1 75  ? -11.236 -1.280  1.761   1.00 32.06 ? 75   PHE A CA    1 
ATOM   537  C C     . PHE A 1 75  ? -11.464 -0.801  3.201   1.00 33.62 ? 75   PHE A C     1 
ATOM   538  O O     . PHE A 1 75  ? -11.089 0.320   3.563   1.00 31.67 ? 75   PHE A O     1 
ATOM   539  C CB    . PHE A 1 75  ? -9.997  -2.176  1.624   1.00 31.41 ? 75   PHE A CB    1 
ATOM   540  C CG    . PHE A 1 75  ? -8.700  -1.493  1.930   1.00 31.94 ? 75   PHE A CG    1 
ATOM   541  C CD1   . PHE A 1 75  ? -8.239  -1.396  3.242   1.00 31.96 ? 75   PHE A CD1   1 
ATOM   542  C CD2   . PHE A 1 75  ? -7.933  -0.945  0.901   1.00 31.14 ? 75   PHE A CD2   1 
ATOM   543  C CE1   . PHE A 1 75  ? -7.021  -0.773  3.523   1.00 33.10 ? 75   PHE A CE1   1 
ATOM   544  C CE2   . PHE A 1 75  ? -6.715  -0.322  1.174   1.00 31.32 ? 75   PHE A CE2   1 
ATOM   545  C CZ    . PHE A 1 75  ? -6.259  -0.234  2.483   1.00 31.01 ? 75   PHE A CZ    1 
ATOM   546  N N     . THR A 1 76  ? -12.099 -1.634  4.012   1.00 35.67 ? 76   THR A N     1 
ATOM   547  C CA    . THR A 1 76  ? -12.417 -1.245  5.374   1.00 39.09 ? 76   THR A CA    1 
ATOM   548  C C     . THR A 1 76  ? -11.200 -0.955  6.256   1.00 41.09 ? 76   THR A C     1 
ATOM   549  O O     . THR A 1 76  ? -10.077 -1.365  5.959   1.00 40.15 ? 76   THR A O     1 
ATOM   550  C CB    . THR A 1 76  ? -13.297 -2.315  6.046   1.00 39.68 ? 76   THR A CB    1 
ATOM   551  O OG1   . THR A 1 76  ? -13.958 -1.742  7.184   1.00 42.61 ? 76   THR A OG1   1 
ATOM   552  C CG2   . THR A 1 76  ? -12.457 -3.496  6.480   1.00 38.68 ? 76   THR A CG2   1 
ATOM   553  N N     . ASP A 1 77  ? -11.443 -0.225  7.338   1.00 44.43 ? 77   ASP A N     1 
ATOM   554  C CA    . ASP A 1 77  ? -10.394 0.131   8.283   1.00 46.88 ? 77   ASP A CA    1 
ATOM   555  C C     . ASP A 1 77  ? -9.778  -1.136  8.876   1.00 46.16 ? 77   ASP A C     1 
ATOM   556  O O     . ASP A 1 77  ? -10.470 -2.134  9.085   1.00 46.25 ? 77   ASP A O     1 
ATOM   557  C CB    . ASP A 1 77  ? -10.990 0.990   9.405   1.00 53.48 ? 77   ASP A CB    1 
ATOM   558  C CG    . ASP A 1 77  ? -11.719 2.222   8.879   1.00 58.86 ? 77   ASP A CG    1 
ATOM   559  O OD1   . ASP A 1 77  ? -12.331 2.956   9.694   1.00 61.64 ? 77   ASP A OD1   1 
ATOM   560  O OD2   . ASP A 1 77  ? -11.679 2.462   7.650   1.00 62.17 ? 77   ASP A OD2   1 
ATOM   561  N N     . VAL A 1 78  ? -8.475  -1.110  9.127   1.00 43.98 ? 78   VAL A N     1 
ATOM   562  C CA    . VAL A 1 78  ? -7.797  -2.264  9.712   1.00 42.25 ? 78   VAL A CA    1 
ATOM   563  C C     . VAL A 1 78  ? -6.794  -1.781  10.736  1.00 41.53 ? 78   VAL A C     1 
ATOM   564  O O     . VAL A 1 78  ? -6.256  -0.684  10.612  1.00 41.23 ? 78   VAL A O     1 
ATOM   565  C CB    . VAL A 1 78  ? -7.048  -3.111  8.647   1.00 42.52 ? 78   VAL A CB    1 
ATOM   566  C CG1   . VAL A 1 78  ? -8.042  -3.741  7.682   1.00 41.54 ? 78   VAL A CG1   1 
ATOM   567  C CG2   . VAL A 1 78  ? -6.044  -2.244  7.892   1.00 43.37 ? 78   VAL A CG2   1 
ATOM   568  N N     . GLY A 1 79  ? -6.543  -2.591  11.755  1.00 40.73 ? 79   GLY A N     1 
ATOM   569  C CA    . GLY A 1 79  ? -5.579  -2.202  12.760  1.00 40.44 ? 79   GLY A CA    1 
ATOM   570  C C     . GLY A 1 79  ? -4.166  -2.356  12.227  1.00 39.63 ? 79   GLY A C     1 
ATOM   571  O O     . GLY A 1 79  ? -3.315  -1.488  12.418  1.00 39.09 ? 79   GLY A O     1 
ATOM   572  N N     . MET A 1 80  ? -3.922  -3.470  11.543  1.00 39.70 ? 80   MET A N     1 
ATOM   573  C CA    . MET A 1 80  ? -2.610  -3.763  10.984  1.00 38.24 ? 80   MET A CA    1 
ATOM   574  C C     . MET A 1 80  ? -2.759  -4.040  9.493   1.00 35.69 ? 80   MET A C     1 
ATOM   575  O O     . MET A 1 80  ? -3.759  -4.612  9.063   1.00 34.65 ? 80   MET A O     1 
ATOM   576  C CB    . MET A 1 80  ? -2.019  -4.986  11.680  1.00 43.46 ? 80   MET A CB    1 
ATOM   577  C CG    . MET A 1 80  ? -1.968  -4.863  13.188  1.00 50.14 ? 80   MET A CG    1 
ATOM   578  S SD    . MET A 1 80  ? -1.653  -6.418  14.034  1.00 61.05 ? 80   MET A SD    1 
ATOM   579  C CE    . MET A 1 80  ? -3.340  -6.838  14.550  1.00 57.69 ? 80   MET A CE    1 
ATOM   580  N N     . ALA A 1 81  ? -1.758  -3.642  8.713   1.00 32.90 ? 81   ALA A N     1 
ATOM   581  C CA    . ALA A 1 81  ? -1.794  -3.843  7.272   1.00 30.28 ? 81   ALA A CA    1 
ATOM   582  C C     . ALA A 1 81  ? -1.904  -5.306  6.865   1.00 29.88 ? 81   ALA A C     1 
ATOM   583  O O     . ALA A 1 81  ? -2.561  -5.623  5.874   1.00 27.37 ? 81   ALA A O     1 
ATOM   584  C CB    . ALA A 1 81  ? -0.562  -3.218  6.623   1.00 29.35 ? 81   ALA A CB    1 
ATOM   585  N N     . TRP A 1 82  ? -1.271  -6.210  7.606   1.00 29.04 ? 82   TRP A N     1 
ATOM   586  C CA    . TRP A 1 82  ? -1.350  -7.609  7.207   1.00 31.64 ? 82   TRP A CA    1 
ATOM   587  C C     . TRP A 1 82  ? -2.796  -8.122  7.188   1.00 31.93 ? 82   TRP A C     1 
ATOM   588  O O     . TRP A 1 82  ? -3.125  -9.063  6.464   1.00 32.48 ? 82   TRP A O     1 
ATOM   589  C CB    . TRP A 1 82  ? -0.455  -8.503  8.085   1.00 32.88 ? 82   TRP A CB    1 
ATOM   590  C CG    . TRP A 1 82  ? -0.833  -8.583  9.525   1.00 33.90 ? 82   TRP A CG    1 
ATOM   591  C CD1   . TRP A 1 82  ? -0.303  -7.869  10.556  1.00 35.16 ? 82   TRP A CD1   1 
ATOM   592  C CD2   . TRP A 1 82  ? -1.823  -9.443  10.096  1.00 34.70 ? 82   TRP A CD2   1 
ATOM   593  N NE1   . TRP A 1 82  ? -0.903  -8.233  11.744  1.00 35.85 ? 82   TRP A NE1   1 
ATOM   594  C CE2   . TRP A 1 82  ? -1.840  -9.200  11.486  1.00 35.81 ? 82   TRP A CE2   1 
ATOM   595  C CE3   . TRP A 1 82  ? -2.695  -10.403 9.561   1.00 35.66 ? 82   TRP A CE3   1 
ATOM   596  C CZ2   . TRP A 1 82  ? -2.699  -9.876  12.356  1.00 35.60 ? 82   TRP A CZ2   1 
ATOM   597  C CZ3   . TRP A 1 82  ? -3.557  -11.078 10.430  1.00 39.16 ? 82   TRP A CZ3   1 
ATOM   598  C CH2   . TRP A 1 82  ? -3.547  -10.810 11.814  1.00 37.84 ? 82   TRP A CH2   1 
ATOM   599  N N     . GLU A 1 83  ? -3.664  -7.472  7.961   1.00 30.63 ? 83   GLU A N     1 
ATOM   600  C CA    . GLU A 1 83  ? -5.073  -7.852  8.023   1.00 31.46 ? 83   GLU A CA    1 
ATOM   601  C C     . GLU A 1 83  ? -5.841  -7.625  6.710   1.00 29.92 ? 83   GLU A C     1 
ATOM   602  O O     . GLU A 1 83  ? -6.897  -8.221  6.484   1.00 26.51 ? 83   GLU A O     1 
ATOM   603  C CB    . GLU A 1 83  ? -5.776  -7.079  9.145   1.00 33.71 ? 83   GLU A CB    1 
ATOM   604  C CG    . GLU A 1 83  ? -5.468  -7.573  10.545  1.00 38.54 ? 83   GLU A CG    1 
ATOM   605  C CD    . GLU A 1 83  ? -6.155  -6.740  11.603  1.00 42.40 ? 83   GLU A CD    1 
ATOM   606  O OE1   . GLU A 1 83  ? -5.669  -5.624  11.902  1.00 45.24 ? 83   GLU A OE1   1 
ATOM   607  O OE2   . GLU A 1 83  ? -7.197  -7.185  12.126  1.00 46.54 ? 83   GLU A OE2   1 
ATOM   608  N N     . ILE A 1 84  ? -5.311  -6.766  5.847   1.00 29.81 ? 84   ILE A N     1 
ATOM   609  C CA    . ILE A 1 84  ? -5.979  -6.490  4.572   1.00 28.49 ? 84   ILE A CA    1 
ATOM   610  C C     . ILE A 1 84  ? -6.100  -7.773  3.747   1.00 28.66 ? 84   ILE A C     1 
ATOM   611  O O     . ILE A 1 84  ? -7.060  -7.958  2.999   1.00 28.38 ? 84   ILE A O     1 
ATOM   612  C CB    . ILE A 1 84  ? -5.202  -5.424  3.757   1.00 29.04 ? 84   ILE A CB    1 
ATOM   613  C CG1   . ILE A 1 84  ? -5.219  -4.083  4.503   1.00 27.97 ? 84   ILE A CG1   1 
ATOM   614  C CG2   . ILE A 1 84  ? -5.826  -5.254  2.363   1.00 26.63 ? 84   ILE A CG2   1 
ATOM   615  C CD1   . ILE A 1 84  ? -4.215  -3.053  3.965   1.00 26.48 ? 84   ILE A CD1   1 
ATOM   616  N N     . PHE A 1 85  ? -5.127  -8.666  3.895   1.00 29.35 ? 85   PHE A N     1 
ATOM   617  C CA    . PHE A 1 85  ? -5.138  -9.904  3.125   1.00 30.54 ? 85   PHE A CA    1 
ATOM   618  C C     . PHE A 1 85  ? -6.342  -10.800 3.459   1.00 31.00 ? 85   PHE A C     1 
ATOM   619  O O     . PHE A 1 85  ? -6.661  -11.721 2.705   1.00 29.60 ? 85   PHE A O     1 
ATOM   620  C CB    . PHE A 1 85  ? -3.823  -10.673 3.343   1.00 30.72 ? 85   PHE A CB    1 
ATOM   621  C CG    . PHE A 1 85  ? -3.472  -11.606 2.213   1.00 32.31 ? 85   PHE A CG    1 
ATOM   622  C CD1   . PHE A 1 85  ? -3.348  -11.123 0.908   1.00 32.18 ? 85   PHE A CD1   1 
ATOM   623  C CD2   . PHE A 1 85  ? -3.302  -12.973 2.440   1.00 32.98 ? 85   PHE A CD2   1 
ATOM   624  C CE1   . PHE A 1 85  ? -3.051  -11.984 -0.158  1.00 33.27 ? 85   PHE A CE1   1 
ATOM   625  C CE2   . PHE A 1 85  ? -3.004  -13.844 1.385   1.00 33.72 ? 85   PHE A CE2   1 
ATOM   626  C CZ    . PHE A 1 85  ? -2.883  -13.347 0.081   1.00 31.43 ? 85   PHE A CZ    1 
ATOM   627  N N     . SER A 1 86  ? -7.008  -10.508 4.574   1.00 30.90 ? 86   SER A N     1 
ATOM   628  C CA    . SER A 1 86  ? -8.177  -11.287 4.996   1.00 31.97 ? 86   SER A CA    1 
ATOM   629  C C     . SER A 1 86  ? -9.495  -10.641 4.587   1.00 31.72 ? 86   SER A C     1 
ATOM   630  O O     . SER A 1 86  ? -10.574 -11.226 4.790   1.00 31.15 ? 86   SER A O     1 
ATOM   631  C CB    . SER A 1 86  ? -8.165  -11.488 6.512   1.00 34.62 ? 86   SER A CB    1 
ATOM   632  O OG    . SER A 1 86  ? -7.060  -12.289 6.892   1.00 39.80 ? 86   SER A OG    1 
ATOM   633  N N     . LEU A 1 87  ? -9.422  -9.442  4.023   1.00 30.05 ? 87   LEU A N     1 
ATOM   634  C CA    . LEU A 1 87  ? -10.628 -8.756  3.584   1.00 29.15 ? 87   LEU A CA    1 
ATOM   635  C C     . LEU A 1 87  ? -11.085 -9.402  2.284   1.00 29.90 ? 87   LEU A C     1 
ATOM   636  O O     . LEU A 1 87  ? -10.279 -9.927  1.525   1.00 29.36 ? 87   LEU A O     1 
ATOM   637  C CB    . LEU A 1 87  ? -10.356 -7.262  3.369   1.00 29.24 ? 87   LEU A CB    1 
ATOM   638  C CG    . LEU A 1 87  ? -10.029 -6.470  4.645   1.00 29.94 ? 87   LEU A CG    1 
ATOM   639  C CD1   . LEU A 1 87  ? -9.744  -5.011  4.274   1.00 28.62 ? 87   LEU A CD1   1 
ATOM   640  C CD2   . LEU A 1 87  ? -11.198 -6.570  5.641   1.00 29.92 ? 87   LEU A CD2   1 
ATOM   641  N N     . ARG A 1 88  ? -12.395 -9.365  2.037   1.00 29.47 ? 88   ARG A N     1 
ATOM   642  C CA    . ARG A 1 88  ? -12.953 -9.982  0.848   1.00 29.42 ? 88   ARG A CA    1 
ATOM   643  C C     . ARG A 1 88  ? -13.863 -9.077  0.031   1.00 29.96 ? 88   ARG A C     1 
ATOM   644  O O     . ARG A 1 88  ? -14.546 -9.538  -0.880  1.00 29.74 ? 88   ARG A O     1 
ATOM   645  C CB    . ARG A 1 88  ? -13.703 -11.251 1.241   1.00 30.63 ? 88   ARG A CB    1 
ATOM   646  C CG    . ARG A 1 88  ? -12.775 -12.328 1.768   1.00 29.98 ? 88   ARG A CG    1 
ATOM   647  C CD    . ARG A 1 88  ? -11.827 -12.764 0.661   1.00 31.67 ? 88   ARG A CD    1 
ATOM   648  N NE    . ARG A 1 88  ? -10.941 -13.844 1.077   1.00 33.42 ? 88   ARG A NE    1 
ATOM   649  C CZ    . ARG A 1 88  ? -9.718  -13.681 1.579   1.00 32.83 ? 88   ARG A CZ    1 
ATOM   650  N NH1   . ARG A 1 88  ? -9.214  -12.465 1.754   1.00 31.04 ? 88   ARG A NH1   1 
ATOM   651  N NH2   . ARG A 1 88  ? -9.007  -14.737 1.922   1.00 34.94 ? 88   ARG A NH2   1 
ATOM   652  N N     . PHE A 1 89  ? -13.881 -7.798  0.361   1.00 30.15 ? 89   PHE A N     1 
ATOM   653  C CA    . PHE A 1 89  ? -14.703 -6.861  -0.391  1.00 33.09 ? 89   PHE A CA    1 
ATOM   654  C C     . PHE A 1 89  ? -14.124 -5.454  -0.374  1.00 32.03 ? 89   PHE A C     1 
ATOM   655  O O     . PHE A 1 89  ? -13.306 -5.114  0.472   1.00 33.32 ? 89   PHE A O     1 
ATOM   656  C CB    . PHE A 1 89  ? -16.135 -6.812  0.165   1.00 35.13 ? 89   PHE A CB    1 
ATOM   657  C CG    . PHE A 1 89  ? -16.879 -8.130  0.092   1.00 41.32 ? 89   PHE A CG    1 
ATOM   658  C CD1   . PHE A 1 89  ? -16.852 -9.024  1.165   1.00 41.56 ? 89   PHE A CD1   1 
ATOM   659  C CD2   . PHE A 1 89  ? -17.598 -8.481  -1.056  1.00 42.77 ? 89   PHE A CD2   1 
ATOM   660  C CE1   . PHE A 1 89  ? -17.535 -10.243 1.099   1.00 42.95 ? 89   PHE A CE1   1 
ATOM   661  C CE2   . PHE A 1 89  ? -18.286 -9.695  -1.134  1.00 42.29 ? 89   PHE A CE2   1 
ATOM   662  C CZ    . PHE A 1 89  ? -18.250 -10.580 -0.051  1.00 43.99 ? 89   PHE A CZ    1 
ATOM   663  N N     . LEU A 1 90  ? -14.539 -4.665  -1.353  1.00 32.04 ? 90   LEU A N     1 
ATOM   664  C CA    . LEU A 1 90  ? -14.148 -3.267  -1.454  1.00 31.97 ? 90   LEU A CA    1 
ATOM   665  C C     . LEU A 1 90  ? -15.492 -2.556  -1.451  1.00 31.64 ? 90   LEU A C     1 
ATOM   666  O O     . LEU A 1 90  ? -16.511 -3.148  -1.838  1.00 30.28 ? 90   LEU A O     1 
ATOM   667  C CB    . LEU A 1 90  ? -13.412 -2.975  -2.764  1.00 32.24 ? 90   LEU A CB    1 
ATOM   668  C CG    . LEU A 1 90  ? -12.006 -3.555  -2.928  1.00 32.14 ? 90   LEU A CG    1 
ATOM   669  C CD1   . LEU A 1 90  ? -11.448 -3.190  -4.306  1.00 31.80 ? 90   LEU A CD1   1 
ATOM   670  C CD2   . LEU A 1 90  ? -11.105 -3.012  -1.826  1.00 32.18 ? 90   LEU A CD2   1 
ATOM   671  N N     . ARG A 1 91  ? -15.510 -1.307  -1.010  1.00 31.01 ? 91   ARG A N     1 
ATOM   672  C CA    . ARG A 1 91  ? -16.752 -0.550  -0.997  1.00 30.45 ? 91   ARG A CA    1 
ATOM   673  C C     . ARG A 1 91  ? -16.646 0.608   -1.981  1.00 31.98 ? 91   ARG A C     1 
ATOM   674  O O     . ARG A 1 91  ? -15.673 1.363   -1.962  1.00 29.56 ? 91   ARG A O     1 
ATOM   675  C CB    . ARG A 1 91  ? -17.047 -0.011  0.411   1.00 31.55 ? 91   ARG A CB    1 
ATOM   676  C CG    . ARG A 1 91  ? -18.269 0.906   0.479   1.00 33.45 ? 91   ARG A CG    1 
ATOM   677  C CD    . ARG A 1 91  ? -18.590 1.294   1.914   1.00 34.88 ? 91   ARG A CD    1 
ATOM   678  N NE    . ARG A 1 91  ? -17.512 2.055   2.537   1.00 35.65 ? 91   ARG A NE    1 
ATOM   679  C CZ    . ARG A 1 91  ? -17.363 3.377   2.429   1.00 37.59 ? 91   ARG A CZ    1 
ATOM   680  N NH1   . ARG A 1 91  ? -18.235 4.085   1.725   1.00 37.13 ? 91   ARG A NH1   1 
ATOM   681  N NH2   . ARG A 1 91  ? -16.344 3.979   3.021   1.00 37.52 ? 91   ARG A NH2   1 
ATOM   682  N N     . GLU A 1 92  ? -17.636 0.723   -2.857  1.00 33.29 ? 92   GLU A N     1 
ATOM   683  C CA    . GLU A 1 92  ? -17.692 1.805   -3.830  1.00 36.40 ? 92   GLU A CA    1 
ATOM   684  C C     . GLU A 1 92  ? -18.235 2.994   -3.031  1.00 37.52 ? 92   GLU A C     1 
ATOM   685  O O     . GLU A 1 92  ? -19.376 2.979   -2.568  1.00 37.50 ? 92   GLU A O     1 
ATOM   686  C CB    . GLU A 1 92  ? -18.636 1.409   -4.969  1.00 39.52 ? 92   GLU A CB    1 
ATOM   687  C CG    . GLU A 1 92  ? -18.619 2.336   -6.163  1.00 45.95 ? 92   GLU A CG    1 
ATOM   688  C CD    . GLU A 1 92  ? -19.460 1.808   -7.314  1.00 49.76 ? 92   GLU A CD    1 
ATOM   689  O OE1   . GLU A 1 92  ? -19.568 2.514   -8.345  1.00 51.03 ? 92   GLU A OE1   1 
ATOM   690  O OE2   . GLU A 1 92  ? -20.005 0.688   -7.190  1.00 52.17 ? 92   GLU A OE2   1 
ATOM   691  N N     . VAL A 1 93  ? -17.410 4.023   -2.861  1.00 37.00 ? 93   VAL A N     1 
ATOM   692  C CA    . VAL A 1 93  ? -17.791 5.184   -2.063  1.00 38.47 ? 93   VAL A CA    1 
ATOM   693  C C     . VAL A 1 93  ? -19.024 5.982   -2.485  1.00 38.87 ? 93   VAL A C     1 
ATOM   694  O O     . VAL A 1 93  ? -19.794 6.427   -1.628  1.00 36.97 ? 93   VAL A O     1 
ATOM   695  C CB    . VAL A 1 93  ? -16.594 6.139   -1.914  1.00 38.93 ? 93   VAL A CB    1 
ATOM   696  C CG1   . VAL A 1 93  ? -16.989 7.370   -1.090  1.00 42.14 ? 93   VAL A CG1   1 
ATOM   697  C CG2   . VAL A 1 93  ? -15.443 5.404   -1.238  1.00 39.22 ? 93   VAL A CG2   1 
ATOM   698  N N     . VAL A 1 94  ? -19.225 6.156   -3.789  1.00 38.39 ? 94   VAL A N     1 
ATOM   699  C CA    . VAL A 1 94  ? -20.360 6.925   -4.289  1.00 39.11 ? 94   VAL A CA    1 
ATOM   700  C C     . VAL A 1 94  ? -21.741 6.387   -3.908  1.00 39.72 ? 94   VAL A C     1 
ATOM   701  O O     . VAL A 1 94  ? -22.660 7.170   -3.660  1.00 39.72 ? 94   VAL A O     1 
ATOM   702  C CB    . VAL A 1 94  ? -20.327 7.050   -5.838  1.00 40.63 ? 94   VAL A CB    1 
ATOM   703  C CG1   . VAL A 1 94  ? -20.548 5.690   -6.476  1.00 41.65 ? 94   VAL A CG1   1 
ATOM   704  C CG2   . VAL A 1 94  ? -21.397 8.019   -6.310  1.00 42.49 ? 94   VAL A CG2   1 
ATOM   705  N N     . ASN A 1 95  ? -21.892 5.067   -3.851  1.00 38.18 ? 95   ASN A N     1 
ATOM   706  C CA    . ASN A 1 95  ? -23.190 4.459   -3.543  1.00 38.90 ? 95   ASN A CA    1 
ATOM   707  C C     . ASN A 1 95  ? -23.167 3.335   -2.504  1.00 38.36 ? 95   ASN A C     1 
ATOM   708  O O     . ASN A 1 95  ? -24.174 2.653   -2.309  1.00 36.70 ? 95   ASN A O     1 
ATOM   709  C CB    . ASN A 1 95  ? -23.795 3.903   -4.826  1.00 39.61 ? 95   ASN A CB    1 
ATOM   710  C CG    . ASN A 1 95  ? -22.834 2.987   -5.560  1.00 42.35 ? 95   ASN A CG    1 
ATOM   711  O OD1   . ASN A 1 95  ? -21.912 2.426   -4.955  1.00 41.33 ? 95   ASN A OD1   1 
ATOM   712  N ND2   . ASN A 1 95  ? -23.042 2.821   -6.859  1.00 43.62 ? 95   ASN A ND2   1 
ATOM   713  N N     . ASP A 1 96  ? -22.024 3.135   -1.863  1.00 38.38 ? 96   ASP A N     1 
ATOM   714  C CA    . ASP A 1 96  ? -21.859 2.084   -0.855  1.00 39.76 ? 96   ASP A CA    1 
ATOM   715  C C     . ASP A 1 96  ? -22.053 0.660   -1.368  1.00 40.57 ? 96   ASP A C     1 
ATOM   716  O O     . ASP A 1 96  ? -22.347 -0.251  -0.587  1.00 40.79 ? 96   ASP A O     1 
ATOM   717  C CB    . ASP A 1 96  ? -22.786 2.321   0.346   1.00 41.12 ? 96   ASP A CB    1 
ATOM   718  C CG    . ASP A 1 96  ? -22.314 3.461   1.241   1.00 43.15 ? 96   ASP A CG    1 
ATOM   719  O OD1   . ASP A 1 96  ? -21.083 3.671   1.356   1.00 42.40 ? 96   ASP A OD1   1 
ATOM   720  O OD2   . ASP A 1 96  ? -23.171 4.140   1.846   1.00 45.55 ? 96   ASP A OD2   1 
ATOM   721  N N     . ASN A 1 97  ? -21.894 0.459   -2.672  1.00 40.48 ? 97   ASN A N     1 
ATOM   722  C CA    . ASN A 1 97  ? -22.024 -0.878  -3.233  1.00 41.23 ? 97   ASN A CA    1 
ATOM   723  C C     . ASN A 1 97  ? -20.795 -1.677  -2.799  1.00 40.82 ? 97   ASN A C     1 
ATOM   724  O O     . ASN A 1 97  ? -19.713 -1.119  -2.626  1.00 39.17 ? 97   ASN A O     1 
ATOM   725  C CB    . ASN A 1 97  ? -22.096 -0.829  -4.760  1.00 45.10 ? 97   ASN A CB    1 
ATOM   726  C CG    . ASN A 1 97  ? -23.444 -0.349  -5.263  1.00 49.61 ? 97   ASN A CG    1 
ATOM   727  O OD1   . ASN A 1 97  ? -23.678 -0.278  -6.474  1.00 53.35 ? 97   ASN A OD1   1 
ATOM   728  N ND2   . ASN A 1 97  ? -24.342 -0.019  -4.338  1.00 51.64 ? 97   ASN A ND2   1 
ATOM   729  N N     . ILE A 1 98  ? -20.979 -2.978  -2.625  1.00 37.63 ? 98   ILE A N     1 
ATOM   730  C CA    . ILE A 1 98  ? -19.894 -3.851  -2.196  1.00 37.57 ? 98   ILE A CA    1 
ATOM   731  C C     . ILE A 1 98  ? -19.412 -4.683  -3.376  1.00 36.81 ? 98   ILE A C     1 
ATOM   732  O O     . ILE A 1 98  ? -20.218 -5.284  -4.095  1.00 37.45 ? 98   ILE A O     1 
ATOM   733  C CB    . ILE A 1 98  ? -20.371 -4.785  -1.055  1.00 38.51 ? 98   ILE A CB    1 
ATOM   734  C CG1   . ILE A 1 98  ? -20.852 -3.949  0.140   1.00 37.64 ? 98   ILE A CG1   1 
ATOM   735  C CG2   . ILE A 1 98  ? -19.248 -5.701  -0.624  1.00 38.96 ? 98   ILE A CG2   1 
ATOM   736  C CD1   . ILE A 1 98  ? -19.788 -3.047  0.735   1.00 38.58 ? 98   ILE A CD1   1 
ATOM   737  N N     . LEU A 1 99  ? -18.099 -4.712  -3.575  1.00 34.52 ? 99   LEU A N     1 
ATOM   738  C CA    . LEU A 1 99  ? -17.493 -5.454  -4.674  1.00 33.39 ? 99   LEU A CA    1 
ATOM   739  C C     . LEU A 1 99  ? -16.572 -6.541  -4.134  1.00 33.09 ? 99   LEU A C     1 
ATOM   740  O O     . LEU A 1 99  ? -15.852 -6.320  -3.162  1.00 30.07 ? 99   LEU A O     1 
ATOM   741  C CB    . LEU A 1 99  ? -16.683 -4.507  -5.569  1.00 34.39 ? 99   LEU A CB    1 
ATOM   742  C CG    . LEU A 1 99  ? -17.412 -3.299  -6.173  1.00 35.39 ? 99   LEU A CG    1 
ATOM   743  C CD1   . LEU A 1 99  ? -16.424 -2.413  -6.919  1.00 37.39 ? 99   LEU A CD1   1 
ATOM   744  C CD2   . LEU A 1 99  ? -18.497 -3.778  -7.111  1.00 35.45 ? 99   LEU A CD2   1 
ATOM   745  N N     . PRO A 1 100 ? -16.579 -7.726  -4.759  1.00 33.04 ? 100  PRO A N     1 
ATOM   746  C CA    . PRO A 1 100 ? -15.710 -8.801  -4.273  1.00 32.40 ? 100  PRO A CA    1 
ATOM   747  C C     . PRO A 1 100 ? -14.225 -8.506  -4.482  1.00 33.00 ? 100  PRO A C     1 
ATOM   748  O O     . PRO A 1 100 ? -13.821 -7.933  -5.497  1.00 33.63 ? 100  PRO A O     1 
ATOM   749  C CB    . PRO A 1 100 ? -16.192 -10.021 -5.060  1.00 33.90 ? 100  PRO A CB    1 
ATOM   750  C CG    . PRO A 1 100 ? -16.654 -9.420  -6.359  1.00 34.28 ? 100  PRO A CG    1 
ATOM   751  C CD    . PRO A 1 100 ? -17.400 -8.182  -5.897  1.00 32.39 ? 100  PRO A CD    1 
ATOM   752  N N     . LEU A 1 101 ? -13.422 -8.891  -3.493  1.00 32.20 ? 101  LEU A N     1 
ATOM   753  C CA    . LEU A 1 101 ? -11.979 -8.703  -3.538  1.00 32.87 ? 101  LEU A CA    1 
ATOM   754  C C     . LEU A 1 101 ? -11.368 -10.079 -3.288  1.00 35.14 ? 101  LEU A C     1 
ATOM   755  O O     . LEU A 1 101 ? -11.718 -10.756 -2.324  1.00 34.94 ? 101  LEU A O     1 
ATOM   756  C CB    . LEU A 1 101 ? -11.529 -7.727  -2.444  1.00 33.77 ? 101  LEU A CB    1 
ATOM   757  C CG    . LEU A 1 101 ? -10.017 -7.516  -2.298  1.00 34.96 ? 101  LEU A CG    1 
ATOM   758  C CD1   . LEU A 1 101 ? -9.495  -6.659  -3.456  1.00 32.58 ? 101  LEU A CD1   1 
ATOM   759  C CD2   . LEU A 1 101 ? -9.719  -6.840  -0.958  1.00 32.85 ? 101  LEU A CD2   1 
ATOM   760  N N     . GLN A 1 102 ? -10.456 -10.495 -4.161  1.00 36.38 ? 102  GLN A N     1 
ATOM   761  C CA    . GLN A 1 102 ? -9.835  -11.801 -4.000  1.00 39.06 ? 102  GLN A CA    1 
ATOM   762  C C     . GLN A 1 102 ? -8.366  -11.718 -3.621  1.00 37.11 ? 102  GLN A C     1 
ATOM   763  O O     . GLN A 1 102 ? -7.647  -10.838 -4.084  1.00 37.72 ? 102  GLN A O     1 
ATOM   764  C CB    . GLN A 1 102 ? -9.974  -12.611 -5.289  1.00 43.42 ? 102  GLN A CB    1 
ATOM   765  C CG    . GLN A 1 102 ? -9.591  -14.059 -5.086  1.00 50.10 ? 102  GLN A CG    1 
ATOM   766  C CD    . GLN A 1 102 ? -10.370 -14.682 -3.946  1.00 54.08 ? 102  GLN A CD    1 
ATOM   767  O OE1   . GLN A 1 102 ? -11.576 -14.920 -4.060  1.00 58.90 ? 102  GLN A OE1   1 
ATOM   768  N NE2   . GLN A 1 102 ? -9.693  -14.934 -2.825  1.00 52.42 ? 102  GLN A NE2   1 
ATOM   769  N N     . ALA A 1 103 ? -7.924  -12.649 -2.774  1.00 35.76 ? 103  ALA A N     1 
ATOM   770  C CA    . ALA A 1 103 ? -6.534  -12.680 -2.334  1.00 36.52 ? 103  ALA A CA    1 
ATOM   771  C C     . ALA A 1 103 ? -5.748  -13.773 -3.057  1.00 36.66 ? 103  ALA A C     1 
ATOM   772  O O     . ALA A 1 103 ? -6.197  -14.917 -3.130  1.00 37.45 ? 103  ALA A O     1 
ATOM   773  C CB    . ALA A 1 103 ? -6.464  -12.904 -0.819  1.00 34.07 ? 103  ALA A CB    1 
ATOM   774  N N     . PHE A 1 104 ? -4.586  -13.420 -3.592  1.00 35.58 ? 104  PHE A N     1 
ATOM   775  C CA    . PHE A 1 104 ? -3.744  -14.397 -4.276  1.00 35.98 ? 104  PHE A CA    1 
ATOM   776  C C     . PHE A 1 104 ? -2.397  -14.476 -3.572  1.00 35.46 ? 104  PHE A C     1 
ATOM   777  O O     . PHE A 1 104 ? -1.613  -13.528 -3.602  1.00 33.96 ? 104  PHE A O     1 
ATOM   778  C CB    . PHE A 1 104 ? -3.537  -14.014 -5.742  1.00 36.74 ? 104  PHE A CB    1 
ATOM   779  C CG    . PHE A 1 104 ? -4.816  -13.820 -6.500  1.00 41.59 ? 104  PHE A CG    1 
ATOM   780  C CD1   . PHE A 1 104 ? -5.489  -12.603 -6.449  1.00 42.85 ? 104  PHE A CD1   1 
ATOM   781  C CD2   . PHE A 1 104 ? -5.367  -14.861 -7.240  1.00 42.66 ? 104  PHE A CD2   1 
ATOM   782  C CE1   . PHE A 1 104 ? -6.697  -12.426 -7.128  1.00 44.44 ? 104  PHE A CE1   1 
ATOM   783  C CE2   . PHE A 1 104 ? -6.573  -14.695 -7.919  1.00 45.22 ? 104  PHE A CE2   1 
ATOM   784  C CZ    . PHE A 1 104 ? -7.238  -13.472 -7.864  1.00 45.09 ? 104  PHE A CZ    1 
ATOM   785  N N     . PRO A 1 105 ? -2.121  -15.609 -2.910  1.00 35.70 ? 105  PRO A N     1 
ATOM   786  C CA    . PRO A 1 105 ? -0.839  -15.754 -2.204  1.00 35.29 ? 105  PRO A CA    1 
ATOM   787  C C     . PRO A 1 105 ? 0.369   -15.728 -3.135  1.00 34.07 ? 105  PRO A C     1 
ATOM   788  O O     . PRO A 1 105 ? 0.282   -16.108 -4.305  1.00 33.32 ? 105  PRO A O     1 
ATOM   789  C CB    . PRO A 1 105 ? -0.997  -17.080 -1.457  1.00 36.27 ? 105  PRO A CB    1 
ATOM   790  C CG    . PRO A 1 105 ? -2.002  -17.826 -2.274  1.00 39.16 ? 105  PRO A CG    1 
ATOM   791  C CD    . PRO A 1 105 ? -2.991  -16.767 -2.659  1.00 37.15 ? 105  PRO A CD    1 
ATOM   792  N N     . ASN A 1 106 ? 1.491   -15.253 -2.611  1.00 33.83 ? 106  ASN A N     1 
ATOM   793  C CA    . ASN A 1 106 ? 2.727   -15.171 -3.382  1.00 35.27 ? 106  ASN A CA    1 
ATOM   794  C C     . ASN A 1 106 ? 3.010   -16.566 -3.942  1.00 36.55 ? 106  ASN A C     1 
ATOM   795  O O     . ASN A 1 106 ? 2.853   -17.559 -3.234  1.00 36.61 ? 106  ASN A O     1 
ATOM   796  C CB    . ASN A 1 106 ? 3.861   -14.715 -2.463  1.00 33.59 ? 106  ASN A CB    1 
ATOM   797  C CG    . ASN A 1 106 ? 5.043   -14.149 -3.224  1.00 33.80 ? 106  ASN A CG    1 
ATOM   798  O OD1   . ASN A 1 106 ? 4.938   -13.805 -4.399  1.00 32.49 ? 106  ASN A OD1   1 
ATOM   799  N ND2   . ASN A 1 106 ? 6.177   -14.028 -2.539  1.00 34.22 ? 106  ASN A ND2   1 
ATOM   800  N N     . GLY A 1 107 ? 3.413   -16.641 -5.205  1.00 37.95 ? 107  GLY A N     1 
ATOM   801  C CA    . GLY A 1 107 ? 3.695   -17.928 -5.817  1.00 39.73 ? 107  GLY A CA    1 
ATOM   802  C C     . GLY A 1 107 ? 2.474   -18.489 -6.528  1.00 41.30 ? 107  GLY A C     1 
ATOM   803  O O     . GLY A 1 107 ? 2.479   -19.620 -7.012  1.00 42.59 ? 107  GLY A O     1 
ATOM   804  N N     . SER A 1 108 ? 1.422   -17.681 -6.594  1.00 40.90 ? 108  SER A N     1 
ATOM   805  C CA    . SER A 1 108 ? 0.182   -18.073 -7.241  1.00 40.56 ? 108  SER A CA    1 
ATOM   806  C C     . SER A 1 108 ? 0.292   -18.070 -8.768  1.00 40.74 ? 108  SER A C     1 
ATOM   807  O O     . SER A 1 108 ? 1.119   -17.362 -9.342  1.00 39.67 ? 108  SER A O     1 
ATOM   808  C CB    . SER A 1 108 ? -0.938  -17.128 -6.797  1.00 41.36 ? 108  SER A CB    1 
ATOM   809  O OG    . SER A 1 108 ? -2.065  -17.215 -7.651  1.00 44.19 ? 108  SER A OG    1 
ATOM   810  N N     . PRO A 1 109 ? -0.534  -18.886 -9.437  1.00 41.14 ? 109  PRO A N     1 
ATOM   811  C CA    . PRO A 1 109 ? -0.561  -18.987 -10.904 1.00 41.62 ? 109  PRO A CA    1 
ATOM   812  C C     . PRO A 1 109 ? -1.286  -17.779 -11.496 1.00 42.25 ? 109  PRO A C     1 
ATOM   813  O O     . PRO A 1 109 ? -1.322  -17.602 -12.711 1.00 43.29 ? 109  PRO A O     1 
ATOM   814  C CB    . PRO A 1 109 ? -1.331  -20.285 -11.148 1.00 40.90 ? 109  PRO A CB    1 
ATOM   815  C CG    . PRO A 1 109 ? -1.117  -21.063 -9.895  1.00 42.98 ? 109  PRO A CG    1 
ATOM   816  C CD    . PRO A 1 109 ? -1.266  -20.013 -8.838  1.00 41.00 ? 109  PRO A CD    1 
ATOM   817  N N     . ARG A 1 110 ? -1.880  -16.959 -10.637 1.00 42.91 ? 110  ARG A N     1 
ATOM   818  C CA    . ARG A 1 110 ? -2.593  -15.761 -11.086 1.00 43.71 ? 110  ARG A CA    1 
ATOM   819  C C     . ARG A 1 110 ? -1.625  -14.583 -10.990 1.00 42.44 ? 110  ARG A C     1 
ATOM   820  O O     . ARG A 1 110 ? -1.219  -14.185 -9.894  1.00 42.01 ? 110  ARG A O     1 
ATOM   821  C CB    . ARG A 1 110 ? -3.826  -15.512 -10.211 1.00 46.72 ? 110  ARG A CB    1 
ATOM   822  C CG    . ARG A 1 110 ? -4.662  -14.299 -10.619 1.00 52.06 ? 110  ARG A CG    1 
ATOM   823  C CD    . ARG A 1 110 ? -5.261  -14.467 -12.009 1.00 55.68 ? 110  ARG A CD    1 
ATOM   824  N NE    . ARG A 1 110 ? -5.968  -13.267 -12.454 1.00 59.64 ? 110  ARG A NE    1 
ATOM   825  C CZ    . ARG A 1 110 ? -7.191  -12.917 -12.061 1.00 60.60 ? 110  ARG A CZ    1 
ATOM   826  N NH1   . ARG A 1 110 ? -7.868  -13.676 -11.208 1.00 60.78 ? 110  ARG A NH1   1 
ATOM   827  N NH2   . ARG A 1 110 ? -7.733  -11.797 -12.522 1.00 60.44 ? 110  ARG A NH2   1 
ATOM   828  N N     . ALA A 1 111 ? -1.255  -14.037 -12.137 1.00 39.60 ? 111  ALA A N     1 
ATOM   829  C CA    . ALA A 1 111 ? -0.313  -12.929 -12.193 1.00 38.62 ? 111  ALA A CA    1 
ATOM   830  C C     . ALA A 1 111 ? -0.867  -11.640 -11.599 1.00 37.21 ? 111  ALA A C     1 
ATOM   831  O O     . ALA A 1 111 ? -2.061  -11.361 -11.679 1.00 37.45 ? 111  ALA A O     1 
ATOM   832  C CB    . ALA A 1 111 ? 0.117   -12.693 -13.636 1.00 38.52 ? 111  ALA A CB    1 
ATOM   833  N N     . PRO A 1 112 ? 0.000   -10.847 -10.954 1.00 37.15 ? 112  PRO A N     1 
ATOM   834  C CA    . PRO A 1 112 ? -0.520  -9.598  -10.391 1.00 35.79 ? 112  PRO A CA    1 
ATOM   835  C C     . PRO A 1 112 ? -0.746  -8.605  -11.532 1.00 35.59 ? 112  PRO A C     1 
ATOM   836  O O     . PRO A 1 112 ? -0.239  -8.803  -12.644 1.00 34.47 ? 112  PRO A O     1 
ATOM   837  C CB    . PRO A 1 112 ? 0.596   -9.163  -9.438  1.00 36.30 ? 112  PRO A CB    1 
ATOM   838  C CG    . PRO A 1 112 ? 1.827   -9.734  -10.068 1.00 37.07 ? 112  PRO A CG    1 
ATOM   839  C CD    . PRO A 1 112 ? 1.386   -11.096 -10.530 1.00 36.08 ? 112  PRO A CD    1 
ATOM   840  N N     . VAL A 1 113 ? -1.508  -7.557  -11.270 1.00 33.33 ? 113  VAL A N     1 
ATOM   841  C CA    . VAL A 1 113 ? -1.779  -6.556  -12.296 1.00 32.72 ? 113  VAL A CA    1 
ATOM   842  C C     . VAL A 1 113 ? -1.557  -5.164  -11.720 1.00 33.51 ? 113  VAL A C     1 
ATOM   843  O O     . VAL A 1 113 ? -1.501  -4.989  -10.502 1.00 33.67 ? 113  VAL A O     1 
ATOM   844  C CB    . VAL A 1 113 ? -3.225  -6.665  -12.821 1.00 32.91 ? 113  VAL A CB    1 
ATOM   845  C CG1   . VAL A 1 113 ? -3.482  -8.075  -13.365 1.00 33.44 ? 113  VAL A CG1   1 
ATOM   846  C CG2   . VAL A 1 113 ? -4.219  -6.329  -11.708 1.00 31.25 ? 113  VAL A CG2   1 
ATOM   847  N N     . ALA A 1 114 ? -1.418  -4.178  -12.602 1.00 33.80 ? 114  ALA A N     1 
ATOM   848  C CA    . ALA A 1 114 ? -1.225  -2.802  -12.179 1.00 35.27 ? 114  ALA A CA    1 
ATOM   849  C C     . ALA A 1 114 ? -2.442  -2.380  -11.359 1.00 34.54 ? 114  ALA A C     1 
ATOM   850  O O     . ALA A 1 114 ? -3.579  -2.667  -11.743 1.00 35.22 ? 114  ALA A O     1 
ATOM   851  C CB    . ALA A 1 114 ? -1.069  -1.892  -13.393 1.00 35.56 ? 114  ALA A CB    1 
ATOM   852  N N     . GLY A 1 115 ? -2.191  -1.720  -10.232 1.00 34.81 ? 115  GLY A N     1 
ATOM   853  C CA    . GLY A 1 115 ? -3.277  -1.259  -9.384  1.00 33.11 ? 115  GLY A CA    1 
ATOM   854  C C     . GLY A 1 115 ? -3.638  -2.194  -8.245  1.00 34.81 ? 115  GLY A C     1 
ATOM   855  O O     . GLY A 1 115 ? -4.435  -1.836  -7.374  1.00 34.62 ? 115  GLY A O     1 
ATOM   856  N N     . ALA A 1 116 ? -3.045  -3.382  -8.239  1.00 32.62 ? 116  ALA A N     1 
ATOM   857  C CA    . ALA A 1 116 ? -3.329  -4.373  -7.207  1.00 31.54 ? 116  ALA A CA    1 
ATOM   858  C C     . ALA A 1 116 ? -2.672  -4.073  -5.861  1.00 29.92 ? 116  ALA A C     1 
ATOM   859  O O     . ALA A 1 116 ? -1.590  -3.502  -5.796  1.00 28.95 ? 116  ALA A O     1 
ATOM   860  C CB    . ALA A 1 116 ? -2.888  -5.762  -7.688  1.00 32.93 ? 116  ALA A CB    1 
ATOM   861  N N     . LEU A 1 117 ? -3.350  -4.461  -4.786  1.00 29.61 ? 117  LEU A N     1 
ATOM   862  C CA    . LEU A 1 117 ? -2.823  -4.287  -3.440  1.00 29.19 ? 117  LEU A CA    1 
ATOM   863  C C     . LEU A 1 117 ? -1.802  -5.406  -3.197  1.00 30.07 ? 117  LEU A C     1 
ATOM   864  O O     . LEU A 1 117 ? -2.050  -6.554  -3.558  1.00 30.49 ? 117  LEU A O     1 
ATOM   865  C CB    . LEU A 1 117 ? -3.948  -4.408  -2.411  1.00 32.15 ? 117  LEU A CB    1 
ATOM   866  C CG    . LEU A 1 117 ? -4.971  -3.266  -2.333  1.00 34.60 ? 117  LEU A CG    1 
ATOM   867  C CD1   . LEU A 1 117 ? -6.175  -3.694  -1.487  1.00 34.78 ? 117  LEU A CD1   1 
ATOM   868  C CD2   . LEU A 1 117 ? -4.298  -2.032  -1.738  1.00 33.64 ? 117  LEU A CD2   1 
ATOM   869  N N     . LEU A 1 118 ? -0.660  -5.069  -2.610  1.00 27.59 ? 118  LEU A N     1 
ATOM   870  C CA    . LEU A 1 118 ? 0.359   -6.070  -2.301  1.00 28.02 ? 118  LEU A CA    1 
ATOM   871  C C     . LEU A 1 118 ? 0.508   -6.037  -0.785  1.00 28.44 ? 118  LEU A C     1 
ATOM   872  O O     . LEU A 1 118 ? 0.827   -5.001  -0.212  1.00 27.57 ? 118  LEU A O     1 
ATOM   873  C CB    . LEU A 1 118 ? 1.691   -5.727  -2.975  1.00 29.08 ? 118  LEU A CB    1 
ATOM   874  C CG    . LEU A 1 118 ? 2.835   -6.733  -2.781  1.00 28.97 ? 118  LEU A CG    1 
ATOM   875  C CD1   . LEU A 1 118 ? 2.420   -8.115  -3.311  1.00 28.18 ? 118  LEU A CD1   1 
ATOM   876  C CD2   . LEU A 1 118 ? 4.082   -6.224  -3.513  1.00 30.29 ? 118  LEU A CD2   1 
ATOM   877  N N     . ILE A 1 119 ? 0.269   -7.181  -0.143  1.00 27.99 ? 119  ILE A N     1 
ATOM   878  C CA    . ILE A 1 119 ? 0.327   -7.252  1.311   1.00 27.81 ? 119  ILE A CA    1 
ATOM   879  C C     . ILE A 1 119 ? 1.500   -8.047  1.881   1.00 28.72 ? 119  ILE A C     1 
ATOM   880  O O     . ILE A 1 119 ? 1.849   -9.111  1.361   1.00 28.67 ? 119  ILE A O     1 
ATOM   881  C CB    . ILE A 1 119 ? -0.971  -7.895  1.881   1.00 27.16 ? 119  ILE A CB    1 
ATOM   882  C CG1   . ILE A 1 119 ? -2.198  -7.365  1.126   1.00 27.85 ? 119  ILE A CG1   1 
ATOM   883  C CG2   . ILE A 1 119 ? -1.086  -7.611  3.378   1.00 26.64 ? 119  ILE A CG2   1 
ATOM   884  C CD1   . ILE A 1 119 ? -2.425  -5.853  1.250   1.00 28.10 ? 119  ILE A CD1   1 
ATOM   885  N N     . TRP A 1 120 ? 2.092   -7.527  2.951   1.00 28.68 ? 120  TRP A N     1 
ATOM   886  C CA    . TRP A 1 120 ? 3.190   -8.181  3.659   1.00 30.32 ? 120  TRP A CA    1 
ATOM   887  C C     . TRP A 1 120 ? 2.643   -8.650  5.001   1.00 31.42 ? 120  TRP A C     1 
ATOM   888  O O     . TRP A 1 120 ? 1.831   -7.968  5.625   1.00 27.58 ? 120  TRP A O     1 
ATOM   889  C CB    . TRP A 1 120 ? 4.334   -7.214  3.959   1.00 29.49 ? 120  TRP A CB    1 
ATOM   890  C CG    . TRP A 1 120 ? 5.321   -7.019  2.866   1.00 31.21 ? 120  TRP A CG    1 
ATOM   891  C CD1   . TRP A 1 120 ? 6.583   -7.547  2.791   1.00 32.04 ? 120  TRP A CD1   1 
ATOM   892  C CD2   . TRP A 1 120 ? 5.164   -6.182  1.715   1.00 30.82 ? 120  TRP A CD2   1 
ATOM   893  N NE1   . TRP A 1 120 ? 7.224   -7.080  1.663   1.00 31.07 ? 120  TRP A NE1   1 
ATOM   894  C CE2   . TRP A 1 120 ? 6.377   -6.238  0.985   1.00 31.96 ? 120  TRP A CE2   1 
ATOM   895  C CE3   . TRP A 1 120 ? 4.118   -5.386  1.226   1.00 29.87 ? 120  TRP A CE3   1 
ATOM   896  C CZ2   . TRP A 1 120 ? 6.574   -5.527  -0.200  1.00 30.75 ? 120  TRP A CZ2   1 
ATOM   897  C CZ3   . TRP A 1 120 ? 4.310   -4.674  0.043   1.00 28.17 ? 120  TRP A CZ3   1 
ATOM   898  C CH2   . TRP A 1 120 ? 5.527   -4.751  -0.661  1.00 29.97 ? 120  TRP A CH2   1 
ATOM   899  N N     . ASP A 1 121 ? 3.096   -9.812  5.448   1.00 34.25 ? 121  ASP A N     1 
ATOM   900  C CA    . ASP A 1 121 ? 2.672   -10.318 6.748   1.00 36.37 ? 121  ASP A CA    1 
ATOM   901  C C     . ASP A 1 121 ? 3.584   -9.607  7.741   1.00 37.85 ? 121  ASP A C     1 
ATOM   902  O O     . ASP A 1 121 ? 4.604   -9.026  7.348   1.00 34.47 ? 121  ASP A O     1 
ATOM   903  C CB    . ASP A 1 121 ? 2.905   -11.827 6.843   1.00 38.84 ? 121  ASP A CB    1 
ATOM   904  C CG    . ASP A 1 121 ? 2.215   -12.447 8.043   1.00 40.80 ? 121  ASP A CG    1 
ATOM   905  O OD1   . ASP A 1 121 ? 1.595   -11.697 8.820   1.00 40.64 ? 121  ASP A OD1   1 
ATOM   906  O OD2   . ASP A 1 121 ? 2.288   -13.683 8.206   1.00 43.37 ? 121  ASP A OD2   1 
ATOM   907  N N     . LYS A 1 122 ? 3.219   -9.631  9.018   1.00 39.41 ? 122  LYS A N     1 
ATOM   908  C CA    . LYS A 1 122 ? 4.064   -9.018  10.033  1.00 42.73 ? 122  LYS A CA    1 
ATOM   909  C C     . LYS A 1 122 ? 5.339   -9.858  10.023  1.00 42.96 ? 122  LYS A C     1 
ATOM   910  O O     . LYS A 1 122 ? 5.295   -11.039 9.678   1.00 42.18 ? 122  LYS A O     1 
ATOM   911  C CB    . LYS A 1 122 ? 3.382   -9.078  11.407  1.00 45.12 ? 122  LYS A CB    1 
ATOM   912  C CG    . LYS A 1 122 ? 2.816   -10.443 11.768  1.00 49.10 ? 122  LYS A CG    1 
ATOM   913  C CD    . LYS A 1 122 ? 2.160   -10.431 13.144  1.00 53.03 ? 122  LYS A CD    1 
ATOM   914  C CE    . LYS A 1 122 ? 1.595   -11.802 13.492  1.00 54.67 ? 122  LYS A CE    1 
ATOM   915  N NZ    . LYS A 1 122 ? 1.152   -11.888 14.910  1.00 56.66 ? 122  LYS A NZ    1 
ATOM   916  N N     . GLY A 1 123 ? 6.470   -9.244  10.360  1.00 43.80 ? 123  GLY A N     1 
ATOM   917  C CA    . GLY A 1 123 ? 7.727   -9.972  10.367  1.00 44.63 ? 123  GLY A CA    1 
ATOM   918  C C     . GLY A 1 123 ? 8.890   -9.174  9.799   1.00 45.80 ? 123  GLY A C     1 
ATOM   919  O O     . GLY A 1 123 ? 8.713   -8.335  8.908   1.00 44.54 ? 123  GLY A O     1 
ATOM   920  N N     . GLY A 1 124 ? 10.086  -9.442  10.319  1.00 45.67 ? 124  GLY A N     1 
ATOM   921  C CA    . GLY A 1 124 ? 11.276  -8.744  9.860   1.00 44.95 ? 124  GLY A CA    1 
ATOM   922  C C     . GLY A 1 124 ? 11.146  -7.233  9.924   1.00 43.72 ? 124  GLY A C     1 
ATOM   923  O O     . GLY A 1 124 ? 10.672  -6.681  10.918  1.00 43.49 ? 124  GLY A O     1 
ATOM   924  N N     . GLU A 1 125 ? 11.566  -6.568  8.855   1.00 44.67 ? 125  GLU A N     1 
ATOM   925  C CA    . GLU A 1 125 ? 11.505  -5.111  8.761   1.00 45.34 ? 125  GLU A CA    1 
ATOM   926  C C     . GLU A 1 125 ? 10.111  -4.560  9.074   1.00 44.98 ? 125  GLU A C     1 
ATOM   927  O O     . GLU A 1 125 ? 9.974   -3.422  9.524   1.00 43.33 ? 125  GLU A O     1 
ATOM   928  C CB    . GLU A 1 125 ? 11.928  -4.667  7.357   1.00 48.66 ? 125  GLU A CB    1 
ATOM   929  C CG    . GLU A 1 125 ? 11.934  -3.159  7.142   1.00 53.31 ? 125  GLU A CG    1 
ATOM   930  C CD    . GLU A 1 125 ? 13.139  -2.477  7.766   1.00 57.51 ? 125  GLU A CD    1 
ATOM   931  O OE1   . GLU A 1 125 ? 13.155  -1.227  7.813   1.00 59.28 ? 125  GLU A OE1   1 
ATOM   932  O OE2   . GLU A 1 125 ? 14.074  -3.189  8.199   1.00 59.12 ? 125  GLU A OE2   1 
ATOM   933  N N     . PHE A 1 126 ? 9.076   -5.366  8.836   1.00 44.34 ? 126  PHE A N     1 
ATOM   934  C CA    . PHE A 1 126 ? 7.699   -4.938  9.087   1.00 45.46 ? 126  PHE A CA    1 
ATOM   935  C C     . PHE A 1 126 ? 7.145   -5.579  10.357  1.00 47.94 ? 126  PHE A C     1 
ATOM   936  O O     . PHE A 1 126 ? 5.974   -5.951  10.418  1.00 48.03 ? 126  PHE A O     1 
ATOM   937  C CB    . PHE A 1 126 ? 6.822   -5.303  7.886   1.00 42.14 ? 126  PHE A CB    1 
ATOM   938  C CG    . PHE A 1 126 ? 7.309   -4.709  6.588   1.00 41.49 ? 126  PHE A CG    1 
ATOM   939  C CD1   . PHE A 1 126 ? 7.250   -5.437  5.408   1.00 40.65 ? 126  PHE A CD1   1 
ATOM   940  C CD2   . PHE A 1 126 ? 7.834   -3.421  6.552   1.00 42.84 ? 126  PHE A CD2   1 
ATOM   941  C CE1   . PHE A 1 126 ? 7.720   -4.892  4.207   1.00 40.79 ? 126  PHE A CE1   1 
ATOM   942  C CE2   . PHE A 1 126 ? 8.309   -2.870  5.356   1.00 42.35 ? 126  PHE A CE2   1 
ATOM   943  C CZ    . PHE A 1 126 ? 8.251   -3.606  4.186   1.00 40.08 ? 126  PHE A CZ    1 
ATOM   944  N N     . LYS A 1 127 ? 8.011   -5.681  11.362  1.00 49.27 ? 127  LYS A N     1 
ATOM   945  C CA    . LYS A 1 127 ? 7.696   -6.269  12.662  1.00 52.07 ? 127  LYS A CA    1 
ATOM   946  C C     . LYS A 1 127 ? 6.301   -6.860  12.857  1.00 51.71 ? 127  LYS A C     1 
ATOM   947  O O     . LYS A 1 127 ? 6.027   -7.960  12.394  1.00 53.78 ? 127  LYS A O     1 
ATOM   948  C CB    . LYS A 1 127 ? 7.994   -5.265  13.783  1.00 55.44 ? 127  LYS A CB    1 
ATOM   949  C CG    . LYS A 1 127 ? 7.676   -5.787  15.192  1.00 59.03 ? 127  LYS A CG    1 
ATOM   950  C CD    . LYS A 1 127 ? 8.242   -7.191  15.432  1.00 60.77 ? 127  LYS A CD    1 
ATOM   951  C CE    . LYS A 1 127 ? 9.756   -7.178  15.583  1.00 62.14 ? 127  LYS A CE    1 
ATOM   952  N NZ    . LYS A 1 127 ? 10.174  -6.515  16.852  1.00 63.74 ? 127  LYS A NZ    1 
ATOM   953  N N     . ASP A 1 128 ? 5.414   -6.140  13.546  1.00 50.11 ? 128  ASP A N     1 
ATOM   954  C CA    . ASP A 1 128 ? 4.083   -6.675  13.800  1.00 49.98 ? 128  ASP A CA    1 
ATOM   955  C C     . ASP A 1 128 ? 2.940   -5.954  13.094  1.00 47.58 ? 128  ASP A C     1 
ATOM   956  O O     . ASP A 1 128 ? 1.771   -6.235  13.355  1.00 48.08 ? 128  ASP A O     1 
ATOM   957  C CB    . ASP A 1 128 ? 3.817   -6.700  15.306  1.00 54.96 ? 128  ASP A CB    1 
ATOM   958  C CG    . ASP A 1 128 ? 3.886   -5.323  15.935  1.00 58.94 ? 128  ASP A CG    1 
ATOM   959  O OD1   . ASP A 1 128 ? 4.943   -4.667  15.824  1.00 62.30 ? 128  ASP A OD1   1 
ATOM   960  O OD2   . ASP A 1 128 ? 2.882   -4.894  16.539  1.00 62.88 ? 128  ASP A OD2   1 
ATOM   961  N N     . THR A 1 129 ? 3.271   -5.039  12.194  1.00 43.37 ? 129  THR A N     1 
ATOM   962  C CA    . THR A 1 129 ? 2.246   -4.300  11.472  1.00 40.41 ? 129  THR A CA    1 
ATOM   963  C C     . THR A 1 129 ? 2.043   -4.877  10.076  1.00 37.89 ? 129  THR A C     1 
ATOM   964  O O     . THR A 1 129 ? 0.939   -4.833  9.523   1.00 36.68 ? 129  THR A O     1 
ATOM   965  C CB    . THR A 1 129 ? 2.639   -2.825  11.296  1.00 40.48 ? 129  THR A CB    1 
ATOM   966  O OG1   . THR A 1 129 ? 3.840   -2.745  10.516  1.00 40.65 ? 129  THR A OG1   1 
ATOM   967  C CG2   . THR A 1 129 ? 2.883   -2.164  12.641  1.00 42.02 ? 129  THR A CG2   1 
ATOM   968  N N     . GLY A 1 130 ? 3.105   -5.431  9.514   1.00 35.15 ? 130  GLY A N     1 
ATOM   969  C CA    . GLY A 1 130 ? 3.015   -5.945  8.163   1.00 32.18 ? 130  GLY A CA    1 
ATOM   970  C C     . GLY A 1 130 ? 3.119   -4.708  7.283   1.00 31.69 ? 130  GLY A C     1 
ATOM   971  O O     . GLY A 1 130 ? 3.563   -3.657  7.746   1.00 29.51 ? 130  GLY A O     1 
ATOM   972  N N     . HIS A 1 131 ? 2.697   -4.806  6.030   1.00 30.36 ? 131  HIS A N     1 
ATOM   973  C CA    . HIS A 1 131 ? 2.787   -3.660  5.132   1.00 29.47 ? 131  HIS A CA    1 
ATOM   974  C C     . HIS A 1 131 ? 1.852   -3.822  3.944   1.00 29.57 ? 131  HIS A C     1 
ATOM   975  O O     . HIS A 1 131 ? 1.354   -4.921  3.665   1.00 27.55 ? 131  HIS A O     1 
ATOM   976  C CB    . HIS A 1 131 ? 4.241   -3.499  4.657   1.00 30.83 ? 131  HIS A CB    1 
ATOM   977  C CG    . HIS A 1 131 ? 4.469   -2.342  3.739   1.00 31.90 ? 131  HIS A CG    1 
ATOM   978  N ND1   . HIS A 1 131 ? 4.141   -1.035  4.069   1.00 30.63 ? 131  HIS A ND1   1 
ATOM   979  C CD2   . HIS A 1 131 ? 5.032   -2.271  2.502   1.00 31.77 ? 131  HIS A CD2   1 
ATOM   980  C CE1   . HIS A 1 131 ? 4.486   -0.231  3.087   1.00 30.72 ? 131  HIS A CE1   1 
ATOM   981  N NE2   . HIS A 1 131 ? 5.031   -0.956  2.120   1.00 32.35 ? 131  HIS A NE2   1 
ATOM   982  N N     . VAL A 1 132 ? 1.590   -2.708  3.262   1.00 27.89 ? 132  VAL A N     1 
ATOM   983  C CA    . VAL A 1 132 ? 0.751   -2.739  2.073   1.00 25.52 ? 132  VAL A CA    1 
ATOM   984  C C     . VAL A 1 132 ? 1.266   -1.708  1.076   1.00 27.29 ? 132  VAL A C     1 
ATOM   985  O O     . VAL A 1 132 ? 1.653   -0.595  1.451   1.00 24.91 ? 132  VAL A O     1 
ATOM   986  C CB    . VAL A 1 132 ? -0.742  -2.465  2.400   1.00 25.85 ? 132  VAL A CB    1 
ATOM   987  C CG1   . VAL A 1 132 ? -0.900  -1.124  3.110   1.00 24.68 ? 132  VAL A CG1   1 
ATOM   988  C CG2   . VAL A 1 132 ? -1.563  -2.490  1.104   1.00 23.98 ? 132  VAL A CG2   1 
ATOM   989  N N     . ALA A 1 133 ? 1.299   -2.098  -0.189  1.00 26.47 ? 133  ALA A N     1 
ATOM   990  C CA    . ALA A 1 133 ? 1.756   -1.203  -1.256  1.00 27.63 ? 133  ALA A CA    1 
ATOM   991  C C     . ALA A 1 133 ? 0.822   -1.393  -2.438  1.00 27.33 ? 133  ALA A C     1 
ATOM   992  O O     . ALA A 1 133 ? -0.020  -2.293  -2.436  1.00 26.66 ? 133  ALA A O     1 
ATOM   993  C CB    . ALA A 1 133 ? 3.190   -1.549  -1.667  1.00 25.48 ? 133  ALA A CB    1 
ATOM   994  N N     . ILE A 1 134 ? 0.956   -0.521  -3.423  1.00 27.25 ? 134  ILE A N     1 
ATOM   995  C CA    . ILE A 1 134 ? 0.143   -0.631  -4.628  1.00 27.15 ? 134  ILE A CA    1 
ATOM   996  C C     . ILE A 1 134 ? 1.104   -1.029  -5.743  1.00 29.07 ? 134  ILE A C     1 
ATOM   997  O O     . ILE A 1 134 ? 2.154   -0.409  -5.917  1.00 27.98 ? 134  ILE A O     1 
ATOM   998  C CB    . ILE A 1 134 ? -0.502  0.719   -5.007  1.00 28.63 ? 134  ILE A CB    1 
ATOM   999  C CG1   . ILE A 1 134 ? -1.446  1.192   -3.901  1.00 28.68 ? 134  ILE A CG1   1 
ATOM   1000 C CG2   . ILE A 1 134 ? -1.224  0.581   -6.348  1.00 28.15 ? 134  ILE A CG2   1 
ATOM   1001 C CD1   . ILE A 1 134 ? -2.591  0.244   -3.596  1.00 29.36 ? 134  ILE A CD1   1 
ATOM   1002 N N     . ILE A 1 135 ? 0.770   -2.071  -6.496  1.00 29.70 ? 135  ILE A N     1 
ATOM   1003 C CA    . ILE A 1 135 ? 1.630   -2.447  -7.612  1.00 30.22 ? 135  ILE A CA    1 
ATOM   1004 C C     . ILE A 1 135 ? 1.267   -1.472  -8.736  1.00 30.78 ? 135  ILE A C     1 
ATOM   1005 O O     . ILE A 1 135 ? 0.105   -1.360  -9.119  1.00 31.35 ? 135  ILE A O     1 
ATOM   1006 C CB    . ILE A 1 135 ? 1.382   -3.899  -8.054  1.00 30.29 ? 135  ILE A CB    1 
ATOM   1007 C CG1   . ILE A 1 135 ? 1.856   -4.849  -6.949  1.00 30.86 ? 135  ILE A CG1   1 
ATOM   1008 C CG2   . ILE A 1 135 ? 2.119   -4.175  -9.368  1.00 31.68 ? 135  ILE A CG2   1 
ATOM   1009 C CD1   . ILE A 1 135 ? 1.584   -6.311  -7.217  1.00 33.52 ? 135  ILE A CD1   1 
ATOM   1010 N N     . THR A 1 136 ? 2.256   -0.763  -9.258  1.00 30.91 ? 136  THR A N     1 
ATOM   1011 C CA    . THR A 1 136 ? 1.991   0.228   -10.303 1.00 33.91 ? 136  THR A CA    1 
ATOM   1012 C C     . THR A 1 136 ? 2.379   -0.173  -11.725 1.00 35.83 ? 136  THR A C     1 
ATOM   1013 O O     . THR A 1 136 ? 1.750   0.270   -12.685 1.00 35.74 ? 136  THR A O     1 
ATOM   1014 C CB    . THR A 1 136 ? 2.706   1.551   -10.000 1.00 34.22 ? 136  THR A CB    1 
ATOM   1015 O OG1   . THR A 1 136 ? 4.114   1.307   -9.898  1.00 33.79 ? 136  THR A OG1   1 
ATOM   1016 C CG2   . THR A 1 136 ? 2.185   2.170   -8.692  1.00 35.22 ? 136  THR A CG2   1 
ATOM   1017 N N     . GLN A 1 137 ? 3.417   -0.989  -11.867 1.00 36.56 ? 137  GLN A N     1 
ATOM   1018 C CA    . GLN A 1 137 ? 3.856   -1.412  -13.192 1.00 39.77 ? 137  GLN A CA    1 
ATOM   1019 C C     . GLN A 1 137 ? 4.340   -2.848  -13.174 1.00 40.65 ? 137  GLN A C     1 
ATOM   1020 O O     . GLN A 1 137 ? 4.954   -3.293  -12.207 1.00 40.64 ? 137  GLN A O     1 
ATOM   1021 C CB    . GLN A 1 137 ? 5.010   -0.533  -13.689 1.00 41.42 ? 137  GLN A CB    1 
ATOM   1022 C CG    . GLN A 1 137 ? 4.763   0.965   -13.667 1.00 44.11 ? 137  GLN A CG    1 
ATOM   1023 C CD    . GLN A 1 137 ? 6.016   1.752   -14.012 1.00 46.47 ? 137  GLN A CD    1 
ATOM   1024 O OE1   . GLN A 1 137 ? 6.021   2.984   -13.998 1.00 46.80 ? 137  GLN A OE1   1 
ATOM   1025 N NE2   . GLN A 1 137 ? 7.096   1.038   -14.326 1.00 45.74 ? 137  GLN A NE2   1 
ATOM   1026 N N     . LEU A 1 138 ? 4.067   -3.566  -14.255 1.00 41.76 ? 138  LEU A N     1 
ATOM   1027 C CA    . LEU A 1 138 ? 4.493   -4.948  -14.400 1.00 45.01 ? 138  LEU A CA    1 
ATOM   1028 C C     . LEU A 1 138 ? 5.464   -5.028  -15.570 1.00 46.87 ? 138  LEU A C     1 
ATOM   1029 O O     . LEU A 1 138 ? 5.195   -4.494  -16.648 1.00 43.66 ? 138  LEU A O     1 
ATOM   1030 C CB    . LEU A 1 138 ? 3.295   -5.862  -14.676 1.00 47.13 ? 138  LEU A CB    1 
ATOM   1031 C CG    . LEU A 1 138 ? 2.331   -6.190  -13.531 1.00 48.90 ? 138  LEU A CG    1 
ATOM   1032 C CD1   . LEU A 1 138 ? 3.071   -6.976  -12.464 1.00 50.46 ? 138  LEU A CD1   1 
ATOM   1033 C CD2   . LEU A 1 138 ? 1.748   -4.913  -12.954 1.00 50.19 ? 138  LEU A CD2   1 
ATOM   1034 N N     . HIS A 1 139 ? 6.590   -5.690  -15.348 1.00 49.74 ? 139  HIS A N     1 
ATOM   1035 C CA    . HIS A 1 139 ? 7.599   -5.863  -16.381 1.00 53.09 ? 139  HIS A CA    1 
ATOM   1036 C C     . HIS A 1 139 ? 8.005   -7.326  -16.438 1.00 54.56 ? 139  HIS A C     1 
ATOM   1037 O O     . HIS A 1 139 ? 7.539   -8.142  -15.640 1.00 53.98 ? 139  HIS A O     1 
ATOM   1038 C CB    . HIS A 1 139 ? 8.821   -4.993  -16.085 1.00 54.97 ? 139  HIS A CB    1 
ATOM   1039 C CG    . HIS A 1 139 ? 8.546   -3.529  -16.182 1.00 56.83 ? 139  HIS A CG    1 
ATOM   1040 N ND1   . HIS A 1 139 ? 8.180   -2.917  -17.359 1.00 58.10 ? 139  HIS A ND1   1 
ATOM   1041 C CD2   . HIS A 1 139 ? 8.561   -2.547  -15.243 1.00 58.53 ? 139  HIS A CD2   1 
ATOM   1042 C CE1   . HIS A 1 139 ? 7.976   -1.628  -17.148 1.00 59.92 ? 139  HIS A CE1   1 
ATOM   1043 N NE2   . HIS A 1 139 ? 8.205   -1.380  -15.862 1.00 58.87 ? 139  HIS A NE2   1 
ATOM   1044 N N     . GLY A 1 140 ? 8.874   -7.651  -17.386 1.00 55.32 ? 140  GLY A N     1 
ATOM   1045 C CA    . GLY A 1 140 ? 9.320   -9.020  -17.542 1.00 55.50 ? 140  GLY A CA    1 
ATOM   1046 C C     . GLY A 1 140 ? 9.659   -9.747  -16.255 1.00 54.58 ? 140  GLY A C     1 
ATOM   1047 O O     . GLY A 1 140 ? 9.089   -10.802 -15.963 1.00 54.99 ? 140  GLY A O     1 
ATOM   1048 N N     . ASN A 1 141 ? 10.578  -9.189  -15.481 1.00 53.07 ? 141  ASN A N     1 
ATOM   1049 C CA    . ASN A 1 141 ? 10.996  -9.832  -14.246 1.00 52.14 ? 141  ASN A CA    1 
ATOM   1050 C C     . ASN A 1 141 ? 10.978  -8.902  -13.041 1.00 50.16 ? 141  ASN A C     1 
ATOM   1051 O O     . ASN A 1 141 ? 11.618  -9.173  -12.029 1.00 48.39 ? 141  ASN A O     1 
ATOM   1052 C CB    . ASN A 1 141 ? 12.396  -10.414 -14.435 1.00 55.58 ? 141  ASN A CB    1 
ATOM   1053 C CG    . ASN A 1 141 ? 13.368  -9.395  -14.996 1.00 58.97 ? 141  ASN A CG    1 
ATOM   1054 O OD1   . ASN A 1 141 ? 13.671  -8.392  -14.350 1.00 61.26 ? 141  ASN A OD1   1 
ATOM   1055 N ND2   . ASN A 1 141 ? 13.852  -9.645  -16.209 1.00 61.65 ? 141  ASN A ND2   1 
ATOM   1056 N N     . LYS A 1 142 ? 10.251  -7.803  -13.149 1.00 48.66 ? 142  LYS A N     1 
ATOM   1057 C CA    . LYS A 1 142 ? 10.172  -6.880  -12.032 1.00 47.96 ? 142  LYS A CA    1 
ATOM   1058 C C     . LYS A 1 142 ? 8.858   -6.127  -12.012 1.00 45.67 ? 142  LYS A C     1 
ATOM   1059 O O     . LYS A 1 142 ? 8.200   -5.954  -13.043 1.00 43.80 ? 142  LYS A O     1 
ATOM   1060 C CB    . LYS A 1 142 ? 11.332  -5.883  -12.074 1.00 50.20 ? 142  LYS A CB    1 
ATOM   1061 C CG    . LYS A 1 142 ? 11.284  -4.918  -13.235 1.00 52.26 ? 142  LYS A CG    1 
ATOM   1062 C CD    . LYS A 1 142 ? 12.473  -3.975  -13.211 1.00 55.22 ? 142  LYS A CD    1 
ATOM   1063 C CE    . LYS A 1 142 ? 12.403  -2.963  -14.350 1.00 57.95 ? 142  LYS A CE    1 
ATOM   1064 N NZ    . LYS A 1 142 ? 13.601  -2.071  -14.369 1.00 59.84 ? 142  LYS A NZ    1 
ATOM   1065 N N     . VAL A 1 143 ? 8.470   -5.705  -10.819 1.00 42.62 ? 143  VAL A N     1 
ATOM   1066 C CA    . VAL A 1 143 ? 7.256   -4.938  -10.642 1.00 39.89 ? 143  VAL A CA    1 
ATOM   1067 C C     . VAL A 1 143 ? 7.645   -3.699  -9.864  1.00 38.44 ? 143  VAL A C     1 
ATOM   1068 O O     . VAL A 1 143 ? 8.523   -3.741  -9.007  1.00 39.33 ? 143  VAL A O     1 
ATOM   1069 C CB    . VAL A 1 143 ? 6.186   -5.714  -9.837  1.00 40.74 ? 143  VAL A CB    1 
ATOM   1070 C CG1   . VAL A 1 143 ? 5.845   -7.017  -10.549 1.00 42.92 ? 143  VAL A CG1   1 
ATOM   1071 C CG2   . VAL A 1 143 ? 6.687   -5.989  -8.428  1.00 41.31 ? 143  VAL A CG2   1 
ATOM   1072 N N     . ARG A 1 144 ? 7.011   -2.585  -10.191 1.00 35.19 ? 144  ARG A N     1 
ATOM   1073 C CA    . ARG A 1 144 ? 7.286   -1.357  -9.481  1.00 34.77 ? 144  ARG A CA    1 
ATOM   1074 C C     . ARG A 1 144 ? 6.084   -1.113  -8.578  1.00 31.72 ? 144  ARG A C     1 
ATOM   1075 O O     . ARG A 1 144 ? 4.944   -1.357  -8.968  1.00 30.24 ? 144  ARG A O     1 
ATOM   1076 C CB    . ARG A 1 144 ? 7.500   -0.216  -10.475 1.00 37.01 ? 144  ARG A CB    1 
ATOM   1077 C CG    . ARG A 1 144 ? 8.765   -0.432  -11.279 1.00 42.50 ? 144  ARG A CG    1 
ATOM   1078 C CD    . ARG A 1 144 ? 9.038   0.669   -12.270 1.00 48.43 ? 144  ARG A CD    1 
ATOM   1079 N NE    . ARG A 1 144 ? 10.317  0.447   -12.942 1.00 51.87 ? 144  ARG A NE    1 
ATOM   1080 C CZ    . ARG A 1 144 ? 10.794  1.220   -13.908 1.00 55.29 ? 144  ARG A CZ    1 
ATOM   1081 N NH1   . ARG A 1 144 ? 10.097  2.273   -14.324 1.00 55.38 ? 144  ARG A NH1   1 
ATOM   1082 N NH2   . ARG A 1 144 ? 11.971  0.949   -14.455 1.00 57.61 ? 144  ARG A NH2   1 
ATOM   1083 N N     . ILE A 1 145 ? 6.355   -0.683  -7.352  1.00 28.87 ? 145  ILE A N     1 
ATOM   1084 C CA    . ILE A 1 145 ? 5.281   -0.429  -6.402  1.00 28.93 ? 145  ILE A CA    1 
ATOM   1085 C C     . ILE A 1 145 ? 5.372   0.987   -5.852  1.00 28.48 ? 145  ILE A C     1 
ATOM   1086 O O     . ILE A 1 145 ? 6.419   1.637   -5.925  1.00 27.23 ? 145  ILE A O     1 
ATOM   1087 C CB    . ILE A 1 145 ? 5.330   -1.427  -5.224  1.00 28.63 ? 145  ILE A CB    1 
ATOM   1088 C CG1   . ILE A 1 145 ? 6.610   -1.218  -4.408  1.00 27.81 ? 145  ILE A CG1   1 
ATOM   1089 C CG2   . ILE A 1 145 ? 5.289   -2.848  -5.750  1.00 28.62 ? 145  ILE A CG2   1 
ATOM   1090 C CD1   . ILE A 1 145 ? 6.689   -2.077  -3.147  1.00 29.97 ? 145  ILE A CD1   1 
ATOM   1091 N N     . ALA A 1 146 ? 4.253   1.456   -5.311  1.00 29.46 ? 146  ALA A N     1 
ATOM   1092 C CA    . ALA A 1 146 ? 4.172   2.778   -4.701  1.00 29.46 ? 146  ALA A CA    1 
ATOM   1093 C C     . ALA A 1 146 ? 3.690   2.505   -3.287  1.00 30.55 ? 146  ALA A C     1 
ATOM   1094 O O     . ALA A 1 146 ? 2.791   1.684   -3.081  1.00 28.33 ? 146  ALA A O     1 
ATOM   1095 C CB    . ALA A 1 146 ? 3.163   3.651   -5.450  1.00 28.59 ? 146  ALA A CB    1 
ATOM   1096 N N     . GLU A 1 147 ? 4.274   3.182   -2.302  1.00 30.51 ? 147  GLU A N     1 
ATOM   1097 C CA    . GLU A 1 147 ? 3.890   2.949   -0.921  1.00 31.10 ? 147  GLU A CA    1 
ATOM   1098 C C     . GLU A 1 147 ? 4.287   4.118   -0.026  1.00 30.97 ? 147  GLU A C     1 
ATOM   1099 O O     . GLU A 1 147 ? 5.081   4.979   -0.413  1.00 30.41 ? 147  GLU A O     1 
ATOM   1100 C CB    . GLU A 1 147 ? 4.588   1.681   -0.417  1.00 32.06 ? 147  GLU A CB    1 
ATOM   1101 C CG    . GLU A 1 147 ? 6.076   1.906   -0.155  1.00 32.78 ? 147  GLU A CG    1 
ATOM   1102 C CD    . GLU A 1 147 ? 6.941   0.691   -0.479  1.00 34.65 ? 147  GLU A CD    1 
ATOM   1103 O OE1   . GLU A 1 147 ? 6.600   -0.423  -0.046  1.00 33.09 ? 147  GLU A OE1   1 
ATOM   1104 O OE2   . GLU A 1 147 ? 7.972   0.868   -1.164  1.00 34.20 ? 147  GLU A OE2   1 
ATOM   1105 N N     . GLN A 1 148 ? 3.721   4.132   1.180   1.00 29.72 ? 148  GLN A N     1 
ATOM   1106 C CA    . GLN A 1 148 ? 4.033   5.164   2.159   1.00 30.88 ? 148  GLN A CA    1 
ATOM   1107 C C     . GLN A 1 148 ? 4.621   4.461   3.376   1.00 32.42 ? 148  GLN A C     1 
ATOM   1108 O O     . GLN A 1 148 ? 4.385   3.276   3.599   1.00 31.98 ? 148  GLN A O     1 
ATOM   1109 C CB    . GLN A 1 148 ? 2.769   5.933   2.570   1.00 31.54 ? 148  GLN A CB    1 
ATOM   1110 C CG    . GLN A 1 148 ? 2.889   7.436   2.389   1.00 31.73 ? 148  GLN A CG    1 
ATOM   1111 C CD    . GLN A 1 148 ? 1.576   8.186   2.568   1.00 30.66 ? 148  GLN A CD    1 
ATOM   1112 O OE1   . GLN A 1 148 ? 1.413   9.283   2.038   1.00 32.07 ? 148  GLN A OE1   1 
ATOM   1113 N NE2   . GLN A 1 148 ? 0.639   7.604   3.331   1.00 28.49 ? 148  GLN A NE2   1 
ATOM   1114 N N     . ASN A 1 149 ? 5.411   5.211   4.141   1.00 32.98 ? 149  ASN A N     1 
ATOM   1115 C CA    . ASN A 1 149 ? 6.037   4.730   5.362   1.00 34.43 ? 149  ASN A CA    1 
ATOM   1116 C C     . ASN A 1 149 ? 7.155   3.703   5.203   1.00 34.69 ? 149  ASN A C     1 
ATOM   1117 O O     . ASN A 1 149 ? 7.375   2.882   6.085   1.00 35.29 ? 149  ASN A O     1 
ATOM   1118 C CB    . ASN A 1 149 ? 4.968   4.211   6.332   1.00 34.27 ? 149  ASN A CB    1 
ATOM   1119 C CG    . ASN A 1 149 ? 5.396   4.347   7.792   1.00 37.58 ? 149  ASN A CG    1 
ATOM   1120 O OD1   . ASN A 1 149 ? 6.353   5.058   8.099   1.00 35.52 ? 149  ASN A OD1   1 
ATOM   1121 N ND2   . ASN A 1 149 ? 4.677   3.680   8.692   1.00 36.07 ? 149  ASN A ND2   1 
ATOM   1122 N N     . VAL A 1 150 ? 7.853   3.745   4.074   1.00 37.34 ? 150  VAL A N     1 
ATOM   1123 C CA    . VAL A 1 150 ? 8.990   2.864   3.829   1.00 38.63 ? 150  VAL A CA    1 
ATOM   1124 C C     . VAL A 1 150 ? 10.122  3.795   3.386   1.00 40.28 ? 150  VAL A C     1 
ATOM   1125 O O     . VAL A 1 150 ? 11.189  3.839   3.999   1.00 41.61 ? 150  VAL A O     1 
ATOM   1126 C CB    . VAL A 1 150 ? 8.714   1.814   2.726   1.00 38.83 ? 150  VAL A CB    1 
ATOM   1127 C CG1   . VAL A 1 150 ? 10.002  1.060   2.395   1.00 38.10 ? 150  VAL A CG1   1 
ATOM   1128 C CG2   . VAL A 1 150 ? 7.661   0.821   3.205   1.00 38.85 ? 150  VAL A CG2   1 
ATOM   1129 N N     . ILE A 1 151 ? 9.868   4.543   2.313   1.00 39.87 ? 151  ILE A N     1 
ATOM   1130 C CA    . ILE A 1 151 ? 10.818  5.524   1.800   1.00 40.42 ? 151  ILE A CA    1 
ATOM   1131 C C     . ILE A 1 151 ? 10.343  6.878   2.330   1.00 40.41 ? 151  ILE A C     1 
ATOM   1132 O O     . ILE A 1 151 ? 9.180   7.240   2.161   1.00 39.35 ? 151  ILE A O     1 
ATOM   1133 C CB    . ILE A 1 151 ? 10.832  5.560   0.248   1.00 41.58 ? 151  ILE A CB    1 
ATOM   1134 C CG1   . ILE A 1 151 ? 11.570  4.338   -0.308  1.00 44.31 ? 151  ILE A CG1   1 
ATOM   1135 C CG2   . ILE A 1 151 ? 11.533  6.813   -0.241  1.00 40.76 ? 151  ILE A CG2   1 
ATOM   1136 C CD1   . ILE A 1 151 ? 10.917  3.027   0.000   1.00 47.10 ? 151  ILE A CD1   1 
ATOM   1137 N N     . HIS A 1 152 ? 11.242  7.620   2.975   1.00 39.97 ? 152  HIS A N     1 
ATOM   1138 C CA    . HIS A 1 152 ? 10.895  8.920   3.536   1.00 41.48 ? 152  HIS A CA    1 
ATOM   1139 C C     . HIS A 1 152 ? 11.655  10.069  2.874   1.00 40.88 ? 152  HIS A C     1 
ATOM   1140 O O     . HIS A 1 152 ? 11.608  11.207  3.334   1.00 40.89 ? 152  HIS A O     1 
ATOM   1141 C CB    . HIS A 1 152 ? 11.174  8.914   5.042   1.00 41.71 ? 152  HIS A CB    1 
ATOM   1142 C CG    . HIS A 1 152 ? 10.397  7.876   5.800   1.00 43.68 ? 152  HIS A CG    1 
ATOM   1143 N ND1   . HIS A 1 152 ? 9.056   8.026   6.097   1.00 43.58 ? 152  HIS A ND1   1 
ATOM   1144 C CD2   . HIS A 1 152 ? 10.768  6.689   6.320   1.00 44.82 ? 152  HIS A CD2   1 
ATOM   1145 C CE1   . HIS A 1 152 ? 8.643   6.966   6.772   1.00 44.48 ? 152  HIS A CE1   1 
ATOM   1146 N NE2   . HIS A 1 152 ? 9.660   6.141   6.923   1.00 44.51 ? 152  HIS A NE2   1 
ATOM   1147 N N     . SER A 1 153 ? 12.361  9.758   1.791   1.00 41.08 ? 153  SER A N     1 
ATOM   1148 C CA    . SER A 1 153 ? 13.128  10.760  1.053   1.00 42.01 ? 153  SER A CA    1 
ATOM   1149 C C     . SER A 1 153 ? 12.423  11.085  -0.265  1.00 41.19 ? 153  SER A C     1 
ATOM   1150 O O     . SER A 1 153 ? 11.742  10.238  -0.835  1.00 40.22 ? 153  SER A O     1 
ATOM   1151 C CB    . SER A 1 153 ? 14.542  10.243  0.781   1.00 42.77 ? 153  SER A CB    1 
ATOM   1152 O OG    . SER A 1 153 ? 14.502  8.930   0.248   1.00 46.74 ? 153  SER A OG    1 
ATOM   1153 N N     . PRO A 1 154 ? 12.589  12.320  -0.766  1.00 41.04 ? 154  PRO A N     1 
ATOM   1154 C CA    . PRO A 1 154 ? 11.954  12.731  -2.020  1.00 40.43 ? 154  PRO A CA    1 
ATOM   1155 C C     . PRO A 1 154 ? 12.291  11.796  -3.165  1.00 39.83 ? 154  PRO A C     1 
ATOM   1156 O O     . PRO A 1 154 ? 13.411  11.307  -3.264  1.00 38.38 ? 154  PRO A O     1 
ATOM   1157 C CB    . PRO A 1 154 ? 12.517  14.137  -2.251  1.00 41.19 ? 154  PRO A CB    1 
ATOM   1158 C CG    . PRO A 1 154 ? 12.776  14.627  -0.860  1.00 41.00 ? 154  PRO A CG    1 
ATOM   1159 C CD    . PRO A 1 154 ? 13.412  13.415  -0.221  1.00 41.33 ? 154  PRO A CD    1 
ATOM   1160 N N     . LEU A 1 155 ? 11.313  11.546  -4.032  1.00 39.20 ? 155  LEU A N     1 
ATOM   1161 C CA    . LEU A 1 155 ? 11.527  10.673  -5.174  1.00 39.24 ? 155  LEU A CA    1 
ATOM   1162 C C     . LEU A 1 155 ? 12.117  11.439  -6.344  1.00 40.33 ? 155  LEU A C     1 
ATOM   1163 O O     . LEU A 1 155 ? 11.879  12.644  -6.496  1.00 38.46 ? 155  LEU A O     1 
ATOM   1164 C CB    . LEU A 1 155 ? 10.210  10.043  -5.624  1.00 38.77 ? 155  LEU A CB    1 
ATOM   1165 C CG    . LEU A 1 155 ? 9.480   9.164   -4.615  1.00 38.72 ? 155  LEU A CG    1 
ATOM   1166 C CD1   . LEU A 1 155 ? 8.210   8.622   -5.260  1.00 38.87 ? 155  LEU A CD1   1 
ATOM   1167 C CD2   . LEU A 1 155 ? 10.392  8.025   -4.171  1.00 39.62 ? 155  LEU A CD2   1 
ATOM   1168 N N     . PRO A 1 156 ? 12.911  10.756  -7.184  1.00 41.08 ? 156  PRO A N     1 
ATOM   1169 C CA    . PRO A 1 156 ? 13.522  11.403  -8.350  1.00 42.79 ? 156  PRO A CA    1 
ATOM   1170 C C     . PRO A 1 156 ? 12.425  11.993  -9.242  1.00 44.22 ? 156  PRO A C     1 
ATOM   1171 O O     . PRO A 1 156 ? 11.289  11.519  -9.228  1.00 42.42 ? 156  PRO A O     1 
ATOM   1172 C CB    . PRO A 1 156 ? 14.242  10.248  -9.042  1.00 43.07 ? 156  PRO A CB    1 
ATOM   1173 C CG    . PRO A 1 156 ? 14.623  9.364   -7.902  1.00 42.96 ? 156  PRO A CG    1 
ATOM   1174 C CD    . PRO A 1 156 ? 13.386  9.370   -7.036  1.00 41.56 ? 156  PRO A CD    1 
ATOM   1175 N N     . GLN A 1 157 ? 12.769  13.028  -10.005 1.00 45.37 ? 157  GLN A N     1 
ATOM   1176 C CA    . GLN A 1 157 ? 11.818  13.664  -10.911 1.00 46.11 ? 157  GLN A CA    1 
ATOM   1177 C C     . GLN A 1 157 ? 11.257  12.641  -11.894 1.00 44.20 ? 157  GLN A C     1 
ATOM   1178 O O     . GLN A 1 157 ? 12.008  11.865  -12.483 1.00 43.53 ? 157  GLN A O     1 
ATOM   1179 C CB    . GLN A 1 157 ? 12.505  14.778  -11.713 1.00 49.30 ? 157  GLN A CB    1 
ATOM   1180 C CG    . GLN A 1 157 ? 12.817  16.032  -10.922 1.00 55.77 ? 157  GLN A CG    1 
ATOM   1181 C CD    . GLN A 1 157 ? 11.578  16.856  -10.606 1.00 59.68 ? 157  GLN A CD    1 
ATOM   1182 O OE1   . GLN A 1 157 ? 11.662  17.887  -9.927  1.00 62.34 ? 157  GLN A OE1   1 
ATOM   1183 N NE2   . GLN A 1 157 ? 10.422  16.414  -11.098 1.00 60.51 ? 157  GLN A NE2   1 
ATOM   1184 N N     . GLY A 1 158 ? 9.938   12.642  -12.068 1.00 42.51 ? 158  GLY A N     1 
ATOM   1185 C CA    . GLY A 1 158 ? 9.317   11.715  -12.998 1.00 41.65 ? 158  GLY A CA    1 
ATOM   1186 C C     . GLY A 1 158 ? 9.151   10.287  -12.510 1.00 40.81 ? 158  GLY A C     1 
ATOM   1187 O O     . GLY A 1 158 ? 8.582   9.460   -13.223 1.00 41.55 ? 158  GLY A O     1 
ATOM   1188 N N     . GLN A 1 159 ? 9.645   9.980   -11.312 1.00 39.61 ? 159  GLN A N     1 
ATOM   1189 C CA    . GLN A 1 159 ? 9.512   8.624   -10.781 1.00 39.07 ? 159  GLN A CA    1 
ATOM   1190 C C     . GLN A 1 159 ? 8.248   8.503   -9.940  1.00 37.79 ? 159  GLN A C     1 
ATOM   1191 O O     . GLN A 1 159 ? 8.120   9.131   -8.886  1.00 37.01 ? 159  GLN A O     1 
ATOM   1192 C CB    . GLN A 1 159 ? 10.732  8.241   -9.939  1.00 39.14 ? 159  GLN A CB    1 
ATOM   1193 C CG    . GLN A 1 159 ? 10.705  6.781   -9.501  1.00 40.36 ? 159  GLN A CG    1 
ATOM   1194 C CD    . GLN A 1 159 ? 11.969  6.348   -8.788  1.00 42.42 ? 159  GLN A CD    1 
ATOM   1195 O OE1   . GLN A 1 159 ? 13.064  6.423   -9.351  1.00 42.73 ? 159  GLN A OE1   1 
ATOM   1196 N NE2   . GLN A 1 159 ? 11.829  5.889   -7.547  1.00 39.92 ? 159  GLN A NE2   1 
ATOM   1197 N N     . GLN A 1 160 ? 7.315   7.678   -10.405 1.00 35.74 ? 160  GLN A N     1 
ATOM   1198 C CA    . GLN A 1 160 ? 6.052   7.501   -9.708  1.00 36.93 ? 160  GLN A CA    1 
ATOM   1199 C C     . GLN A 1 160 ? 5.908   6.171   -8.980  1.00 36.26 ? 160  GLN A C     1 
ATOM   1200 O O     . GLN A 1 160 ? 4.814   5.611   -8.876  1.00 37.12 ? 160  GLN A O     1 
ATOM   1201 C CB    . GLN A 1 160 ? 4.904   7.701   -10.693 1.00 38.41 ? 160  GLN A CB    1 
ATOM   1202 C CG    . GLN A 1 160 ? 4.923   9.087   -11.321 1.00 42.53 ? 160  GLN A CG    1 
ATOM   1203 C CD    . GLN A 1 160 ? 3.626   9.435   -12.015 1.00 46.14 ? 160  GLN A CD    1 
ATOM   1204 O OE1   . GLN A 1 160 ? 3.199   8.751   -12.949 1.00 49.42 ? 160  GLN A OE1   1 
ATOM   1205 N NE2   . GLN A 1 160 ? 2.983   10.509  -11.562 1.00 48.32 ? 160  GLN A NE2   1 
ATOM   1206 N N     . TRP A 1 161 ? 7.029   5.666   -8.482  1.00 33.83 ? 161  TRP A N     1 
ATOM   1207 C CA    . TRP A 1 161 ? 7.060   4.430   -7.723  1.00 34.02 ? 161  TRP A CA    1 
ATOM   1208 C C     . TRP A 1 161 ? 8.141   4.599   -6.669  1.00 34.06 ? 161  TRP A C     1 
ATOM   1209 O O     . TRP A 1 161 ? 9.036   5.435   -6.827  1.00 33.47 ? 161  TRP A O     1 
ATOM   1210 C CB    . TRP A 1 161 ? 7.366   3.226   -8.615  1.00 35.52 ? 161  TRP A CB    1 
ATOM   1211 C CG    . TRP A 1 161 ? 8.516   3.407   -9.552  1.00 36.35 ? 161  TRP A CG    1 
ATOM   1212 C CD1   . TRP A 1 161 ? 8.475   3.951   -10.804 1.00 37.52 ? 161  TRP A CD1   1 
ATOM   1213 C CD2   . TRP A 1 161 ? 9.880   3.032   -9.325  1.00 37.96 ? 161  TRP A CD2   1 
ATOM   1214 N NE1   . TRP A 1 161 ? 9.726   3.928   -11.374 1.00 39.09 ? 161  TRP A NE1   1 
ATOM   1215 C CE2   . TRP A 1 161 ? 10.606  3.368   -10.486 1.00 38.75 ? 161  TRP A CE2   1 
ATOM   1216 C CE3   . TRP A 1 161 ? 10.552  2.434   -8.249  1.00 37.84 ? 161  TRP A CE3   1 
ATOM   1217 C CZ2   . TRP A 1 161 ? 11.978  3.136   -10.605 1.00 40.16 ? 161  TRP A CZ2   1 
ATOM   1218 C CZ3   . TRP A 1 161 ? 11.923  2.205   -8.367  1.00 40.46 ? 161  TRP A CZ3   1 
ATOM   1219 C CH2   . TRP A 1 161 ? 12.620  2.549   -9.540  1.00 40.60 ? 161  TRP A CH2   1 
ATOM   1220 N N     . THR A 1 162 ? 8.051   3.829   -5.594  1.00 32.61 ? 162  THR A N     1 
ATOM   1221 C CA    . THR A 1 162 ? 9.028   3.921   -4.519  1.00 33.30 ? 162  THR A CA    1 
ATOM   1222 C C     . THR A 1 162 ? 10.067  2.808   -4.552  1.00 33.85 ? 162  THR A C     1 
ATOM   1223 O O     . THR A 1 162 ? 11.230  3.037   -4.230  1.00 35.65 ? 162  THR A O     1 
ATOM   1224 C CB    . THR A 1 162 ? 8.321   3.912   -3.144  1.00 32.53 ? 162  THR A CB    1 
ATOM   1225 O OG1   . THR A 1 162 ? 7.477   2.763   -3.056  1.00 30.42 ? 162  THR A OG1   1 
ATOM   1226 C CG2   . THR A 1 162 ? 7.480   5.176   -2.967  1.00 31.13 ? 162  THR A CG2   1 
ATOM   1227 N N     . ARG A 1 163 ? 9.658   1.606   -4.944  1.00 33.95 ? 163  ARG A N     1 
ATOM   1228 C CA    . ARG A 1 163 ? 10.584  0.474   -5.009  1.00 35.36 ? 163  ARG A CA    1 
ATOM   1229 C C     . ARG A 1 163 ? 10.317  -0.443  -6.195  1.00 35.57 ? 163  ARG A C     1 
ATOM   1230 O O     . ARG A 1 163 ? 9.230   -0.438  -6.765  1.00 35.00 ? 163  ARG A O     1 
ATOM   1231 C CB    . ARG A 1 163 ? 10.509  -0.358  -3.722  1.00 36.33 ? 163  ARG A CB    1 
ATOM   1232 C CG    . ARG A 1 163 ? 11.108  0.308   -2.486  1.00 36.25 ? 163  ARG A CG    1 
ATOM   1233 C CD    . ARG A 1 163 ? 11.161  -0.680  -1.320  1.00 35.79 ? 163  ARG A CD    1 
ATOM   1234 N NE    . ARG A 1 163 ? 9.830   -1.022  -0.830  1.00 35.04 ? 163  ARG A NE    1 
ATOM   1235 C CZ    . ARG A 1 163 ? 9.489   -2.210  -0.338  1.00 35.31 ? 163  ARG A CZ    1 
ATOM   1236 N NH1   . ARG A 1 163 ? 10.384  -3.188  -0.268  1.00 31.62 ? 163  ARG A NH1   1 
ATOM   1237 N NH2   . ARG A 1 163 ? 8.247   -2.422  0.079   1.00 33.02 ? 163  ARG A NH2   1 
ATOM   1238 N N     . GLU A 1 164 ? 11.330  -1.228  -6.558  1.00 35.40 ? 164  GLU A N     1 
ATOM   1239 C CA    . GLU A 1 164 ? 11.229  -2.189  -7.651  1.00 38.07 ? 164  GLU A CA    1 
ATOM   1240 C C     . GLU A 1 164 ? 11.469  -3.562  -7.042  1.00 37.57 ? 164  GLU A C     1 
ATOM   1241 O O     . GLU A 1 164 ? 12.473  -3.770  -6.362  1.00 37.95 ? 164  GLU A O     1 
ATOM   1242 C CB    . GLU A 1 164 ? 12.298  -1.926  -8.715  1.00 40.56 ? 164  GLU A CB    1 
ATOM   1243 C CG    . GLU A 1 164 ? 11.817  -1.157  -9.928  1.00 47.67 ? 164  GLU A CG    1 
ATOM   1244 C CD    . GLU A 1 164 ? 12.851  -1.132  -11.045 1.00 49.74 ? 164  GLU A CD    1 
ATOM   1245 O OE1   . GLU A 1 164 ? 12.506  -0.703  -12.167 1.00 53.20 ? 164  GLU A OE1   1 
ATOM   1246 O OE2   . GLU A 1 164 ? 14.007  -1.536  -10.804 1.00 52.21 ? 164  GLU A OE2   1 
ATOM   1247 N N     . LEU A 1 165 ? 10.550  -4.495  -7.268  1.00 37.54 ? 165  LEU A N     1 
ATOM   1248 C CA    . LEU A 1 165 ? 10.702  -5.840  -6.729  1.00 38.07 ? 165  LEU A CA    1 
ATOM   1249 C C     . LEU A 1 165 ? 10.909  -6.835  -7.855  1.00 39.23 ? 165  LEU A C     1 
ATOM   1250 O O     . LEU A 1 165 ? 10.294  -6.722  -8.911  1.00 37.76 ? 165  LEU A O     1 
ATOM   1251 C CB    . LEU A 1 165 ? 9.463   -6.255  -5.928  1.00 38.52 ? 165  LEU A CB    1 
ATOM   1252 C CG    . LEU A 1 165 ? 8.946   -5.347  -4.808  1.00 42.53 ? 165  LEU A CG    1 
ATOM   1253 C CD1   . LEU A 1 165 ? 7.882   -6.112  -4.033  1.00 42.17 ? 165  LEU A CD1   1 
ATOM   1254 C CD2   . LEU A 1 165 ? 10.072  -4.920  -3.877  1.00 42.47 ? 165  LEU A CD2   1 
ATOM   1255 N N     . GLU A 1 166 ? 11.780  -7.813  -7.633  1.00 40.07 ? 166  GLU A N     1 
ATOM   1256 C CA    . GLU A 1 166 ? 12.030  -8.826  -8.645  1.00 40.72 ? 166  GLU A CA    1 
ATOM   1257 C C     . GLU A 1 166 ? 10.834  -9.764  -8.674  1.00 40.09 ? 166  GLU A C     1 
ATOM   1258 O O     . GLU A 1 166 ? 10.263  -10.081 -7.626  1.00 38.88 ? 166  GLU A O     1 
ATOM   1259 C CB    . GLU A 1 166 ? 13.288  -9.633  -8.312  1.00 43.54 ? 166  GLU A CB    1 
ATOM   1260 C CG    . GLU A 1 166 ? 13.584  -10.760 -9.306  1.00 48.26 ? 166  GLU A CG    1 
ATOM   1261 C CD    . GLU A 1 166 ? 14.814  -11.591 -8.939  1.00 51.55 ? 166  GLU A CD    1 
ATOM   1262 O OE1   . GLU A 1 166 ? 15.237  -12.431 -9.766  1.00 52.64 ? 166  GLU A OE1   1 
ATOM   1263 O OE2   . GLU A 1 166 ? 15.353  -11.410 -7.823  1.00 51.84 ? 166  GLU A OE2   1 
ATOM   1264 N N     . MET A 1 167 ? 10.445  -10.191 -9.868  1.00 39.76 ? 167  MET A N     1 
ATOM   1265 C CA    . MET A 1 167 ? 9.344   -11.131 -10.004 1.00 41.19 ? 167  MET A CA    1 
ATOM   1266 C C     . MET A 1 167 ? 9.838   -12.368 -10.744 1.00 42.45 ? 167  MET A C     1 
ATOM   1267 O O     . MET A 1 167 ? 10.300  -12.284 -11.888 1.00 42.55 ? 167  MET A O     1 
ATOM   1268 C CB    . MET A 1 167 ? 8.168   -10.520 -10.770 1.00 41.07 ? 167  MET A CB    1 
ATOM   1269 C CG    . MET A 1 167 ? 7.004   -11.491 -10.942 1.00 42.19 ? 167  MET A CG    1 
ATOM   1270 S SD    . MET A 1 167 ? 5.516   -10.761 -11.669 1.00 44.00 ? 167  MET A SD    1 
ATOM   1271 C CE    . MET A 1 167 ? 6.035   -10.546 -13.399 1.00 42.69 ? 167  MET A CE    1 
ATOM   1272 N N     . VAL A 1 168 ? 9.758   -13.516 -10.082 1.00 42.79 ? 168  VAL A N     1 
ATOM   1273 C CA    . VAL A 1 168 ? 10.186  -14.769 -10.681 1.00 44.24 ? 168  VAL A CA    1 
ATOM   1274 C C     . VAL A 1 168 ? 8.977   -15.482 -11.257 1.00 44.65 ? 168  VAL A C     1 
ATOM   1275 O O     . VAL A 1 168 ? 8.003   -15.749 -10.551 1.00 44.31 ? 168  VAL A O     1 
ATOM   1276 C CB    . VAL A 1 168 ? 10.862  -15.683 -9.643  1.00 44.44 ? 168  VAL A CB    1 
ATOM   1277 C CG1   . VAL A 1 168 ? 11.290  -16.991 -10.299 1.00 44.90 ? 168  VAL A CG1   1 
ATOM   1278 C CG2   . VAL A 1 168 ? 12.054  -14.972 -9.036  1.00 44.54 ? 168  VAL A CG2   1 
ATOM   1279 N N     . VAL A 1 169 ? 9.032   -15.777 -12.549 1.00 46.83 ? 169  VAL A N     1 
ATOM   1280 C CA    . VAL A 1 169 ? 7.937   -16.464 -13.214 1.00 50.48 ? 169  VAL A CA    1 
ATOM   1281 C C     . VAL A 1 169 ? 8.423   -17.860 -13.591 1.00 52.88 ? 169  VAL A C     1 
ATOM   1282 O O     . VAL A 1 169 ? 9.190   -18.017 -14.542 1.00 53.34 ? 169  VAL A O     1 
ATOM   1283 C CB    . VAL A 1 169 ? 7.497   -15.707 -14.489 1.00 51.33 ? 169  VAL A CB    1 
ATOM   1284 C CG1   . VAL A 1 169 ? 6.232   -16.332 -15.059 1.00 51.09 ? 169  VAL A CG1   1 
ATOM   1285 C CG2   . VAL A 1 169 ? 7.267   -14.235 -14.164 1.00 49.98 ? 169  VAL A CG2   1 
ATOM   1286 N N     . GLU A 1 170 ? 7.990   -18.862 -12.840 1.00 55.40 ? 170  GLU A N     1 
ATOM   1287 C CA    . GLU A 1 170 ? 8.410   -20.231 -13.106 1.00 57.99 ? 170  GLU A CA    1 
ATOM   1288 C C     . GLU A 1 170 ? 7.289   -21.246 -12.977 1.00 57.56 ? 170  GLU A C     1 
ATOM   1289 O O     . GLU A 1 170 ? 6.493   -21.197 -12.037 1.00 56.20 ? 170  GLU A O     1 
ATOM   1290 C CB    . GLU A 1 170 ? 9.539   -20.631 -12.158 1.00 61.08 ? 170  GLU A CB    1 
ATOM   1291 C CG    . GLU A 1 170 ? 10.772  -19.758 -12.263 1.00 67.49 ? 170  GLU A CG    1 
ATOM   1292 C CD    . GLU A 1 170 ? 11.941  -20.304 -11.467 1.00 70.46 ? 170  GLU A CD    1 
ATOM   1293 O OE1   . GLU A 1 170 ? 11.785  -20.515 -10.243 1.00 72.30 ? 170  GLU A OE1   1 
ATOM   1294 O OE2   . GLU A 1 170 ? 13.015  -20.522 -12.069 1.00 73.42 ? 170  GLU A OE2   1 
ATOM   1295 N N     . ASN A 1 171 ? 7.244   -22.167 -13.929 1.00 56.83 ? 171  ASN A N     1 
ATOM   1296 C CA    . ASN A 1 171 ? 6.245   -23.222 -13.916 1.00 56.88 ? 171  ASN A CA    1 
ATOM   1297 C C     . ASN A 1 171 ? 4.834   -22.674 -13.746 1.00 55.25 ? 171  ASN A C     1 
ATOM   1298 O O     . ASN A 1 171 ? 4.034   -23.223 -12.984 1.00 54.80 ? 171  ASN A O     1 
ATOM   1299 C CB    . ASN A 1 171 ? 6.566   -24.207 -12.791 1.00 59.16 ? 171  ASN A CB    1 
ATOM   1300 C CG    . ASN A 1 171 ? 7.993   -24.720 -12.864 1.00 61.41 ? 171  ASN A CG    1 
ATOM   1301 O OD1   . ASN A 1 171 ? 8.391   -25.355 -13.849 1.00 62.08 ? 171  ASN A OD1   1 
ATOM   1302 N ND2   . ASN A 1 171 ? 8.775   -24.445 -11.823 1.00 61.56 ? 171  ASN A ND2   1 
ATOM   1303 N N     . GLY A 1 172 ? 4.541   -21.588 -14.450 1.00 53.44 ? 172  GLY A N     1 
ATOM   1304 C CA    . GLY A 1 172 ? 3.220   -20.990 -14.378 1.00 51.74 ? 172  GLY A CA    1 
ATOM   1305 C C     . GLY A 1 172 ? 2.893   -20.283 -13.080 1.00 50.16 ? 172  GLY A C     1 
ATOM   1306 O O     . GLY A 1 172 ? 1.737   -19.928 -12.842 1.00 51.77 ? 172  GLY A O     1 
ATOM   1307 N N     . CYS A 1 173 ? 3.891   -20.074 -12.229 1.00 47.70 ? 173  CYS A N     1 
ATOM   1308 C CA    . CYS A 1 173 ? 3.670   -19.395 -10.957 1.00 46.00 ? 173  CYS A CA    1 
ATOM   1309 C C     . CYS A 1 173 ? 4.420   -18.078 -10.897 1.00 44.14 ? 173  CYS A C     1 
ATOM   1310 O O     . CYS A 1 173 ? 5.473   -17.922 -11.518 1.00 42.89 ? 173  CYS A O     1 
ATOM   1311 C CB    . CYS A 1 173 ? 4.107   -20.282 -9.795  1.00 46.72 ? 173  CYS A CB    1 
ATOM   1312 S SG    . CYS A 1 173 ? 3.055   -21.727 -9.551  1.00 51.46 ? 173  CYS A SG    1 
ATOM   1313 N N     . TYR A 1 174 ? 3.872   -17.131 -10.141 1.00 41.29 ? 174  TYR A N     1 
ATOM   1314 C CA    . TYR A 1 174 ? 4.486   -15.819 -9.994  1.00 39.09 ? 174  TYR A CA    1 
ATOM   1315 C C     . TYR A 1 174 ? 4.875   -15.607 -8.549  1.00 37.17 ? 174  TYR A C     1 
ATOM   1316 O O     . TYR A 1 174 ? 4.033   -15.690 -7.656  1.00 35.56 ? 174  TYR A O     1 
ATOM   1317 C CB    . TYR A 1 174 ? 3.514   -14.725 -10.432 1.00 41.35 ? 174  TYR A CB    1 
ATOM   1318 C CG    . TYR A 1 174 ? 3.096   -14.855 -11.872 1.00 42.95 ? 174  TYR A CG    1 
ATOM   1319 C CD1   . TYR A 1 174 ? 2.177   -15.826 -12.266 1.00 42.97 ? 174  TYR A CD1   1 
ATOM   1320 C CD2   . TYR A 1 174 ? 3.659   -14.040 -12.851 1.00 43.65 ? 174  TYR A CD2   1 
ATOM   1321 C CE1   . TYR A 1 174 ? 1.831   -15.986 -13.604 1.00 45.46 ? 174  TYR A CE1   1 
ATOM   1322 C CE2   . TYR A 1 174 ? 3.325   -14.192 -14.189 1.00 46.29 ? 174  TYR A CE2   1 
ATOM   1323 C CZ    . TYR A 1 174 ? 2.408   -15.170 -14.559 1.00 46.35 ? 174  TYR A CZ    1 
ATOM   1324 O OH    . TYR A 1 174 ? 2.092   -15.330 -15.888 1.00 50.48 ? 174  TYR A OH    1 
ATOM   1325 N N     . THR A 1 175 ? 6.153   -15.336 -8.324  1.00 35.39 ? 175  THR A N     1 
ATOM   1326 C CA    . THR A 1 175 ? 6.661   -15.123 -6.981  1.00 35.70 ? 175  THR A CA    1 
ATOM   1327 C C     . THR A 1 175 ? 7.392   -13.793 -6.929  1.00 36.10 ? 175  THR A C     1 
ATOM   1328 O O     . THR A 1 175 ? 8.271   -13.533 -7.746  1.00 36.04 ? 175  THR A O     1 
ATOM   1329 C CB    . THR A 1 175 ? 7.643   -16.238 -6.567  1.00 37.78 ? 175  THR A CB    1 
ATOM   1330 O OG1   . THR A 1 175 ? 7.022   -17.515 -6.738  1.00 40.19 ? 175  THR A OG1   1 
ATOM   1331 C CG2   . THR A 1 175 ? 8.059   -16.079 -5.116  1.00 38.75 ? 175  THR A CG2   1 
ATOM   1332 N N     . LEU A 1 176 ? 7.004   -12.955 -5.975  1.00 35.02 ? 176  LEU A N     1 
ATOM   1333 C CA    . LEU A 1 176 ? 7.642   -11.662 -5.806  1.00 35.71 ? 176  LEU A CA    1 
ATOM   1334 C C     . LEU A 1 176 ? 8.692   -11.786 -4.720  1.00 36.77 ? 176  LEU A C     1 
ATOM   1335 O O     . LEU A 1 176 ? 8.484   -12.471 -3.715  1.00 36.19 ? 176  LEU A O     1 
ATOM   1336 C CB    . LEU A 1 176 ? 6.627   -10.594 -5.401  1.00 35.27 ? 176  LEU A CB    1 
ATOM   1337 C CG    . LEU A 1 176 ? 5.631   -10.146 -6.472  1.00 36.83 ? 176  LEU A CG    1 
ATOM   1338 C CD1   . LEU A 1 176 ? 4.659   -9.132  -5.880  1.00 36.90 ? 176  LEU A CD1   1 
ATOM   1339 C CD2   . LEU A 1 176 ? 6.386   -9.533  -7.648  1.00 37.67 ? 176  LEU A CD2   1 
ATOM   1340 N N     . LYS A 1 177 ? 9.819   -11.128 -4.939  1.00 36.17 ? 177  LYS A N     1 
ATOM   1341 C CA    . LYS A 1 177 ? 10.909  -11.135 -3.980  1.00 38.38 ? 177  LYS A CA    1 
ATOM   1342 C C     . LYS A 1 177 ? 11.049  -9.713  -3.469  1.00 37.42 ? 177  LYS A C     1 
ATOM   1343 O O     . LYS A 1 177 ? 11.180  -8.776  -4.255  1.00 36.50 ? 177  LYS A O     1 
ATOM   1344 C CB    . LYS A 1 177 ? 12.208  -11.590 -4.657  1.00 42.65 ? 177  LYS A CB    1 
ATOM   1345 C CG    . LYS A 1 177 ? 12.152  -13.012 -5.215  1.00 48.32 ? 177  LYS A CG    1 
ATOM   1346 C CD    . LYS A 1 177 ? 13.494  -13.414 -5.822  1.00 53.91 ? 177  LYS A CD    1 
ATOM   1347 C CE    . LYS A 1 177 ? 13.535  -14.900 -6.181  1.00 57.40 ? 177  LYS A CE    1 
ATOM   1348 N NZ    . LYS A 1 177 ? 14.858  -15.318 -6.749  1.00 59.66 ? 177  LYS A NZ    1 
ATOM   1349 N N     . ASP A 1 178 ? 11.012  -9.554  -2.154  1.00 36.94 ? 178  ASP A N     1 
ATOM   1350 C CA    . ASP A 1 178 ? 11.114  -8.234  -1.548  1.00 38.99 ? 178  ASP A CA    1 
ATOM   1351 C C     . ASP A 1 178 ? 12.543  -7.712  -1.548  1.00 39.05 ? 178  ASP A C     1 
ATOM   1352 O O     . ASP A 1 178 ? 13.495  -8.477  -1.726  1.00 39.53 ? 178  ASP A O     1 
ATOM   1353 C CB    . ASP A 1 178 ? 10.576  -8.286  -0.116  1.00 38.23 ? 178  ASP A CB    1 
ATOM   1354 C CG    . ASP A 1 178 ? 10.397  -6.908  0.486   1.00 40.99 ? 178  ASP A CG    1 
ATOM   1355 O OD1   . ASP A 1 178 ? 10.318  -5.932  -0.293  1.00 38.85 ? 178  ASP A OD1   1 
ATOM   1356 O OD2   . ASP A 1 178 ? 10.325  -6.809  1.733   1.00 40.97 ? 178  ASP A OD2   1 
ATOM   1357 N N     . THR A 1 179 ? 12.688  -6.406  -1.365  1.00 40.32 ? 179  THR A N     1 
ATOM   1358 C CA    . THR A 1 179 ? 14.009  -5.791  -1.323  1.00 42.19 ? 179  THR A CA    1 
ATOM   1359 C C     . THR A 1 179 ? 14.665  -6.121  0.019   1.00 43.98 ? 179  THR A C     1 
ATOM   1360 O O     . THR A 1 179 ? 15.890  -6.169  0.126   1.00 45.21 ? 179  THR A O     1 
ATOM   1361 C CB    . THR A 1 179 ? 13.924  -4.254  -1.505  1.00 41.17 ? 179  THR A CB    1 
ATOM   1362 O OG1   . THR A 1 179 ? 13.059  -3.697  -0.511  1.00 40.76 ? 179  THR A OG1   1 
ATOM   1363 C CG2   . THR A 1 179 ? 13.386  -3.906  -2.891  1.00 41.12 ? 179  THR A CG2   1 
ATOM   1364 N N     . PHE A 1 180 ? 13.845  -6.353  1.038   1.00 45.20 ? 180  PHE A N     1 
ATOM   1365 C CA    . PHE A 1 180 ? 14.354  -6.712  2.356   1.00 46.81 ? 180  PHE A CA    1 
ATOM   1366 C C     . PHE A 1 180 ? 14.547  -8.228  2.390   1.00 48.82 ? 180  PHE A C     1 
ATOM   1367 O O     . PHE A 1 180 ? 13.957  -8.950  1.586   1.00 49.03 ? 180  PHE A O     1 
ATOM   1368 C CB    . PHE A 1 180 ? 13.378  -6.277  3.448   1.00 46.62 ? 180  PHE A CB    1 
ATOM   1369 C CG    . PHE A 1 180 ? 13.151  -4.792  3.502   1.00 47.47 ? 180  PHE A CG    1 
ATOM   1370 C CD1   . PHE A 1 180 ? 12.052  -4.217  2.870   1.00 47.94 ? 180  PHE A CD1   1 
ATOM   1371 C CD2   . PHE A 1 180 ? 14.049  -3.964  4.173   1.00 47.80 ? 180  PHE A CD2   1 
ATOM   1372 C CE1   . PHE A 1 180 ? 11.841  -2.837  2.913   1.00 47.43 ? 180  PHE A CE1   1 
ATOM   1373 C CE2   . PHE A 1 180 ? 13.852  -2.585  4.221   1.00 47.36 ? 180  PHE A CE2   1 
ATOM   1374 C CZ    . PHE A 1 180 ? 12.745  -2.019  3.590   1.00 48.90 ? 180  PHE A CZ    1 
ATOM   1375 N N     . ASP A 1 181 ? 15.369  -8.711  3.320   1.00 50.50 ? 181  ASP A N     1 
ATOM   1376 C CA    . ASP A 1 181 ? 15.644  -10.143 3.412   1.00 52.87 ? 181  ASP A CA    1 
ATOM   1377 C C     . ASP A 1 181 ? 14.903  -10.897 4.513   1.00 51.88 ? 181  ASP A C     1 
ATOM   1378 O O     . ASP A 1 181 ? 14.774  -12.115 4.450   1.00 52.28 ? 181  ASP A O     1 
ATOM   1379 C CB    . ASP A 1 181 ? 17.150  -10.373 3.587   1.00 56.44 ? 181  ASP A CB    1 
ATOM   1380 C CG    . ASP A 1 181 ? 17.944  -10.039 2.336   1.00 60.30 ? 181  ASP A CG    1 
ATOM   1381 O OD1   . ASP A 1 181 ? 19.188  -10.164 2.375   1.00 63.40 ? 181  ASP A OD1   1 
ATOM   1382 O OD2   . ASP A 1 181 ? 17.333  -9.656  1.313   1.00 62.93 ? 181  ASP A OD2   1 
ATOM   1383 N N     . ASP A 1 182 ? 14.415  -10.172 5.512   1.00 50.79 ? 182  ASP A N     1 
ATOM   1384 C CA    . ASP A 1 182 ? 13.723  -10.797 6.634   1.00 49.65 ? 182  ASP A CA    1 
ATOM   1385 C C     . ASP A 1 182 ? 12.203  -10.613 6.631   1.00 48.00 ? 182  ASP A C     1 
ATOM   1386 O O     . ASP A 1 182 ? 11.548  -10.873 7.641   1.00 47.76 ? 182  ASP A O     1 
ATOM   1387 C CB    . ASP A 1 182 ? 14.283  -10.243 7.949   1.00 51.55 ? 182  ASP A CB    1 
ATOM   1388 C CG    . ASP A 1 182 ? 14.213  -8.720  8.017   1.00 53.98 ? 182  ASP A CG    1 
ATOM   1389 O OD1   . ASP A 1 182 ? 13.426  -8.117  7.253   1.00 54.45 ? 182  ASP A OD1   1 
ATOM   1390 O OD2   . ASP A 1 182 ? 14.939  -8.124  8.847   1.00 55.17 ? 182  ASP A OD2   1 
ATOM   1391 N N     . THR A 1 183 ? 11.649  -10.174 5.509   1.00 45.19 ? 183  THR A N     1 
ATOM   1392 C CA    . THR A 1 183 ? 10.203  -9.945  5.421   1.00 41.72 ? 183  THR A CA    1 
ATOM   1393 C C     . THR A 1 183 ? 9.446   -11.090 4.778   1.00 40.95 ? 183  THR A C     1 
ATOM   1394 O O     . THR A 1 183 ? 10.030  -12.008 4.209   1.00 40.45 ? 183  THR A O     1 
ATOM   1395 C CB    . THR A 1 183 ? 9.897   -8.701  4.598   1.00 40.75 ? 183  THR A CB    1 
ATOM   1396 O OG1   . THR A 1 183 ? 10.457  -8.862  3.291   1.00 36.93 ? 183  THR A OG1   1 
ATOM   1397 C CG2   . THR A 1 183 ? 10.470  -7.458  5.256   1.00 39.86 ? 183  THR A CG2   1 
ATOM   1398 N N     . THR A 1 184 ? 8.121   -11.012 4.852   1.00 39.43 ? 184  THR A N     1 
ATOM   1399 C CA    . THR A 1 184 ? 7.260   -12.020 4.265   1.00 37.97 ? 184  THR A CA    1 
ATOM   1400 C C     . THR A 1 184 ? 6.111   -11.398 3.487   1.00 36.16 ? 184  THR A C     1 
ATOM   1401 O O     . THR A 1 184 ? 5.270   -10.701 4.058   1.00 35.12 ? 184  THR A O     1 
ATOM   1402 C CB    . THR A 1 184 ? 6.676   -12.939 5.344   1.00 38.36 ? 184  THR A CB    1 
ATOM   1403 O OG1   . THR A 1 184 ? 7.736   -13.707 5.924   1.00 39.19 ? 184  THR A OG1   1 
ATOM   1404 C CG2   . THR A 1 184 ? 5.635   -13.869 4.748   1.00 38.48 ? 184  THR A CG2   1 
ATOM   1405 N N     . ILE A 1 185 ? 6.089   -11.649 2.180   1.00 34.27 ? 185  ILE A N     1 
ATOM   1406 C CA    . ILE A 1 185 ? 5.031   -11.146 1.320   1.00 33.64 ? 185  ILE A CA    1 
ATOM   1407 C C     . ILE A 1 185 ? 3.884   -12.155 1.331   1.00 34.52 ? 185  ILE A C     1 
ATOM   1408 O O     . ILE A 1 185 ? 4.071   -13.314 0.968   1.00 34.96 ? 185  ILE A O     1 
ATOM   1409 C CB    . ILE A 1 185 ? 5.519   -10.959 -0.142  1.00 33.75 ? 185  ILE A CB    1 
ATOM   1410 C CG1   . ILE A 1 185 ? 6.481   -9.770  -0.230  1.00 35.23 ? 185  ILE A CG1   1 
ATOM   1411 C CG2   . ILE A 1 185 ? 4.322   -10.750 -1.069  1.00 32.19 ? 185  ILE A CG2   1 
ATOM   1412 C CD1   . ILE A 1 185 ? 7.001   -9.479  -1.637  1.00 34.81 ? 185  ILE A CD1   1 
ATOM   1413 N N     . LEU A 1 186 ? 2.711   -11.721 1.770   1.00 33.00 ? 186  LEU A N     1 
ATOM   1414 C CA    . LEU A 1 186 ? 1.554   -12.612 1.800   1.00 32.81 ? 186  LEU A CA    1 
ATOM   1415 C C     . LEU A 1 186 ? 1.037   -12.826 0.382   1.00 32.17 ? 186  LEU A C     1 
ATOM   1416 O O     . LEU A 1 186 ? 0.769   -13.956 -0.028  1.00 30.74 ? 186  LEU A O     1 
ATOM   1417 C CB    . LEU A 1 186 ? 0.439   -12.020 2.673   1.00 32.68 ? 186  LEU A CB    1 
ATOM   1418 C CG    . LEU A 1 186 ? 0.669   -12.120 4.181   1.00 35.33 ? 186  LEU A CG    1 
ATOM   1419 C CD1   . LEU A 1 186 ? -0.361  -11.284 4.934   1.00 34.45 ? 186  LEU A CD1   1 
ATOM   1420 C CD2   . LEU A 1 186 ? 0.595   -13.588 4.595   1.00 36.37 ? 186  LEU A CD2   1 
ATOM   1421 N N     . GLY A 1 187 ? 0.902   -11.736 -0.363  1.00 30.68 ? 187  GLY A N     1 
ATOM   1422 C CA    . GLY A 1 187 ? 0.409   -11.846 -1.724  1.00 28.64 ? 187  GLY A CA    1 
ATOM   1423 C C     . GLY A 1 187 ? -0.289  -10.583 -2.193  1.00 28.91 ? 187  GLY A C     1 
ATOM   1424 O O     . GLY A 1 187 ? -0.154  -9.521  -1.577  1.00 28.08 ? 187  GLY A O     1 
ATOM   1425 N N     . TRP A 1 188 ? -1.037  -10.700 -3.287  1.00 28.24 ? 188  TRP A N     1 
ATOM   1426 C CA    . TRP A 1 188 ? -1.742  -9.549  -3.836  1.00 29.45 ? 188  TRP A CA    1 
ATOM   1427 C C     . TRP A 1 188 ? -3.252  -9.749  -3.882  1.00 30.37 ? 188  TRP A C     1 
ATOM   1428 O O     . TRP A 1 188 ? -3.755  -10.865 -3.720  1.00 28.13 ? 188  TRP A O     1 
ATOM   1429 C CB    . TRP A 1 188 ? -1.190  -9.191  -5.228  1.00 31.26 ? 188  TRP A CB    1 
ATOM   1430 C CG    . TRP A 1 188 ? -1.042  -10.346 -6.172  1.00 33.17 ? 188  TRP A CG    1 
ATOM   1431 C CD1   . TRP A 1 188 ? -1.959  -10.801 -7.075  1.00 32.92 ? 188  TRP A CD1   1 
ATOM   1432 C CD2   . TRP A 1 188 ? 0.092   -11.224 -6.278  1.00 33.41 ? 188  TRP A CD2   1 
ATOM   1433 N NE1   . TRP A 1 188 ? -1.475  -11.903 -7.736  1.00 33.60 ? 188  TRP A NE1   1 
ATOM   1434 C CE2   . TRP A 1 188 ? -0.214  -12.188 -7.263  1.00 34.11 ? 188  TRP A CE2   1 
ATOM   1435 C CE3   . TRP A 1 188 ? 1.333   -11.288 -5.630  1.00 33.93 ? 188  TRP A CE3   1 
ATOM   1436 C CZ2   . TRP A 1 188 ? 0.675   -13.209 -7.624  1.00 32.55 ? 188  TRP A CZ2   1 
ATOM   1437 C CZ3   . TRP A 1 188 ? 2.225   -12.306 -5.988  1.00 34.42 ? 188  TRP A CZ3   1 
ATOM   1438 C CH2   . TRP A 1 188 ? 1.884   -13.252 -6.972  1.00 33.57 ? 188  TRP A CH2   1 
ATOM   1439 N N     . MET A 1 189 ? -3.968  -8.658  -4.093  1.00 30.30 ? 189  MET A N     1 
ATOM   1440 C CA    . MET A 1 189 ? -5.420  -8.715  -4.116  1.00 30.92 ? 189  MET A CA    1 
ATOM   1441 C C     . MET A 1 189 ? -5.959  -7.994  -5.328  1.00 32.23 ? 189  MET A C     1 
ATOM   1442 O O     . MET A 1 189 ? -5.466  -6.923  -5.697  1.00 30.77 ? 189  MET A O     1 
ATOM   1443 C CB    . MET A 1 189 ? -5.959  -8.094  -2.835  1.00 30.33 ? 189  MET A CB    1 
ATOM   1444 C CG    . MET A 1 189 ? -5.265  -8.654  -1.602  1.00 33.02 ? 189  MET A CG    1 
ATOM   1445 S SD    . MET A 1 189 ? -5.956  -8.073  -0.082  1.00 35.37 ? 189  MET A SD    1 
ATOM   1446 C CE    . MET A 1 189 ? -7.370  -9.228  0.112   1.00 32.98 ? 189  MET A CE    1 
ATOM   1447 N N     . ILE A 1 190 ? -6.977  -8.579  -5.943  1.00 33.15 ? 190  ILE A N     1 
ATOM   1448 C CA    . ILE A 1 190 ? -7.571  -8.005  -7.139  1.00 35.14 ? 190  ILE A CA    1 
ATOM   1449 C C     . ILE A 1 190 ? -9.085  -8.029  -7.028  1.00 34.22 ? 190  ILE A C     1 
ATOM   1450 O O     . ILE A 1 190 ? -9.660  -8.958  -6.475  1.00 32.55 ? 190  ILE A O     1 
ATOM   1451 C CB    . ILE A 1 190 ? -7.125  -8.794  -8.392  1.00 37.24 ? 190  ILE A CB    1 
ATOM   1452 C CG1   . ILE A 1 190 ? -5.595  -8.776  -8.493  1.00 38.05 ? 190  ILE A CG1   1 
ATOM   1453 C CG2   . ILE A 1 190 ? -7.760  -8.201  -9.648  1.00 36.83 ? 190  ILE A CG2   1 
ATOM   1454 C CD1   . ILE A 1 190 ? -5.032  -9.641  -9.625  1.00 41.67 ? 190  ILE A CD1   1 
ATOM   1455 N N     . GLN A 1 191 ? -9.731  -7.002  -7.557  1.00 35.78 ? 191  GLN A N     1 
ATOM   1456 C CA    . GLN A 1 191 ? -11.181 -6.932  -7.486  1.00 39.43 ? 191  GLN A CA    1 
ATOM   1457 C C     . GLN A 1 191 ? -11.790 -7.959  -8.438  1.00 42.79 ? 191  GLN A C     1 
ATOM   1458 O O     . GLN A 1 191 ? -11.759 -7.785  -9.651  1.00 41.80 ? 191  GLN A O     1 
ATOM   1459 C CB    . GLN A 1 191 ? -11.652 -5.512  -7.839  1.00 35.58 ? 191  GLN A CB    1 
ATOM   1460 C CG    . GLN A 1 191 ? -13.085 -5.226  -7.443  1.00 35.85 ? 191  GLN A CG    1 
ATOM   1461 C CD    . GLN A 1 191 ? -14.094 -5.827  -8.398  1.00 33.37 ? 191  GLN A CD    1 
ATOM   1462 O OE1   . GLN A 1 191 ? -14.309 -5.306  -9.489  1.00 32.17 ? 191  GLN A OE1   1 
ATOM   1463 N NE2   . GLN A 1 191 ? -14.713 -6.934  -7.998  1.00 31.72 ? 191  GLN A NE2   1 
ATOM   1464 N N     . THR A 1 192 ? -12.318 -9.045  -7.873  1.00 49.23 ? 192  THR A N     1 
ATOM   1465 C CA    . THR A 1 192 ? -12.941 -10.105 -8.665  1.00 55.40 ? 192  THR A CA    1 
ATOM   1466 C C     . THR A 1 192 ? -13.718 -11.100 -7.807  1.00 59.69 ? 192  THR A C     1 
ATOM   1467 O O     . THR A 1 192 ? -13.335 -11.401 -6.671  1.00 61.23 ? 192  THR A O     1 
ATOM   1468 C CB    . THR A 1 192 ? -11.900 -10.885 -9.483  1.00 56.36 ? 192  THR A CB    1 
ATOM   1469 O OG1   . THR A 1 192 ? -12.569 -11.867 -10.282 1.00 55.97 ? 192  THR A OG1   1 
ATOM   1470 C CG2   . THR A 1 192 ? -10.902 -11.574 -8.562  1.00 56.48 ? 192  THR A CG2   1 
ATOM   1471 N N     . GLU A 1 193 ? -14.809 -11.620 -8.367  1.00 63.97 ? 193  GLU A N     1 
ATOM   1472 C CA    . GLU A 1 193 ? -15.659 -12.572 -7.659  1.00 67.42 ? 193  GLU A CA    1 
ATOM   1473 C C     . GLU A 1 193 ? -14.976 -13.921 -7.446  1.00 68.52 ? 193  GLU A C     1 
ATOM   1474 O O     . GLU A 1 193 ? -13.870 -14.121 -7.994  1.00 70.38 ? 193  GLU A O     1 
ATOM   1475 C CB    . GLU A 1 193 ? -16.970 -12.764 -8.431  1.00 68.13 ? 193  GLU A CB    1 
ATOM   1476 C CG    . GLU A 1 193 ? -17.979 -13.676 -7.751  1.00 71.40 ? 193  GLU A CG    1 
ATOM   1477 C CD    . GLU A 1 193 ? -18.395 -13.181 -6.377  1.00 73.55 ? 193  GLU A CD    1 
ATOM   1478 O OE1   . GLU A 1 193 ? -17.559 -13.225 -5.448  1.00 74.90 ? 193  GLU A OE1   1 
ATOM   1479 O OE2   . GLU A 1 193 ? -19.558 -12.745 -6.228  1.00 74.28 ? 193  GLU A OE2   1 
HETATM 1480 N N1    . TS5 B 2 .   ? -7.338  2.126   11.516  1.00 54.52 ? 198  TS5 A N1    1 
HETATM 1481 C CA1   . TS5 B 2 .   ? -6.367  2.452   10.451  1.00 56.86 ? 198  TS5 A CA1   1 
HETATM 1482 C C1    . TS5 B 2 .   ? -7.056  2.565   9.107   1.00 57.25 ? 198  TS5 A C1    1 
HETATM 1483 O OE1   . TS5 B 2 .   ? -8.054  1.927   8.871   1.00 58.22 ? 198  TS5 A OE1   1 
HETATM 1484 O OE2   . TS5 B 2 .   ? -6.537  3.375   8.163   1.00 58.30 ? 198  TS5 A OE2   1 
HETATM 1485 C CB1   . TS5 B 2 .   ? -4.884  2.598   10.801  1.00 54.72 ? 198  TS5 A CB1   1 
HETATM 1486 C CG1   . TS5 B 2 .   ? -4.117  1.611   9.925   1.00 53.22 ? 198  TS5 A CG1   1 
HETATM 1487 C CD1   . TS5 B 2 .   ? -2.637  1.682   10.161  1.00 52.91 ? 198  TS5 A CD1   1 
HETATM 1488 O O1    . TS5 B 2 .   ? -2.008  2.639   9.725   1.00 49.42 ? 198  TS5 A O1    1 
HETATM 1489 N N2    . TS5 B 2 .   ? -2.012  0.677   10.833  1.00 53.09 ? 198  TS5 A N2    1 
HETATM 1490 C CA2   . TS5 B 2 .   ? -0.558  0.695   11.066  1.00 53.59 ? 198  TS5 A CA2   1 
HETATM 1491 C C2    . TS5 B 2 .   ? 0.114   -0.186  10.031  1.00 53.25 ? 198  TS5 A C2    1 
HETATM 1492 O O2    . TS5 B 2 .   ? -0.343  -1.300  9.779   1.00 49.04 ? 198  TS5 A O2    1 
HETATM 1493 C CB2   . TS5 B 2 .   ? -0.235  0.195   12.479  1.00 55.82 ? 198  TS5 A CB2   1 
HETATM 1494 S SG2   . TS5 B 2 .   ? -0.227  1.608   13.617  1.00 58.88 ? 198  TS5 A SG2   1 
HETATM 1495 N N3    . TS5 B 2 .   ? 1.218   0.275   9.386   1.00 52.48 ? 198  TS5 A N3    1 
HETATM 1496 C CA3   . TS5 B 2 .   ? 1.758   -0.413  8.204   1.00 50.88 ? 198  TS5 A CA3   1 
HETATM 1497 C C3    . TS5 B 2 .   ? 2.977   0.310   7.686   1.00 49.76 ? 198  TS5 A C3    1 
HETATM 1498 O O3    . TS5 B 2 .   ? 2.998   1.535   7.679   1.00 43.42 ? 198  TS5 A O3    1 
HETATM 1499 N "N1'" . TS5 B 2 .   ? 4.026   -0.416  7.216   1.00 47.86 ? 198  TS5 A "N1'" 1 
HETATM 1500 C "C1'" . TS5 B 2 .   ? 5.325   0.205   6.944   1.00 52.68 ? 198  TS5 A "C1'" 1 
HETATM 1501 C "C2'" . TS5 B 2 .   ? 6.397   -0.468  7.794   1.00 57.52 ? 198  TS5 A "C2'" 1 
HETATM 1502 N "N2'" . TS5 B 2 .   ? 8.064   -0.090  9.530   1.00 65.97 ? 198  TS5 A "N2'" 1 
HETATM 1503 C "C3'" . TS5 B 2 .   ? 7.030   0.562   8.723   1.00 61.36 ? 198  TS5 A "C3'" 1 
HETATM 1504 C "C4'" . TS5 B 2 .   ? 8.633   0.947   10.394  1.00 69.52 ? 198  TS5 A "C4'" 1 
HETATM 1505 C "C5'" . TS5 B 2 .   ? 9.730   0.339   11.267  1.00 72.39 ? 198  TS5 A "C5'" 1 
HETATM 1506 C "C6'" . TS5 B 2 .   ? 10.320  1.427   12.166  1.00 74.81 ? 198  TS5 A "C6'" 1 
HETATM 1507 C "C7'" . TS5 B 2 .   ? 11.421  0.832   13.045  1.00 76.19 ? 198  TS5 A "C7'" 1 
HETATM 1508 N "N3'" . TS5 B 2 .   ? 11.981  1.884   13.903  1.00 77.10 ? 198  TS5 A "N3'" 1 
HETATM 1509 O O     . HOH C 3 .   ? 1.393   2.083   1.290   1.00 23.30 ? 3001 HOH A O     1 
HETATM 1510 O O     . HOH C 3 .   ? 6.990   11.438  -8.116  1.00 41.18 ? 3002 HOH A O     1 
HETATM 1511 O O     . HOH C 3 .   ? -1.712  17.368  7.014   1.00 33.15 ? 3003 HOH A O     1 
HETATM 1512 O O     . HOH C 3 .   ? -5.506  13.799  3.225   1.00 44.84 ? 3004 HOH A O     1 
HETATM 1513 O O     . HOH C 3 .   ? -6.592  -4.725  -5.133  1.00 55.62 ? 3005 HOH A O     1 
HETATM 1514 O O     . HOH C 3 .   ? -9.455  -10.428 10.289  1.00 53.88 ? 3006 HOH A O     1 
HETATM 1515 O O     . HOH C 3 .   ? -5.925  -16.801 0.750   1.00 59.12 ? 3007 HOH A O     1 
HETATM 1516 O O     . HOH C 3 .   ? 7.070   -8.943  6.596   1.00 33.87 ? 3008 HOH A O     1 
HETATM 1517 O O     . HOH C 3 .   ? 0.102   10.047  -13.218 1.00 35.51 ? 3009 HOH A O     1 
HETATM 1518 O O     . HOH C 3 .   ? -12.983 -10.204 5.983   1.00 32.25 ? 3010 HOH A O     1 
HETATM 1519 O O     . HOH C 3 .   ? 7.350   5.083   1.284   1.00 30.45 ? 3011 HOH A O     1 
HETATM 1520 O O     . HOH C 3 .   ? 13.947  -0.714  -5.263  1.00 49.88 ? 3012 HOH A O     1 
HETATM 1521 O O     . HOH C 3 .   ? -12.565 11.162  -5.982  1.00 59.36 ? 3013 HOH A O     1 
HETATM 1522 O O     . HOH C 3 .   ? 1.083   16.260  7.441   1.00 36.94 ? 3014 HOH A O     1 
HETATM 1523 O O     . HOH C 3 .   ? -0.141  -12.985 11.189  1.00 50.98 ? 3015 HOH A O     1 
HETATM 1524 O O     . HOH C 3 .   ? -3.019  14.354  -0.593  1.00 50.17 ? 3016 HOH A O     1 
HETATM 1525 O O     . HOH C 3 .   ? 4.903   3.731   -11.272 1.00 43.98 ? 3017 HOH A O     1 
HETATM 1526 O O     . HOH C 3 .   ? -3.764  4.341   8.198   1.00 31.82 ? 3018 HOH A O     1 
HETATM 1527 O O     . HOH C 3 .   ? 12.191  -11.027 2.279   1.00 52.92 ? 3019 HOH A O     1 
HETATM 1528 O O     . HOH C 3 .   ? 17.467  -13.173 7.065   1.00 55.10 ? 3020 HOH A O     1 
HETATM 1529 O O     . HOH C 3 .   ? 11.396  -14.633 5.519   1.00 71.23 ? 3021 HOH A O     1 
HETATM 1530 O O     . HOH C 3 .   ? 6.223   -14.963 0.208   1.00 49.74 ? 3022 HOH A O     1 
HETATM 1531 O O     . HOH C 3 .   ? 8.108   -13.285 0.853   1.00 42.29 ? 3023 HOH A O     1 
HETATM 1532 O O     . HOH C 3 .   ? 10.306  -12.014 -0.337  1.00 49.28 ? 3024 HOH A O     1 
HETATM 1533 O O     . HOH C 3 .   ? 6.511   7.646   3.376   1.00 37.08 ? 3025 HOH A O     1 
HETATM 1534 O O     . HOH C 3 .   ? -3.364  12.866  -3.120  1.00 45.13 ? 3026 HOH A O     1 
HETATM 1535 O O     . HOH C 3 .   ? 13.627  -7.867  -5.259  1.00 36.27 ? 3027 HOH A O     1 
HETATM 1536 O O     . HOH C 3 .   ? 3.121   3.445   -13.597 1.00 55.06 ? 3028 HOH A O     1 
HETATM 1537 O O     . HOH C 3 .   ? 0.976   -16.361 1.094   1.00 52.88 ? 3029 HOH A O     1 
HETATM 1538 O O     . HOH C 3 .   ? 0.234   -17.261 7.780   1.00 71.19 ? 3030 HOH A O     1 
HETATM 1539 O O     . HOH C 3 .   ? -4.497  -11.540 6.800   1.00 41.20 ? 3031 HOH A O     1 
HETATM 1540 O O     . HOH C 3 .   ? -6.326  -14.540 2.864   1.00 40.11 ? 3032 HOH A O     1 
HETATM 1541 O O     . HOH C 3 .   ? -11.081 -9.744  8.396   1.00 54.23 ? 3033 HOH A O     1 
HETATM 1542 O O     . HOH C 3 .   ? -12.565 -9.105  10.965  1.00 32.47 ? 3034 HOH A O     1 
HETATM 1543 O O     . HOH C 3 .   ? -2.435  17.396  4.511   1.00 63.49 ? 3035 HOH A O     1 
HETATM 1544 O O     . HOH C 3 .   ? -6.941  15.630  6.096   1.00 46.50 ? 3036 HOH A O     1 
HETATM 1545 O O     . HOH C 3 .   ? -8.184  17.357  2.762   1.00 58.54 ? 3037 HOH A O     1 
HETATM 1546 O O     . HOH C 3 .   ? -11.267 18.170  1.465   1.00 77.07 ? 3038 HOH A O     1 
HETATM 1547 O O     . HOH C 3 .   ? -8.145  -4.324  -8.663  1.00 58.51 ? 3039 HOH A O     1 
HETATM 1548 O O     . HOH C 3 .   ? -7.607  -4.401  -11.467 1.00 48.49 ? 3040 HOH A O     1 
HETATM 1549 O O     . HOH C 3 .   ? -10.448 -10.532 -11.860 1.00 40.95 ? 3041 HOH A O     1 
HETATM 1550 O O     . HOH C 3 .   ? -13.279 -12.927 -2.745  1.00 53.91 ? 3042 HOH A O     1 
HETATM 1551 O O     . HOH C 3 .   ? -15.590 -11.858 -2.041  1.00 52.18 ? 3043 HOH A O     1 
HETATM 1552 O O     . HOH C 3 .   ? -6.899  9.959   -10.207 1.00 30.50 ? 3044 HOH A O     1 
HETATM 1553 O O     . HOH C 3 .   ? -10.361 11.248  -8.368  1.00 36.69 ? 3045 HOH A O     1 
HETATM 1554 O O     . HOH C 3 .   ? -17.304 5.718   -5.887  1.00 33.41 ? 3046 HOH A O     1 
HETATM 1555 O O     . HOH C 3 .   ? 10.210  5.040   -13.821 1.00 63.11 ? 3047 HOH A O     1 
HETATM 1556 O O     . HOH C 3 .   ? -0.213  16.007  -10.082 1.00 58.60 ? 3048 HOH A O     1 
HETATM 1557 O O     . HOH C 3 .   ? 10.001  14.325  -5.662  1.00 51.02 ? 3049 HOH A O     1 
HETATM 1558 O O     . HOH C 3 .   ? -9.757  20.742  7.171   1.00 56.11 ? 3050 HOH A O     1 
HETATM 1559 O O     . HOH C 3 .   ? 2.839   17.524  8.940   1.00 49.32 ? 3051 HOH A O     1 
HETATM 1560 O O     . HOH C 3 .   ? 1.716   17.381  4.931   1.00 49.23 ? 3052 HOH A O     1 
HETATM 1561 O O     . HOH C 3 .   ? -7.881  17.145  -1.863  1.00 70.35 ? 3053 HOH A O     1 
HETATM 1562 O O     . HOH C 3 .   ? 0.236   17.981  -1.335  1.00 70.66 ? 3054 HOH A O     1 
HETATM 1563 O O     . HOH C 3 .   ? -1.689  17.709  -3.390  1.00 73.03 ? 3055 HOH A O     1 
HETATM 1564 O O     . HOH C 3 .   ? -13.535 5.421   11.222  1.00 77.87 ? 3056 HOH A O     1 
HETATM 1565 O O     . HOH C 3 .   ? 9.507   6.987   11.805  1.00 61.97 ? 3057 HOH A O     1 
HETATM 1566 O O     . HOH C 3 .   ? -4.762  14.474  0.999   1.00 58.36 ? 3058 HOH A O     1 
HETATM 1567 O O     . HOH C 3 .   ? -12.965 17.293  5.267   1.00 74.22 ? 3059 HOH A O     1 
HETATM 1568 O O     . HOH C 3 .   ? -5.476  17.861  9.379   1.00 61.17 ? 3060 HOH A O     1 
HETATM 1569 O O     . HOH C 3 .   ? 18.593  10.307  6.511   1.00 65.98 ? 3061 HOH A O     1 
HETATM 1570 O O     . HOH C 3 .   ? 13.830  6.494   3.461   1.00 54.61 ? 3062 HOH A O     1 
HETATM 1571 O O     . HOH C 3 .   ? 5.589   12.762  -10.404 1.00 50.17 ? 3063 HOH A O     1 
HETATM 1572 O O     . HOH C 3 .   ? 13.908  6.245   -4.485  1.00 64.96 ? 3064 HOH A O     1 
HETATM 1573 O O     . HOH C 3 .   ? 15.751  5.160   -8.291  1.00 62.10 ? 3065 HOH A O     1 
HETATM 1574 O O     . HOH C 3 .   ? 11.417  0.997   6.760   1.00 68.13 ? 3066 HOH A O     1 
HETATM 1575 O O     . HOH C 3 .   ? -11.723 -1.652  -8.482  1.00 59.17 ? 3067 HOH A O     1 
HETATM 1576 O O     . HOH C 3 .   ? -7.146  -2.992  -6.702  1.00 54.92 ? 3068 HOH A O     1 
HETATM 1577 O O     . HOH C 3 .   ? -12.173 -14.468 -10.472 1.00 63.47 ? 3069 HOH A O     1 
HETATM 1578 O O     . HOH C 3 .   ? -14.572 -13.514 -11.144 1.00 65.46 ? 3070 HOH A O     1 
HETATM 1579 O O     . HOH C 3 .   ? -4.184  -11.807 -13.052 1.00 39.93 ? 3071 HOH A O     1 
HETATM 1580 O O     . HOH C 3 .   ? -2.336  -15.076 -14.550 1.00 48.68 ? 3072 HOH A O     1 
HETATM 1581 O O     . HOH C 3 .   ? -0.416  -19.207 -14.831 1.00 47.96 ? 3073 HOH A O     1 
HETATM 1582 O O     . HOH C 3 .   ? -0.841  -15.088 -16.293 1.00 62.32 ? 3074 HOH A O     1 
HETATM 1583 O O     . HOH C 3 .   ? -13.027 8.991   -6.863  1.00 55.86 ? 3075 HOH A O     1 
HETATM 1584 O O     . HOH C 3 .   ? -14.267 1.140   7.146   1.00 46.87 ? 3076 HOH A O     1 
HETATM 1585 O O     . HOH C 3 .   ? -15.076 2.572   5.238   1.00 72.78 ? 3077 HOH A O     1 
HETATM 1586 O O     . HOH C 3 .   ? -13.132 5.198   4.551   1.00 51.96 ? 3078 HOH A O     1 
HETATM 1587 O O     . HOH C 3 .   ? -14.076 4.313   7.589   1.00 65.12 ? 3079 HOH A O     1 
HETATM 1588 O O     . HOH C 3 .   ? -0.861  4.328   14.280  1.00 79.92 ? 3080 HOH A O     1 
HETATM 1589 O O     . HOH C 3 .   ? -9.982  3.356   11.926  1.00 68.52 ? 3081 HOH A O     1 
HETATM 1590 O O     . HOH C 3 .   ? -9.602  18.110  5.677   1.00 70.02 ? 3082 HOH A O     1 
HETATM 1591 O O     . HOH C 3 .   ? -1.156  1.791   -11.859 1.00 56.26 ? 3083 HOH A O     1 
HETATM 1592 O O     . HOH C 3 .   ? 14.812  -5.397  -9.369  1.00 58.56 ? 3084 HOH A O     1 
HETATM 1593 O O     . HOH C 3 .   ? -9.143  -2.027  -7.833  1.00 69.32 ? 3085 HOH A O     1 
HETATM 1594 O O     . HOH C 3 .   ? -12.109 -16.896 -9.478  1.00 61.36 ? 3086 HOH A O     1 
HETATM 1595 O O     . HOH C 3 .   ? -14.955 -14.855 -4.821  1.00 60.09 ? 3087 HOH A O     1 
HETATM 1596 O O     . HOH C 3 .   ? -1.373  -13.700 9.157   1.00 62.25 ? 3088 HOH A O     1 
HETATM 1597 O O     . HOH C 3 .   ? -2.950  -13.791 7.109   1.00 62.10 ? 3089 HOH A O     1 
HETATM 1598 O O     . HOH C 3 .   ? 0.558   -15.268 12.104  1.00 75.10 ? 3090 HOH A O     1 
HETATM 1599 O O     . HOH C 3 .   ? 2.544   -17.810 -0.291  1.00 52.51 ? 3091 HOH A O     1 
HETATM 1600 O O     . HOH C 3 .   ? 7.418   -18.579 -9.593  1.00 49.74 ? 3092 HOH A O     1 
HETATM 1601 O O     . HOH C 3 .   ? 6.729   -22.254 -8.804  1.00 64.53 ? 3093 HOH A O     1 
HETATM 1602 O O     . HOH C 3 .   ? 6.053   -24.170 -7.056  1.00 71.46 ? 3094 HOH A O     1 
HETATM 1603 O O     . HOH C 3 .   ? 9.642   -14.405 -0.785  1.00 57.68 ? 3095 HOH A O     1 
HETATM 1604 O O     . HOH C 3 .   ? -0.449  -3.164  13.643  1.00 50.19 ? 3096 HOH A O     1 
HETATM 1605 O O     . HOH C 3 .   ? 3.836   1.732   11.788  1.00 61.90 ? 3097 HOH A O     1 
HETATM 1606 O O     . HOH C 3 .   ? 9.217   3.782   8.945   1.00 61.78 ? 3098 HOH A O     1 
HETATM 1607 O O     . HOH C 3 .   ? 16.232  12.284  -5.023  1.00 65.93 ? 3099 HOH A O     1 
HETATM 1608 O O     . HOH C 3 .   ? 14.706  8.646   6.157   1.00 60.68 ? 3100 HOH A O     1 
HETATM 1609 O O     . HOH C 3 .   ? 9.959   15.252  11.259  1.00 56.84 ? 3101 HOH A O     1 
HETATM 1610 O O     . HOH C 3 .   ? -0.259  17.418  3.390   1.00 70.75 ? 3102 HOH A O     1 
HETATM 1611 O O     . HOH C 3 .   ? -4.613  -17.589 -14.888 0.50 73.07 ? 3103 HOH A O     1 
HETATM 1612 O O     . HOH C 3 .   ? 7.728   5.471   10.038  1.00 56.14 ? 3104 HOH A O     1 
HETATM 1613 O O     . HOH C 3 .   ? 15.645  6.587   1.127   1.00 66.22 ? 3105 HOH A O     1 
HETATM 1614 O O     . HOH C 3 .   ? 18.249  3.432   -3.457  1.00 74.73 ? 3106 HOH A O     1 
HETATM 1615 O O     . HOH C 3 .   ? 6.459   17.861  10.050  0.50 47.93 ? 3107 HOH A O     1 
HETATM 1616 O O     . HOH C 3 .   ? 8.279   17.737  12.307  0.50 49.99 ? 3108 HOH A O     1 
HETATM 1617 O O     . HOH C 3 .   ? 19.355  8.709   4.989   1.00 69.25 ? 3109 HOH A O     1 
HETATM 1618 O O     . HOH C 3 .   ? 13.805  -0.864  11.101  1.00 76.88 ? 3110 HOH A O     1 
HETATM 1619 O O     . HOH C 3 .   ? 15.798  -0.496  10.947  1.00 75.39 ? 3111 HOH A O     1 
HETATM 1620 O O     . HOH C 3 .   ? 12.083  -12.690 10.512  1.00 67.60 ? 3112 HOH A O     1 
HETATM 1621 O O     . HOH C 3 .   ? 9.528   -13.083 11.121  1.00 66.04 ? 3113 HOH A O     1 
HETATM 1622 O O     . HOH C 3 .   ? 2.230   -16.439 6.188   1.00 67.65 ? 3114 HOH A O     1 
HETATM 1623 O O     . HOH C 3 .   ? 7.611   6.519   -13.117 1.00 50.37 ? 3115 HOH A O     1 
HETATM 1624 O O     . HOH C 3 .   ? 11.985  3.829   -15.341 1.00 70.76 ? 3116 HOH A O     1 
HETATM 1625 O O     . HOH C 3 .   ? 13.579  0.647   -16.781 1.00 65.67 ? 3117 HOH A O     1 
HETATM 1626 O O     . HOH C 3 .   ? 9.230   -3.961  -19.544 1.00 63.73 ? 3118 HOH A O     1 
HETATM 1627 O O     . HOH C 3 .   ? 8.836   -22.389 -16.735 1.00 66.89 ? 3119 HOH A O     1 
HETATM 1628 O O     . HOH C 3 .   ? 10.218  0.255   -17.541 1.00 69.35 ? 3120 HOH A O     1 
HETATM 1629 O O     . HOH C 3 .   ? 15.900  -6.761  -11.251 1.00 69.40 ? 3121 HOH A O     1 
HETATM 1630 O O     . HOH C 3 .   ? -19.802 9.410   0.529   1.00 72.33 ? 3122 HOH A O     1 
HETATM 1631 O O     . HOH C 3 .   ? -21.091 7.112   0.770   1.00 62.65 ? 3123 HOH A O     1 
HETATM 1632 O O     . HOH C 3 .   ? -23.792 7.757   0.973   1.00 63.96 ? 3124 HOH A O     1 
HETATM 1633 O O     . HOH C 3 .   ? 1.161   14.488  -11.000 1.00 69.83 ? 3125 HOH A O     1 
HETATM 1634 O O     . HOH C 3 .   ? -15.256 -16.347 2.272   1.00 86.58 ? 3126 HOH A O     1 
HETATM 1635 O O     . HOH C 3 .   ? 17.704  -3.218  1.362   1.00 74.48 ? 3128 HOH A O     1 
HETATM 1636 O O     . HOH C 3 .   ? 14.220  16.042  8.654   1.00 74.46 ? 3129 HOH A O     1 
HETATM 1637 O O     . HOH C 3 .   ? 18.769  15.089  4.832   1.00 68.82 ? 3130 HOH A O     1 
HETATM 1638 O O     . HOH C 3 .   ? 16.576  -2.102  8.249   1.00 69.42 ? 3131 HOH A O     1 
HETATM 1639 O O     . HOH C 3 .   ? -10.545 16.404  11.583  1.00 74.13 ? 3132 HOH A O     1 
# 
_database_PDB_caveat.id     1 
_database_PDB_caveat.text   'ligand TS5 has wrong geometry' 
# 
loop_
_pdbx_poly_seq_scheme.asym_id 
_pdbx_poly_seq_scheme.entity_id 
_pdbx_poly_seq_scheme.seq_id 
_pdbx_poly_seq_scheme.mon_id 
_pdbx_poly_seq_scheme.ndb_seq_num 
_pdbx_poly_seq_scheme.pdb_seq_num 
_pdbx_poly_seq_scheme.auth_seq_num 
_pdbx_poly_seq_scheme.pdb_mon_id 
_pdbx_poly_seq_scheme.auth_mon_id 
_pdbx_poly_seq_scheme.pdb_strand_id 
_pdbx_poly_seq_scheme.pdb_ins_code 
_pdbx_poly_seq_scheme.hetero 
A 1 1   MET 1   1   ?   ?   ?   A . n 
A 1 2   SER 2   2   ?   ?   ?   A . n 
A 1 3   LYS 3   3   ?   ?   ?   A . n 
A 1 4   GLY 4   4   ?   ?   ?   A . n 
A 1 5   THR 5   5   ?   ?   ?   A . n 
A 1 6   THR 6   6   ?   ?   ?   A . n 
A 1 7   SER 7   7   ?   ?   ?   A . n 
A 1 8   GLN 8   8   ?   ?   ?   A . n 
A 1 9   ASP 9   9   9   ASP ASP A . n 
A 1 10  ALA 10  10  10  ALA ALA A . n 
A 1 11  PRO 11  11  11  PRO PRO A . n 
A 1 12  PHE 12  12  12  PHE PHE A . n 
A 1 13  GLY 13  13  13  GLY GLY A . n 
A 1 14  THR 14  14  14  THR THR A . n 
A 1 15  LEU 15  15  15  LEU LEU A . n 
A 1 16  LEU 16  16  16  LEU LEU A . n 
A 1 17  GLY 17  17  17  GLY GLY A . n 
A 1 18  TYR 18  18  18  TYR TYR A . n 
A 1 19  ALA 19  19  19  ALA ALA A . n 
A 1 20  PRO 20  20  20  PRO PRO A . n 
A 1 21  GLY 21  21  21  GLY GLY A . n 
A 1 22  GLY 22  22  22  GLY GLY A . n 
A 1 23  VAL 23  23  23  VAL VAL A . n 
A 1 24  ALA 24  24  24  ALA ALA A . n 
A 1 25  ILE 25  25  25  ILE ILE A . n 
A 1 26  TYR 26  26  26  TYR TYR A . n 
A 1 27  SER 27  27  27  SER SER A . n 
A 1 28  SER 28  28  28  SER SER A . n 
A 1 29  ASP 29  29  29  ASP ASP A . n 
A 1 30  TYR 30  30  30  TYR TYR A . n 
A 1 31  SER 31  31  31  SER SER A . n 
A 1 32  SER 32  32  32  SER SER A . n 
A 1 33  LEU 33  33  33  LEU LEU A . n 
A 1 34  ASP 34  34  34  ASP ASP A . n 
A 1 35  PRO 35  35  35  PRO PRO A . n 
A 1 36  GLN 36  36  36  GLN GLN A . n 
A 1 37  GLU 37  37  37  GLU GLU A . n 
A 1 38  TYR 38  38  38  TYR TYR A . n 
A 1 39  GLU 39  39  39  GLU GLU A . n 
A 1 40  ASP 40  40  40  ASP ASP A . n 
A 1 41  ASP 41  41  41  ASP ASP A . n 
A 1 42  ALA 42  42  42  ALA ALA A . n 
A 1 43  VAL 43  43  43  VAL VAL A . n 
A 1 44  PHE 44  44  44  PHE PHE A . n 
A 1 45  ARG 45  45  45  ARG ARG A . n 
A 1 46  SER 46  46  46  SER SER A . n 
A 1 47  TYR 47  47  47  TYR TYR A . n 
A 1 48  ILE 48  48  48  ILE ILE A . n 
A 1 49  ASP 49  49  49  ASP ASP A . n 
A 1 50  ASP 50  50  50  ASP ASP A . n 
A 1 51  GLU 51  51  51  GLU GLU A . n 
A 1 52  TYR 52  52  52  TYR TYR A . n 
A 1 53  MET 53  53  53  MET MET A . n 
A 1 54  GLY 54  54  54  GLY GLY A . n 
A 1 55  HIS 55  55  55  HIS HIS A . n 
A 1 56  LYS 56  56  56  LYS LYS A . n 
A 1 57  TRP 57  57  57  TRP TRP A . n 
A 1 58  GLN 58  58  58  GLN GLN A . n 
A 1 59  ALA 59  59  59  ALA ALA A . n 
A 1 60  VAL 60  60  60  VAL VAL A . n 
A 1 61  GLU 61  61  61  GLU GLU A . n 
A 1 62  PHE 62  62  62  PHE PHE A . n 
A 1 63  ALA 63  63  63  ALA ALA A . n 
A 1 64  ARG 64  64  64  ARG ARG A . n 
A 1 65  ARG 65  65  65  ARG ARG A . n 
A 1 66  PHE 66  66  66  PHE PHE A . n 
A 1 67  LEU 67  67  67  LEU LEU A . n 
A 1 68  PHE 68  68  68  PHE PHE A . n 
A 1 69  LEU 69  69  69  LEU LEU A . n 
A 1 70  ASN 70  70  70  ASN ASN A . n 
A 1 71  TYR 71  71  71  TYR TYR A . n 
A 1 72  GLY 72  72  72  GLY GLY A . n 
A 1 73  VAL 73  73  73  VAL VAL A . n 
A 1 74  VAL 74  74  74  VAL VAL A . n 
A 1 75  PHE 75  75  75  PHE PHE A . n 
A 1 76  THR 76  76  76  THR THR A . n 
A 1 77  ASP 77  77  77  ASP ASP A . n 
A 1 78  VAL 78  78  78  VAL VAL A . n 
A 1 79  GLY 79  79  79  GLY GLY A . n 
A 1 80  MET 80  80  80  MET MET A . n 
A 1 81  ALA 81  81  81  ALA ALA A . n 
A 1 82  TRP 82  82  82  TRP TRP A . n 
A 1 83  GLU 83  83  83  GLU GLU A . n 
A 1 84  ILE 84  84  84  ILE ILE A . n 
A 1 85  PHE 85  85  85  PHE PHE A . n 
A 1 86  SER 86  86  86  SER SER A . n 
A 1 87  LEU 87  87  87  LEU LEU A . n 
A 1 88  ARG 88  88  88  ARG ARG A . n 
A 1 89  PHE 89  89  89  PHE PHE A . n 
A 1 90  LEU 90  90  90  LEU LEU A . n 
A 1 91  ARG 91  91  91  ARG ARG A . n 
A 1 92  GLU 92  92  92  GLU GLU A . n 
A 1 93  VAL 93  93  93  VAL VAL A . n 
A 1 94  VAL 94  94  94  VAL VAL A . n 
A 1 95  ASN 95  95  95  ASN ASN A . n 
A 1 96  ASP 96  96  96  ASP ASP A . n 
A 1 97  ASN 97  97  97  ASN ASN A . n 
A 1 98  ILE 98  98  98  ILE ILE A . n 
A 1 99  LEU 99  99  99  LEU LEU A . n 
A 1 100 PRO 100 100 100 PRO PRO A . n 
A 1 101 LEU 101 101 101 LEU LEU A . n 
A 1 102 GLN 102 102 102 GLN GLN A . n 
A 1 103 ALA 103 103 103 ALA ALA A . n 
A 1 104 PHE 104 104 104 PHE PHE A . n 
A 1 105 PRO 105 105 105 PRO PRO A . n 
A 1 106 ASN 106 106 106 ASN ASN A . n 
A 1 107 GLY 107 107 107 GLY GLY A . n 
A 1 108 SER 108 108 108 SER SER A . n 
A 1 109 PRO 109 109 109 PRO PRO A . n 
A 1 110 ARG 110 110 110 ARG ARG A . n 
A 1 111 ALA 111 111 111 ALA ALA A . n 
A 1 112 PRO 112 112 112 PRO PRO A . n 
A 1 113 VAL 113 113 113 VAL VAL A . n 
A 1 114 ALA 114 114 114 ALA ALA A . n 
A 1 115 GLY 115 115 115 GLY GLY A . n 
A 1 116 ALA 116 116 116 ALA ALA A . n 
A 1 117 LEU 117 117 117 LEU LEU A . n 
A 1 118 LEU 118 118 118 LEU LEU A . n 
A 1 119 ILE 119 119 119 ILE ILE A . n 
A 1 120 TRP 120 120 120 TRP TRP A . n 
A 1 121 ASP 121 121 121 ASP ASP A . n 
A 1 122 LYS 122 122 122 LYS LYS A . n 
A 1 123 GLY 123 123 123 GLY GLY A . n 
A 1 124 GLY 124 124 124 GLY GLY A . n 
A 1 125 GLU 125 125 125 GLU GLU A . n 
A 1 126 PHE 126 126 126 PHE PHE A . n 
A 1 127 LYS 127 127 127 LYS LYS A . n 
A 1 128 ASP 128 128 128 ASP ASP A . n 
A 1 129 THR 129 129 129 THR THR A . n 
A 1 130 GLY 130 130 130 GLY GLY A . n 
A 1 131 HIS 131 131 131 HIS HIS A . n 
A 1 132 VAL 132 132 132 VAL VAL A . n 
A 1 133 ALA 133 133 133 ALA ALA A . n 
A 1 134 ILE 134 134 134 ILE ILE A . n 
A 1 135 ILE 135 135 135 ILE ILE A . n 
A 1 136 THR 136 136 136 THR THR A . n 
A 1 137 GLN 137 137 137 GLN GLN A . n 
A 1 138 LEU 138 138 138 LEU LEU A . n 
A 1 139 HIS 139 139 139 HIS HIS A . n 
A 1 140 GLY 140 140 140 GLY GLY A . n 
A 1 141 ASN 141 141 141 ASN ASN A . n 
A 1 142 LYS 142 142 142 LYS LYS A . n 
A 1 143 VAL 143 143 143 VAL VAL A . n 
A 1 144 ARG 144 144 144 ARG ARG A . n 
A 1 145 ILE 145 145 145 ILE ILE A . n 
A 1 146 ALA 146 146 146 ALA ALA A . n 
A 1 147 GLU 147 147 147 GLU GLU A . n 
A 1 148 GLN 148 148 148 GLN GLN A . n 
A 1 149 ASN 149 149 149 ASN ASN A . n 
A 1 150 VAL 150 150 150 VAL VAL A . n 
A 1 151 ILE 151 151 151 ILE ILE A . n 
A 1 152 HIS 152 152 152 HIS HIS A . n 
A 1 153 SER 153 153 153 SER SER A . n 
A 1 154 PRO 154 154 154 PRO PRO A . n 
A 1 155 LEU 155 155 155 LEU LEU A . n 
A 1 156 PRO 156 156 156 PRO PRO A . n 
A 1 157 GLN 157 157 157 GLN GLN A . n 
A 1 158 GLY 158 158 158 GLY GLY A . n 
A 1 159 GLN 159 159 159 GLN GLN A . n 
A 1 160 GLN 160 160 160 GLN GLN A . n 
A 1 161 TRP 161 161 161 TRP TRP A . n 
A 1 162 THR 162 162 162 THR THR A . n 
A 1 163 ARG 163 163 163 ARG ARG A . n 
A 1 164 GLU 164 164 164 GLU GLU A . n 
A 1 165 LEU 165 165 165 LEU LEU A . n 
A 1 166 GLU 166 166 166 GLU GLU A . n 
A 1 167 MET 167 167 167 MET MET A . n 
A 1 168 VAL 168 168 168 VAL VAL A . n 
A 1 169 VAL 169 169 169 VAL VAL A . n 
A 1 170 GLU 170 170 170 GLU GLU A . n 
A 1 171 ASN 171 171 171 ASN ASN A . n 
A 1 172 GLY 172 172 172 GLY GLY A . n 
A 1 173 CYS 173 173 173 CYS CYS A . n 
A 1 174 TYR 174 174 174 TYR TYR A . n 
A 1 175 THR 175 175 175 THR THR A . n 
A 1 176 LEU 176 176 176 LEU LEU A . n 
A 1 177 LYS 177 177 177 LYS LYS A . n 
A 1 178 ASP 178 178 178 ASP ASP A . n 
A 1 179 THR 179 179 179 THR THR A . n 
A 1 180 PHE 180 180 180 PHE PHE A . n 
A 1 181 ASP 181 181 181 ASP ASP A . n 
A 1 182 ASP 182 182 182 ASP ASP A . n 
A 1 183 THR 183 183 183 THR THR A . n 
A 1 184 THR 184 184 184 THR THR A . n 
A 1 185 ILE 185 185 185 ILE ILE A . n 
A 1 186 LEU 186 186 186 LEU LEU A . n 
A 1 187 GLY 187 187 187 GLY GLY A . n 
A 1 188 TRP 188 188 188 TRP TRP A . n 
A 1 189 MET 189 189 189 MET MET A . n 
A 1 190 ILE 190 190 190 ILE ILE A . n 
A 1 191 GLN 191 191 191 GLN GLN A . n 
A 1 192 THR 192 192 192 THR THR A . n 
A 1 193 GLU 193 193 193 GLU GLU A . n 
A 1 194 ASP 194 194 ?   ?   ?   A . n 
A 1 195 THR 195 195 ?   ?   ?   A . n 
A 1 196 GLU 196 196 ?   ?   ?   A . n 
A 1 197 TYR 197 197 ?   ?   ?   A . n 
# 
loop_
_pdbx_nonpoly_scheme.asym_id 
_pdbx_nonpoly_scheme.entity_id 
_pdbx_nonpoly_scheme.mon_id 
_pdbx_nonpoly_scheme.ndb_seq_num 
_pdbx_nonpoly_scheme.pdb_seq_num 
_pdbx_nonpoly_scheme.auth_seq_num 
_pdbx_nonpoly_scheme.pdb_mon_id 
_pdbx_nonpoly_scheme.auth_mon_id 
_pdbx_nonpoly_scheme.pdb_strand_id 
_pdbx_nonpoly_scheme.pdb_ins_code 
B 2 TS5 1   198  198  TS5 TS5 A . 
C 3 HOH 1   3001 3001 HOH HOH A . 
C 3 HOH 2   3002 3002 HOH HOH A . 
C 3 HOH 3   3003 3003 HOH HOH A . 
C 3 HOH 4   3004 3004 HOH HOH A . 
C 3 HOH 5   3005 3005 HOH HOH A . 
C 3 HOH 6   3006 3006 HOH HOH A . 
C 3 HOH 7   3007 3007 HOH HOH A . 
C 3 HOH 8   3008 3008 HOH HOH A . 
C 3 HOH 9   3009 3009 HOH HOH A . 
C 3 HOH 10  3010 3010 HOH HOH A . 
C 3 HOH 11  3011 3011 HOH HOH A . 
C 3 HOH 12  3012 3012 HOH HOH A . 
C 3 HOH 13  3013 3013 HOH HOH A . 
C 3 HOH 14  3014 3014 HOH HOH A . 
C 3 HOH 15  3015 3015 HOH HOH A . 
C 3 HOH 16  3016 3016 HOH HOH A . 
C 3 HOH 17  3017 3017 HOH HOH A . 
C 3 HOH 18  3018 3018 HOH HOH A . 
C 3 HOH 19  3019 3019 HOH HOH A . 
C 3 HOH 20  3020 3020 HOH HOH A . 
C 3 HOH 21  3021 3021 HOH HOH A . 
C 3 HOH 22  3022 3022 HOH HOH A . 
C 3 HOH 23  3023 3023 HOH HOH A . 
C 3 HOH 24  3024 3024 HOH HOH A . 
C 3 HOH 25  3025 3025 HOH HOH A . 
C 3 HOH 26  3026 3026 HOH HOH A . 
C 3 HOH 27  3027 3027 HOH HOH A . 
C 3 HOH 28  3028 3028 HOH HOH A . 
C 3 HOH 29  3029 3029 HOH HOH A . 
C 3 HOH 30  3030 3030 HOH HOH A . 
C 3 HOH 31  3031 3031 HOH HOH A . 
C 3 HOH 32  3032 3032 HOH HOH A . 
C 3 HOH 33  3033 3033 HOH HOH A . 
C 3 HOH 34  3034 3034 HOH HOH A . 
C 3 HOH 35  3035 3035 HOH HOH A . 
C 3 HOH 36  3036 3036 HOH HOH A . 
C 3 HOH 37  3037 3037 HOH HOH A . 
C 3 HOH 38  3038 3038 HOH HOH A . 
C 3 HOH 39  3039 3039 HOH HOH A . 
C 3 HOH 40  3040 3040 HOH HOH A . 
C 3 HOH 41  3041 3041 HOH HOH A . 
C 3 HOH 42  3042 3042 HOH HOH A . 
C 3 HOH 43  3043 3043 HOH HOH A . 
C 3 HOH 44  3044 3044 HOH HOH A . 
C 3 HOH 45  3045 3045 HOH HOH A . 
C 3 HOH 46  3046 3046 HOH HOH A . 
C 3 HOH 47  3047 3047 HOH HOH A . 
C 3 HOH 48  3048 3048 HOH HOH A . 
C 3 HOH 49  3049 3049 HOH HOH A . 
C 3 HOH 50  3050 3050 HOH HOH A . 
C 3 HOH 51  3051 3051 HOH HOH A . 
C 3 HOH 52  3052 3052 HOH HOH A . 
C 3 HOH 53  3053 3053 HOH HOH A . 
C 3 HOH 54  3054 3054 HOH HOH A . 
C 3 HOH 55  3055 3055 HOH HOH A . 
C 3 HOH 56  3056 3056 HOH HOH A . 
C 3 HOH 57  3057 3057 HOH HOH A . 
C 3 HOH 58  3058 3058 HOH HOH A . 
C 3 HOH 59  3059 3059 HOH HOH A . 
C 3 HOH 60  3060 3060 HOH HOH A . 
C 3 HOH 61  3061 3061 HOH HOH A . 
C 3 HOH 62  3062 3062 HOH HOH A . 
C 3 HOH 63  3063 3063 HOH HOH A . 
C 3 HOH 64  3064 3064 HOH HOH A . 
C 3 HOH 65  3065 3065 HOH HOH A . 
C 3 HOH 66  3066 3066 HOH HOH A . 
C 3 HOH 67  3067 3067 HOH HOH A . 
C 3 HOH 68  3068 3068 HOH HOH A . 
C 3 HOH 69  3069 3069 HOH HOH A . 
C 3 HOH 70  3070 3070 HOH HOH A . 
C 3 HOH 71  3071 3071 HOH HOH A . 
C 3 HOH 72  3072 3072 HOH HOH A . 
C 3 HOH 73  3073 3073 HOH HOH A . 
C 3 HOH 74  3074 3074 HOH HOH A . 
C 3 HOH 75  3075 3075 HOH HOH A . 
C 3 HOH 76  3076 3076 HOH HOH A . 
C 3 HOH 77  3077 3077 HOH HOH A . 
C 3 HOH 78  3078 3078 HOH HOH A . 
C 3 HOH 79  3079 3079 HOH HOH A . 
C 3 HOH 80  3080 3080 HOH HOH A . 
C 3 HOH 81  3081 3081 HOH HOH A . 
C 3 HOH 82  3082 3082 HOH HOH A . 
C 3 HOH 83  3083 3083 HOH HOH A . 
C 3 HOH 84  3084 3084 HOH HOH A . 
C 3 HOH 85  3085 3085 HOH HOH A . 
C 3 HOH 86  3086 3086 HOH HOH A . 
C 3 HOH 87  3087 3087 HOH HOH A . 
C 3 HOH 88  3088 3088 HOH HOH A . 
C 3 HOH 89  3089 3089 HOH HOH A . 
C 3 HOH 90  3090 3090 HOH HOH A . 
C 3 HOH 91  3091 3091 HOH HOH A . 
C 3 HOH 92  3092 3092 HOH HOH A . 
C 3 HOH 93  3093 3093 HOH HOH A . 
C 3 HOH 94  3094 3094 HOH HOH A . 
C 3 HOH 95  3095 3095 HOH HOH A . 
C 3 HOH 96  3096 3096 HOH HOH A . 
C 3 HOH 97  3097 3097 HOH HOH A . 
C 3 HOH 98  3098 3098 HOH HOH A . 
C 3 HOH 99  3099 3099 HOH HOH A . 
C 3 HOH 100 3100 3100 HOH HOH A . 
C 3 HOH 101 3101 3101 HOH HOH A . 
C 3 HOH 102 3102 3102 HOH HOH A . 
C 3 HOH 103 3103 3103 HOH HOH A . 
C 3 HOH 104 3104 3104 HOH HOH A . 
C 3 HOH 105 3105 3105 HOH HOH A . 
C 3 HOH 106 3106 3106 HOH HOH A . 
C 3 HOH 107 3107 3107 HOH HOH A . 
C 3 HOH 108 3108 3108 HOH HOH A . 
C 3 HOH 109 3109 3109 HOH HOH A . 
C 3 HOH 110 3110 3110 HOH HOH A . 
C 3 HOH 111 3111 3111 HOH HOH A . 
C 3 HOH 112 3112 3112 HOH HOH A . 
C 3 HOH 113 3113 3113 HOH HOH A . 
C 3 HOH 114 3114 3114 HOH HOH A . 
C 3 HOH 115 3115 3115 HOH HOH A . 
C 3 HOH 116 3116 3116 HOH HOH A . 
C 3 HOH 117 3117 3117 HOH HOH A . 
C 3 HOH 118 3118 3118 HOH HOH A . 
C 3 HOH 119 3119 3119 HOH HOH A . 
C 3 HOH 120 3120 3120 HOH HOH A . 
C 3 HOH 121 3121 3121 HOH HOH A . 
C 3 HOH 122 3122 3122 HOH HOH A . 
C 3 HOH 123 3123 3123 HOH HOH A . 
C 3 HOH 124 3124 3124 HOH HOH A . 
C 3 HOH 125 3125 3125 HOH HOH A . 
C 3 HOH 126 3126 3126 HOH HOH A . 
C 3 HOH 127 3128 3128 HOH HOH A . 
C 3 HOH 128 3129 3129 HOH HOH A . 
C 3 HOH 129 3130 3130 HOH HOH A . 
C 3 HOH 130 3131 3131 HOH HOH A . 
C 3 HOH 131 3132 3132 HOH HOH A . 
# 
loop_
_pdbx_struct_assembly.id 
_pdbx_struct_assembly.details 
_pdbx_struct_assembly.method_details 
_pdbx_struct_assembly.oligomeric_details 
_pdbx_struct_assembly.oligomeric_count 
1 author_defined_assembly   ?    monomeric 1 
2 software_defined_assembly PISA dimeric   2 
# 
loop_
_pdbx_struct_assembly_gen.assembly_id 
_pdbx_struct_assembly_gen.oper_expression 
_pdbx_struct_assembly_gen.asym_id_list 
1 1   A,B,C 
2 1,2 A,B,C 
# 
loop_
_pdbx_struct_assembly_prop.biol_id 
_pdbx_struct_assembly_prop.type 
_pdbx_struct_assembly_prop.value 
_pdbx_struct_assembly_prop.details 
2 'ABSA (A^2)' 2360  ? 
2 MORE         -7    ? 
2 'SSA (A^2)'  17350 ? 
# 
loop_
_pdbx_struct_oper_list.id 
_pdbx_struct_oper_list.type 
_pdbx_struct_oper_list.name 
_pdbx_struct_oper_list.symmetry_operation 
_pdbx_struct_oper_list.matrix[1][1] 
_pdbx_struct_oper_list.matrix[1][2] 
_pdbx_struct_oper_list.matrix[1][3] 
_pdbx_struct_oper_list.vector[1] 
_pdbx_struct_oper_list.matrix[2][1] 
_pdbx_struct_oper_list.matrix[2][2] 
_pdbx_struct_oper_list.matrix[2][3] 
_pdbx_struct_oper_list.vector[2] 
_pdbx_struct_oper_list.matrix[3][1] 
_pdbx_struct_oper_list.matrix[3][2] 
_pdbx_struct_oper_list.matrix[3][3] 
_pdbx_struct_oper_list.vector[3] 
1 'identity operation'         1_555 x,y,z              1.0000000000  0.0000000000  0.0000000000  0.0000000000   0.0000000000  1.0000000000 0.0000000000 0.0000000000 0.0000000000  0.0000000000 1.0000000000  0.0000000000   
2 'crystal symmetry operation' 9_766 -x+2,-x+y+1,-z+5/3 -0.9761811716 -0.2143199945 -0.0337232883 -13.4645507949 -0.2143199945 0.9284349034 0.3034395660 2.2553720699 -0.0337232883 0.3034395660 -0.9522537317 -23.8434979499 
# 
loop_
_pdbx_struct_special_symmetry.id 
_pdbx_struct_special_symmetry.PDB_model_num 
_pdbx_struct_special_symmetry.auth_asym_id 
_pdbx_struct_special_symmetry.auth_comp_id 
_pdbx_struct_special_symmetry.auth_seq_id 
_pdbx_struct_special_symmetry.PDB_ins_code 
_pdbx_struct_special_symmetry.label_asym_id 
_pdbx_struct_special_symmetry.label_comp_id 
_pdbx_struct_special_symmetry.label_seq_id 
1 1 A HOH 3103 ? C HOH . 
2 1 A HOH 3107 ? C HOH . 
3 1 A HOH 3108 ? C HOH . 
# 
loop_
_pdbx_audit_revision_history.ordinal 
_pdbx_audit_revision_history.data_content_type 
_pdbx_audit_revision_history.major_revision 
_pdbx_audit_revision_history.minor_revision 
_pdbx_audit_revision_history.revision_date 
1 'Structure model' 1 0 2010-05-19 
2 'Structure model' 1 1 2011-07-13 
3 'Structure model' 1 2 2011-12-07 
4 'Structure model' 1 3 2017-10-11 
5 'Structure model' 1 4 2023-11-01 
# 
_pdbx_audit_revision_details.ordinal             1 
_pdbx_audit_revision_details.revision_ordinal    1 
_pdbx_audit_revision_details.data_content_type   'Structure model' 
_pdbx_audit_revision_details.provider            repository 
_pdbx_audit_revision_details.type                'Initial release' 
_pdbx_audit_revision_details.description         ? 
_pdbx_audit_revision_details.details             ? 
# 
loop_
_pdbx_audit_revision_group.ordinal 
_pdbx_audit_revision_group.revision_ordinal 
_pdbx_audit_revision_group.data_content_type 
_pdbx_audit_revision_group.group 
1 2 'Structure model' 'Version format compliance' 
2 3 'Structure model' Advisory                    
3 3 'Structure model' 'Database references'       
4 4 'Structure model' 'Refinement description'    
5 5 'Structure model' 'Data collection'           
6 5 'Structure model' 'Database references'       
7 5 'Structure model' 'Derived calculations'      
8 5 'Structure model' 'Refinement description'    
# 
loop_
_pdbx_audit_revision_category.ordinal 
_pdbx_audit_revision_category.revision_ordinal 
_pdbx_audit_revision_category.data_content_type 
_pdbx_audit_revision_category.category 
1 4 'Structure model' software                      
2 5 'Structure model' chem_comp_atom                
3 5 'Structure model' chem_comp_bond                
4 5 'Structure model' database_2                    
5 5 'Structure model' pdbx_initial_refinement_model 
6 5 'Structure model' struct_ref_seq_dif            
7 5 'Structure model' struct_site                   
# 
loop_
_pdbx_audit_revision_item.ordinal 
_pdbx_audit_revision_item.revision_ordinal 
_pdbx_audit_revision_item.data_content_type 
_pdbx_audit_revision_item.item 
1 4 'Structure model' '_software.name'                      
2 5 'Structure model' '_database_2.pdbx_DOI'                
3 5 'Structure model' '_database_2.pdbx_database_accession' 
4 5 'Structure model' '_struct_ref_seq_dif.details'         
5 5 'Structure model' '_struct_site.pdbx_auth_asym_id'      
6 5 'Structure model' '_struct_site.pdbx_auth_comp_id'      
7 5 'Structure model' '_struct_site.pdbx_auth_seq_id'       
# 
loop_
_software.name 
_software.classification 
_software.version 
_software.citation_id 
_software.pdbx_ordinal 
Blu-Ice  'data collection' . ? 1 
CNS      refinement        . ? 2 
HKL-2000 'data reduction'  . ? 3 
HKL-2000 'data scaling'    . ? 4 
CNS      phasing           . ? 5 
# 
loop_
_pdbx_validate_close_contact.id 
_pdbx_validate_close_contact.PDB_model_num 
_pdbx_validate_close_contact.auth_atom_id_1 
_pdbx_validate_close_contact.auth_asym_id_1 
_pdbx_validate_close_contact.auth_comp_id_1 
_pdbx_validate_close_contact.auth_seq_id_1 
_pdbx_validate_close_contact.PDB_ins_code_1 
_pdbx_validate_close_contact.label_alt_id_1 
_pdbx_validate_close_contact.auth_atom_id_2 
_pdbx_validate_close_contact.auth_asym_id_2 
_pdbx_validate_close_contact.auth_comp_id_2 
_pdbx_validate_close_contact.auth_seq_id_2 
_pdbx_validate_close_contact.PDB_ins_code_2 
_pdbx_validate_close_contact.label_alt_id_2 
_pdbx_validate_close_contact.dist 
1 1 O A HOH 3110 ? ? O A HOH 3111 ? ? 2.03 
2 1 N A ASP 9    ? ? O A HOH 3100 ? ? 2.15 
# 
loop_
_pdbx_validate_symm_contact.id 
_pdbx_validate_symm_contact.PDB_model_num 
_pdbx_validate_symm_contact.auth_atom_id_1 
_pdbx_validate_symm_contact.auth_asym_id_1 
_pdbx_validate_symm_contact.auth_comp_id_1 
_pdbx_validate_symm_contact.auth_seq_id_1 
_pdbx_validate_symm_contact.PDB_ins_code_1 
_pdbx_validate_symm_contact.label_alt_id_1 
_pdbx_validate_symm_contact.site_symmetry_1 
_pdbx_validate_symm_contact.auth_atom_id_2 
_pdbx_validate_symm_contact.auth_asym_id_2 
_pdbx_validate_symm_contact.auth_comp_id_2 
_pdbx_validate_symm_contact.auth_seq_id_2 
_pdbx_validate_symm_contact.PDB_ins_code_2 
_pdbx_validate_symm_contact.label_alt_id_2 
_pdbx_validate_symm_contact.site_symmetry_2 
_pdbx_validate_symm_contact.dist 
1 1 O A HOH 3044 ? ? 1_555 O A HOH 3044 ? ? 9_766  1.75 
2 1 O A HOH 3052 ? ? 1_555 O A HOH 3052 ? ? 12_556 2.07 
# 
loop_
_pdbx_validate_torsion.id 
_pdbx_validate_torsion.PDB_model_num 
_pdbx_validate_torsion.auth_comp_id 
_pdbx_validate_torsion.auth_asym_id 
_pdbx_validate_torsion.auth_seq_id 
_pdbx_validate_torsion.PDB_ins_code 
_pdbx_validate_torsion.label_alt_id 
_pdbx_validate_torsion.phi 
_pdbx_validate_torsion.psi 
1 1 TYR A 30  ? ? -94.47  33.26   
2 1 SER A 32  ? ? 175.75  3.72    
3 1 LYS A 127 ? ? 2.87    -102.53 
4 1 VAL A 150 ? ? -129.16 -57.81  
# 
_pdbx_validate_chiral.id              1 
_pdbx_validate_chiral.PDB_model_num   1 
_pdbx_validate_chiral.auth_atom_id    CA1 
_pdbx_validate_chiral.label_alt_id    ? 
_pdbx_validate_chiral.auth_asym_id    A 
_pdbx_validate_chiral.auth_comp_id    TS5 
_pdbx_validate_chiral.auth_seq_id     198 
_pdbx_validate_chiral.PDB_ins_code    ? 
_pdbx_validate_chiral.details         PLANAR 
_pdbx_validate_chiral.omega           . 
# 
loop_
_pdbx_unobs_or_zero_occ_residues.id 
_pdbx_unobs_or_zero_occ_residues.PDB_model_num 
_pdbx_unobs_or_zero_occ_residues.polymer_flag 
_pdbx_unobs_or_zero_occ_residues.occupancy_flag 
_pdbx_unobs_or_zero_occ_residues.auth_asym_id 
_pdbx_unobs_or_zero_occ_residues.auth_comp_id 
_pdbx_unobs_or_zero_occ_residues.auth_seq_id 
_pdbx_unobs_or_zero_occ_residues.PDB_ins_code 
_pdbx_unobs_or_zero_occ_residues.label_asym_id 
_pdbx_unobs_or_zero_occ_residues.label_comp_id 
_pdbx_unobs_or_zero_occ_residues.label_seq_id 
1  1 Y 1 A MET 1   ? A MET 1   
2  1 Y 1 A SER 2   ? A SER 2   
3  1 Y 1 A LYS 3   ? A LYS 3   
4  1 Y 1 A GLY 4   ? A GLY 4   
5  1 Y 1 A THR 5   ? A THR 5   
6  1 Y 1 A THR 6   ? A THR 6   
7  1 Y 1 A SER 7   ? A SER 7   
8  1 Y 1 A GLN 8   ? A GLN 8   
9  1 Y 1 A ASP 194 ? A ASP 194 
10 1 Y 1 A THR 195 ? A THR 195 
11 1 Y 1 A GLU 196 ? A GLU 196 
12 1 Y 1 A TYR 197 ? A TYR 197 
# 
loop_
_chem_comp_atom.comp_id 
_chem_comp_atom.atom_id 
_chem_comp_atom.type_symbol 
_chem_comp_atom.pdbx_aromatic_flag 
_chem_comp_atom.pdbx_stereo_config 
_chem_comp_atom.pdbx_ordinal 
ALA N      N N N 1   
ALA CA     C N S 2   
ALA C      C N N 3   
ALA O      O N N 4   
ALA CB     C N N 5   
ALA OXT    O N N 6   
ALA H      H N N 7   
ALA H2     H N N 8   
ALA HA     H N N 9   
ALA HB1    H N N 10  
ALA HB2    H N N 11  
ALA HB3    H N N 12  
ALA HXT    H N N 13  
ARG N      N N N 14  
ARG CA     C N S 15  
ARG C      C N N 16  
ARG O      O N N 17  
ARG CB     C N N 18  
ARG CG     C N N 19  
ARG CD     C N N 20  
ARG NE     N N N 21  
ARG CZ     C N N 22  
ARG NH1    N N N 23  
ARG NH2    N N N 24  
ARG OXT    O N N 25  
ARG H      H N N 26  
ARG H2     H N N 27  
ARG HA     H N N 28  
ARG HB2    H N N 29  
ARG HB3    H N N 30  
ARG HG2    H N N 31  
ARG HG3    H N N 32  
ARG HD2    H N N 33  
ARG HD3    H N N 34  
ARG HE     H N N 35  
ARG HH11   H N N 36  
ARG HH12   H N N 37  
ARG HH21   H N N 38  
ARG HH22   H N N 39  
ARG HXT    H N N 40  
ASN N      N N N 41  
ASN CA     C N S 42  
ASN C      C N N 43  
ASN O      O N N 44  
ASN CB     C N N 45  
ASN CG     C N N 46  
ASN OD1    O N N 47  
ASN ND2    N N N 48  
ASN OXT    O N N 49  
ASN H      H N N 50  
ASN H2     H N N 51  
ASN HA     H N N 52  
ASN HB2    H N N 53  
ASN HB3    H N N 54  
ASN HD21   H N N 55  
ASN HD22   H N N 56  
ASN HXT    H N N 57  
ASP N      N N N 58  
ASP CA     C N S 59  
ASP C      C N N 60  
ASP O      O N N 61  
ASP CB     C N N 62  
ASP CG     C N N 63  
ASP OD1    O N N 64  
ASP OD2    O N N 65  
ASP OXT    O N N 66  
ASP H      H N N 67  
ASP H2     H N N 68  
ASP HA     H N N 69  
ASP HB2    H N N 70  
ASP HB3    H N N 71  
ASP HD2    H N N 72  
ASP HXT    H N N 73  
CYS N      N N N 74  
CYS CA     C N R 75  
CYS C      C N N 76  
CYS O      O N N 77  
CYS CB     C N N 78  
CYS SG     S N N 79  
CYS OXT    O N N 80  
CYS H      H N N 81  
CYS H2     H N N 82  
CYS HA     H N N 83  
CYS HB2    H N N 84  
CYS HB3    H N N 85  
CYS HG     H N N 86  
CYS HXT    H N N 87  
GLN N      N N N 88  
GLN CA     C N S 89  
GLN C      C N N 90  
GLN O      O N N 91  
GLN CB     C N N 92  
GLN CG     C N N 93  
GLN CD     C N N 94  
GLN OE1    O N N 95  
GLN NE2    N N N 96  
GLN OXT    O N N 97  
GLN H      H N N 98  
GLN H2     H N N 99  
GLN HA     H N N 100 
GLN HB2    H N N 101 
GLN HB3    H N N 102 
GLN HG2    H N N 103 
GLN HG3    H N N 104 
GLN HE21   H N N 105 
GLN HE22   H N N 106 
GLN HXT    H N N 107 
GLU N      N N N 108 
GLU CA     C N S 109 
GLU C      C N N 110 
GLU O      O N N 111 
GLU CB     C N N 112 
GLU CG     C N N 113 
GLU CD     C N N 114 
GLU OE1    O N N 115 
GLU OE2    O N N 116 
GLU OXT    O N N 117 
GLU H      H N N 118 
GLU H2     H N N 119 
GLU HA     H N N 120 
GLU HB2    H N N 121 
GLU HB3    H N N 122 
GLU HG2    H N N 123 
GLU HG3    H N N 124 
GLU HE2    H N N 125 
GLU HXT    H N N 126 
GLY N      N N N 127 
GLY CA     C N N 128 
GLY C      C N N 129 
GLY O      O N N 130 
GLY OXT    O N N 131 
GLY H      H N N 132 
GLY H2     H N N 133 
GLY HA2    H N N 134 
GLY HA3    H N N 135 
GLY HXT    H N N 136 
HIS N      N N N 137 
HIS CA     C N S 138 
HIS C      C N N 139 
HIS O      O N N 140 
HIS CB     C N N 141 
HIS CG     C Y N 142 
HIS ND1    N Y N 143 
HIS CD2    C Y N 144 
HIS CE1    C Y N 145 
HIS NE2    N Y N 146 
HIS OXT    O N N 147 
HIS H      H N N 148 
HIS H2     H N N 149 
HIS HA     H N N 150 
HIS HB2    H N N 151 
HIS HB3    H N N 152 
HIS HD1    H N N 153 
HIS HD2    H N N 154 
HIS HE1    H N N 155 
HIS HE2    H N N 156 
HIS HXT    H N N 157 
HOH O      O N N 158 
HOH H1     H N N 159 
HOH H2     H N N 160 
ILE N      N N N 161 
ILE CA     C N S 162 
ILE C      C N N 163 
ILE O      O N N 164 
ILE CB     C N S 165 
ILE CG1    C N N 166 
ILE CG2    C N N 167 
ILE CD1    C N N 168 
ILE OXT    O N N 169 
ILE H      H N N 170 
ILE H2     H N N 171 
ILE HA     H N N 172 
ILE HB     H N N 173 
ILE HG12   H N N 174 
ILE HG13   H N N 175 
ILE HG21   H N N 176 
ILE HG22   H N N 177 
ILE HG23   H N N 178 
ILE HD11   H N N 179 
ILE HD12   H N N 180 
ILE HD13   H N N 181 
ILE HXT    H N N 182 
LEU N      N N N 183 
LEU CA     C N S 184 
LEU C      C N N 185 
LEU O      O N N 186 
LEU CB     C N N 187 
LEU CG     C N N 188 
LEU CD1    C N N 189 
LEU CD2    C N N 190 
LEU OXT    O N N 191 
LEU H      H N N 192 
LEU H2     H N N 193 
LEU HA     H N N 194 
LEU HB2    H N N 195 
LEU HB3    H N N 196 
LEU HG     H N N 197 
LEU HD11   H N N 198 
LEU HD12   H N N 199 
LEU HD13   H N N 200 
LEU HD21   H N N 201 
LEU HD22   H N N 202 
LEU HD23   H N N 203 
LEU HXT    H N N 204 
LYS N      N N N 205 
LYS CA     C N S 206 
LYS C      C N N 207 
LYS O      O N N 208 
LYS CB     C N N 209 
LYS CG     C N N 210 
LYS CD     C N N 211 
LYS CE     C N N 212 
LYS NZ     N N N 213 
LYS OXT    O N N 214 
LYS H      H N N 215 
LYS H2     H N N 216 
LYS HA     H N N 217 
LYS HB2    H N N 218 
LYS HB3    H N N 219 
LYS HG2    H N N 220 
LYS HG3    H N N 221 
LYS HD2    H N N 222 
LYS HD3    H N N 223 
LYS HE2    H N N 224 
LYS HE3    H N N 225 
LYS HZ1    H N N 226 
LYS HZ2    H N N 227 
LYS HZ3    H N N 228 
LYS HXT    H N N 229 
MET N      N N N 230 
MET CA     C N S 231 
MET C      C N N 232 
MET O      O N N 233 
MET CB     C N N 234 
MET CG     C N N 235 
MET SD     S N N 236 
MET CE     C N N 237 
MET OXT    O N N 238 
MET H      H N N 239 
MET H2     H N N 240 
MET HA     H N N 241 
MET HB2    H N N 242 
MET HB3    H N N 243 
MET HG2    H N N 244 
MET HG3    H N N 245 
MET HE1    H N N 246 
MET HE2    H N N 247 
MET HE3    H N N 248 
MET HXT    H N N 249 
PHE N      N N N 250 
PHE CA     C N S 251 
PHE C      C N N 252 
PHE O      O N N 253 
PHE CB     C N N 254 
PHE CG     C Y N 255 
PHE CD1    C Y N 256 
PHE CD2    C Y N 257 
PHE CE1    C Y N 258 
PHE CE2    C Y N 259 
PHE CZ     C Y N 260 
PHE OXT    O N N 261 
PHE H      H N N 262 
PHE H2     H N N 263 
PHE HA     H N N 264 
PHE HB2    H N N 265 
PHE HB3    H N N 266 
PHE HD1    H N N 267 
PHE HD2    H N N 268 
PHE HE1    H N N 269 
PHE HE2    H N N 270 
PHE HZ     H N N 271 
PHE HXT    H N N 272 
PRO N      N N N 273 
PRO CA     C N S 274 
PRO C      C N N 275 
PRO O      O N N 276 
PRO CB     C N N 277 
PRO CG     C N N 278 
PRO CD     C N N 279 
PRO OXT    O N N 280 
PRO H      H N N 281 
PRO HA     H N N 282 
PRO HB2    H N N 283 
PRO HB3    H N N 284 
PRO HG2    H N N 285 
PRO HG3    H N N 286 
PRO HD2    H N N 287 
PRO HD3    H N N 288 
PRO HXT    H N N 289 
SER N      N N N 290 
SER CA     C N S 291 
SER C      C N N 292 
SER O      O N N 293 
SER CB     C N N 294 
SER OG     O N N 295 
SER OXT    O N N 296 
SER H      H N N 297 
SER H2     H N N 298 
SER HA     H N N 299 
SER HB2    H N N 300 
SER HB3    H N N 301 
SER HG     H N N 302 
SER HXT    H N N 303 
THR N      N N N 304 
THR CA     C N S 305 
THR C      C N N 306 
THR O      O N N 307 
THR CB     C N R 308 
THR OG1    O N N 309 
THR CG2    C N N 310 
THR OXT    O N N 311 
THR H      H N N 312 
THR H2     H N N 313 
THR HA     H N N 314 
THR HB     H N N 315 
THR HG1    H N N 316 
THR HG21   H N N 317 
THR HG22   H N N 318 
THR HG23   H N N 319 
THR HXT    H N N 320 
TRP N      N N N 321 
TRP CA     C N S 322 
TRP C      C N N 323 
TRP O      O N N 324 
TRP CB     C N N 325 
TRP CG     C Y N 326 
TRP CD1    C Y N 327 
TRP CD2    C Y N 328 
TRP NE1    N Y N 329 
TRP CE2    C Y N 330 
TRP CE3    C Y N 331 
TRP CZ2    C Y N 332 
TRP CZ3    C Y N 333 
TRP CH2    C Y N 334 
TRP OXT    O N N 335 
TRP H      H N N 336 
TRP H2     H N N 337 
TRP HA     H N N 338 
TRP HB2    H N N 339 
TRP HB3    H N N 340 
TRP HD1    H N N 341 
TRP HE1    H N N 342 
TRP HE3    H N N 343 
TRP HZ2    H N N 344 
TRP HZ3    H N N 345 
TRP HH2    H N N 346 
TRP HXT    H N N 347 
TS5 N1     N N N 348 
TS5 CA1    C N S 349 
TS5 C1     C N N 350 
TS5 OE1    O N N 351 
TS5 OE2    O N N 352 
TS5 CB1    C N N 353 
TS5 CG1    C N N 354 
TS5 CD1    C N N 355 
TS5 O1     O N N 356 
TS5 N2     N N N 357 
TS5 CA2    C N R 358 
TS5 C2     C N N 359 
TS5 O2     O N N 360 
TS5 CB2    C N N 361 
TS5 SG2    S N N 362 
TS5 N3     N N N 363 
TS5 CA3    C N N 364 
TS5 C3     C N N 365 
TS5 O3     O N N 366 
TS5 "N1'"  N N N 367 
TS5 "C1'"  C N N 368 
TS5 "C2'"  C N N 369 
TS5 "N2'"  N N N 370 
TS5 "C3'"  C N N 371 
TS5 "C4'"  C N N 372 
TS5 "C5'"  C N N 373 
TS5 "C6'"  C N N 374 
TS5 "C7'"  C N N 375 
TS5 "N3'"  N N N 376 
TS5 HN11   H N N 377 
TS5 HN12   H N N 378 
TS5 HA1    H N N 379 
TS5 HO2    H N N 380 
TS5 HB11   H N N 381 
TS5 HB12   H N N 382 
TS5 HG11   H N N 383 
TS5 HG12   H N N 384 
TS5 HN2    H N N 385 
TS5 HA2    H N N 386 
TS5 HB21   H N N 387 
TS5 HB22   H N N 388 
TS5 HG2    H N N 389 
TS5 HN3    H N N 390 
TS5 HA31   H N N 391 
TS5 HA32   H N N 392 
TS5 "HN1'" H N N 393 
TS5 "H1'1" H N N 394 
TS5 "H1'2" H N N 395 
TS5 "H2'1" H N N 396 
TS5 "H2'2" H N N 397 
TS5 "HN2'" H N N 398 
TS5 "H3'1" H N N 399 
TS5 "H3'2" H N N 400 
TS5 "H4'1" H N N 401 
TS5 "H4'2" H N N 402 
TS5 "H5'1" H N N 403 
TS5 "H5'2" H N N 404 
TS5 "H6'1" H N N 405 
TS5 "H6'2" H N N 406 
TS5 "H7'1" H N N 407 
TS5 "H7'2" H N N 408 
TS5 HN31   H N N 409 
TS5 HN32   H N N 410 
TYR N      N N N 411 
TYR CA     C N S 412 
TYR C      C N N 413 
TYR O      O N N 414 
TYR CB     C N N 415 
TYR CG     C Y N 416 
TYR CD1    C Y N 417 
TYR CD2    C Y N 418 
TYR CE1    C Y N 419 
TYR CE2    C Y N 420 
TYR CZ     C Y N 421 
TYR OH     O N N 422 
TYR OXT    O N N 423 
TYR H      H N N 424 
TYR H2     H N N 425 
TYR HA     H N N 426 
TYR HB2    H N N 427 
TYR HB3    H N N 428 
TYR HD1    H N N 429 
TYR HD2    H N N 430 
TYR HE1    H N N 431 
TYR HE2    H N N 432 
TYR HH     H N N 433 
TYR HXT    H N N 434 
VAL N      N N N 435 
VAL CA     C N S 436 
VAL C      C N N 437 
VAL O      O N N 438 
VAL CB     C N N 439 
VAL CG1    C N N 440 
VAL CG2    C N N 441 
VAL OXT    O N N 442 
VAL H      H N N 443 
VAL H2     H N N 444 
VAL HA     H N N 445 
VAL HB     H N N 446 
VAL HG11   H N N 447 
VAL HG12   H N N 448 
VAL HG13   H N N 449 
VAL HG21   H N N 450 
VAL HG22   H N N 451 
VAL HG23   H N N 452 
VAL HXT    H N N 453 
# 
loop_
_chem_comp_bond.comp_id 
_chem_comp_bond.atom_id_1 
_chem_comp_bond.atom_id_2 
_chem_comp_bond.value_order 
_chem_comp_bond.pdbx_aromatic_flag 
_chem_comp_bond.pdbx_stereo_config 
_chem_comp_bond.pdbx_ordinal 
ALA N     CA     sing N N 1   
ALA N     H      sing N N 2   
ALA N     H2     sing N N 3   
ALA CA    C      sing N N 4   
ALA CA    CB     sing N N 5   
ALA CA    HA     sing N N 6   
ALA C     O      doub N N 7   
ALA C     OXT    sing N N 8   
ALA CB    HB1    sing N N 9   
ALA CB    HB2    sing N N 10  
ALA CB    HB3    sing N N 11  
ALA OXT   HXT    sing N N 12  
ARG N     CA     sing N N 13  
ARG N     H      sing N N 14  
ARG N     H2     sing N N 15  
ARG CA    C      sing N N 16  
ARG CA    CB     sing N N 17  
ARG CA    HA     sing N N 18  
ARG C     O      doub N N 19  
ARG C     OXT    sing N N 20  
ARG CB    CG     sing N N 21  
ARG CB    HB2    sing N N 22  
ARG CB    HB3    sing N N 23  
ARG CG    CD     sing N N 24  
ARG CG    HG2    sing N N 25  
ARG CG    HG3    sing N N 26  
ARG CD    NE     sing N N 27  
ARG CD    HD2    sing N N 28  
ARG CD    HD3    sing N N 29  
ARG NE    CZ     sing N N 30  
ARG NE    HE     sing N N 31  
ARG CZ    NH1    sing N N 32  
ARG CZ    NH2    doub N N 33  
ARG NH1   HH11   sing N N 34  
ARG NH1   HH12   sing N N 35  
ARG NH2   HH21   sing N N 36  
ARG NH2   HH22   sing N N 37  
ARG OXT   HXT    sing N N 38  
ASN N     CA     sing N N 39  
ASN N     H      sing N N 40  
ASN N     H2     sing N N 41  
ASN CA    C      sing N N 42  
ASN CA    CB     sing N N 43  
ASN CA    HA     sing N N 44  
ASN C     O      doub N N 45  
ASN C     OXT    sing N N 46  
ASN CB    CG     sing N N 47  
ASN CB    HB2    sing N N 48  
ASN CB    HB3    sing N N 49  
ASN CG    OD1    doub N N 50  
ASN CG    ND2    sing N N 51  
ASN ND2   HD21   sing N N 52  
ASN ND2   HD22   sing N N 53  
ASN OXT   HXT    sing N N 54  
ASP N     CA     sing N N 55  
ASP N     H      sing N N 56  
ASP N     H2     sing N N 57  
ASP CA    C      sing N N 58  
ASP CA    CB     sing N N 59  
ASP CA    HA     sing N N 60  
ASP C     O      doub N N 61  
ASP C     OXT    sing N N 62  
ASP CB    CG     sing N N 63  
ASP CB    HB2    sing N N 64  
ASP CB    HB3    sing N N 65  
ASP CG    OD1    doub N N 66  
ASP CG    OD2    sing N N 67  
ASP OD2   HD2    sing N N 68  
ASP OXT   HXT    sing N N 69  
CYS N     CA     sing N N 70  
CYS N     H      sing N N 71  
CYS N     H2     sing N N 72  
CYS CA    C      sing N N 73  
CYS CA    CB     sing N N 74  
CYS CA    HA     sing N N 75  
CYS C     O      doub N N 76  
CYS C     OXT    sing N N 77  
CYS CB    SG     sing N N 78  
CYS CB    HB2    sing N N 79  
CYS CB    HB3    sing N N 80  
CYS SG    HG     sing N N 81  
CYS OXT   HXT    sing N N 82  
GLN N     CA     sing N N 83  
GLN N     H      sing N N 84  
GLN N     H2     sing N N 85  
GLN CA    C      sing N N 86  
GLN CA    CB     sing N N 87  
GLN CA    HA     sing N N 88  
GLN C     O      doub N N 89  
GLN C     OXT    sing N N 90  
GLN CB    CG     sing N N 91  
GLN CB    HB2    sing N N 92  
GLN CB    HB3    sing N N 93  
GLN CG    CD     sing N N 94  
GLN CG    HG2    sing N N 95  
GLN CG    HG3    sing N N 96  
GLN CD    OE1    doub N N 97  
GLN CD    NE2    sing N N 98  
GLN NE2   HE21   sing N N 99  
GLN NE2   HE22   sing N N 100 
GLN OXT   HXT    sing N N 101 
GLU N     CA     sing N N 102 
GLU N     H      sing N N 103 
GLU N     H2     sing N N 104 
GLU CA    C      sing N N 105 
GLU CA    CB     sing N N 106 
GLU CA    HA     sing N N 107 
GLU C     O      doub N N 108 
GLU C     OXT    sing N N 109 
GLU CB    CG     sing N N 110 
GLU CB    HB2    sing N N 111 
GLU CB    HB3    sing N N 112 
GLU CG    CD     sing N N 113 
GLU CG    HG2    sing N N 114 
GLU CG    HG3    sing N N 115 
GLU CD    OE1    doub N N 116 
GLU CD    OE2    sing N N 117 
GLU OE2   HE2    sing N N 118 
GLU OXT   HXT    sing N N 119 
GLY N     CA     sing N N 120 
GLY N     H      sing N N 121 
GLY N     H2     sing N N 122 
GLY CA    C      sing N N 123 
GLY CA    HA2    sing N N 124 
GLY CA    HA3    sing N N 125 
GLY C     O      doub N N 126 
GLY C     OXT    sing N N 127 
GLY OXT   HXT    sing N N 128 
HIS N     CA     sing N N 129 
HIS N     H      sing N N 130 
HIS N     H2     sing N N 131 
HIS CA    C      sing N N 132 
HIS CA    CB     sing N N 133 
HIS CA    HA     sing N N 134 
HIS C     O      doub N N 135 
HIS C     OXT    sing N N 136 
HIS CB    CG     sing N N 137 
HIS CB    HB2    sing N N 138 
HIS CB    HB3    sing N N 139 
HIS CG    ND1    sing Y N 140 
HIS CG    CD2    doub Y N 141 
HIS ND1   CE1    doub Y N 142 
HIS ND1   HD1    sing N N 143 
HIS CD2   NE2    sing Y N 144 
HIS CD2   HD2    sing N N 145 
HIS CE1   NE2    sing Y N 146 
HIS CE1   HE1    sing N N 147 
HIS NE2   HE2    sing N N 148 
HIS OXT   HXT    sing N N 149 
HOH O     H1     sing N N 150 
HOH O     H2     sing N N 151 
ILE N     CA     sing N N 152 
ILE N     H      sing N N 153 
ILE N     H2     sing N N 154 
ILE CA    C      sing N N 155 
ILE CA    CB     sing N N 156 
ILE CA    HA     sing N N 157 
ILE C     O      doub N N 158 
ILE C     OXT    sing N N 159 
ILE CB    CG1    sing N N 160 
ILE CB    CG2    sing N N 161 
ILE CB    HB     sing N N 162 
ILE CG1   CD1    sing N N 163 
ILE CG1   HG12   sing N N 164 
ILE CG1   HG13   sing N N 165 
ILE CG2   HG21   sing N N 166 
ILE CG2   HG22   sing N N 167 
ILE CG2   HG23   sing N N 168 
ILE CD1   HD11   sing N N 169 
ILE CD1   HD12   sing N N 170 
ILE CD1   HD13   sing N N 171 
ILE OXT   HXT    sing N N 172 
LEU N     CA     sing N N 173 
LEU N     H      sing N N 174 
LEU N     H2     sing N N 175 
LEU CA    C      sing N N 176 
LEU CA    CB     sing N N 177 
LEU CA    HA     sing N N 178 
LEU C     O      doub N N 179 
LEU C     OXT    sing N N 180 
LEU CB    CG     sing N N 181 
LEU CB    HB2    sing N N 182 
LEU CB    HB3    sing N N 183 
LEU CG    CD1    sing N N 184 
LEU CG    CD2    sing N N 185 
LEU CG    HG     sing N N 186 
LEU CD1   HD11   sing N N 187 
LEU CD1   HD12   sing N N 188 
LEU CD1   HD13   sing N N 189 
LEU CD2   HD21   sing N N 190 
LEU CD2   HD22   sing N N 191 
LEU CD2   HD23   sing N N 192 
LEU OXT   HXT    sing N N 193 
LYS N     CA     sing N N 194 
LYS N     H      sing N N 195 
LYS N     H2     sing N N 196 
LYS CA    C      sing N N 197 
LYS CA    CB     sing N N 198 
LYS CA    HA     sing N N 199 
LYS C     O      doub N N 200 
LYS C     OXT    sing N N 201 
LYS CB    CG     sing N N 202 
LYS CB    HB2    sing N N 203 
LYS CB    HB3    sing N N 204 
LYS CG    CD     sing N N 205 
LYS CG    HG2    sing N N 206 
LYS CG    HG3    sing N N 207 
LYS CD    CE     sing N N 208 
LYS CD    HD2    sing N N 209 
LYS CD    HD3    sing N N 210 
LYS CE    NZ     sing N N 211 
LYS CE    HE2    sing N N 212 
LYS CE    HE3    sing N N 213 
LYS NZ    HZ1    sing N N 214 
LYS NZ    HZ2    sing N N 215 
LYS NZ    HZ3    sing N N 216 
LYS OXT   HXT    sing N N 217 
MET N     CA     sing N N 218 
MET N     H      sing N N 219 
MET N     H2     sing N N 220 
MET CA    C      sing N N 221 
MET CA    CB     sing N N 222 
MET CA    HA     sing N N 223 
MET C     O      doub N N 224 
MET C     OXT    sing N N 225 
MET CB    CG     sing N N 226 
MET CB    HB2    sing N N 227 
MET CB    HB3    sing N N 228 
MET CG    SD     sing N N 229 
MET CG    HG2    sing N N 230 
MET CG    HG3    sing N N 231 
MET SD    CE     sing N N 232 
MET CE    HE1    sing N N 233 
MET CE    HE2    sing N N 234 
MET CE    HE3    sing N N 235 
MET OXT   HXT    sing N N 236 
PHE N     CA     sing N N 237 
PHE N     H      sing N N 238 
PHE N     H2     sing N N 239 
PHE CA    C      sing N N 240 
PHE CA    CB     sing N N 241 
PHE CA    HA     sing N N 242 
PHE C     O      doub N N 243 
PHE C     OXT    sing N N 244 
PHE CB    CG     sing N N 245 
PHE CB    HB2    sing N N 246 
PHE CB    HB3    sing N N 247 
PHE CG    CD1    doub Y N 248 
PHE CG    CD2    sing Y N 249 
PHE CD1   CE1    sing Y N 250 
PHE CD1   HD1    sing N N 251 
PHE CD2   CE2    doub Y N 252 
PHE CD2   HD2    sing N N 253 
PHE CE1   CZ     doub Y N 254 
PHE CE1   HE1    sing N N 255 
PHE CE2   CZ     sing Y N 256 
PHE CE2   HE2    sing N N 257 
PHE CZ    HZ     sing N N 258 
PHE OXT   HXT    sing N N 259 
PRO N     CA     sing N N 260 
PRO N     CD     sing N N 261 
PRO N     H      sing N N 262 
PRO CA    C      sing N N 263 
PRO CA    CB     sing N N 264 
PRO CA    HA     sing N N 265 
PRO C     O      doub N N 266 
PRO C     OXT    sing N N 267 
PRO CB    CG     sing N N 268 
PRO CB    HB2    sing N N 269 
PRO CB    HB3    sing N N 270 
PRO CG    CD     sing N N 271 
PRO CG    HG2    sing N N 272 
PRO CG    HG3    sing N N 273 
PRO CD    HD2    sing N N 274 
PRO CD    HD3    sing N N 275 
PRO OXT   HXT    sing N N 276 
SER N     CA     sing N N 277 
SER N     H      sing N N 278 
SER N     H2     sing N N 279 
SER CA    C      sing N N 280 
SER CA    CB     sing N N 281 
SER CA    HA     sing N N 282 
SER C     O      doub N N 283 
SER C     OXT    sing N N 284 
SER CB    OG     sing N N 285 
SER CB    HB2    sing N N 286 
SER CB    HB3    sing N N 287 
SER OG    HG     sing N N 288 
SER OXT   HXT    sing N N 289 
THR N     CA     sing N N 290 
THR N     H      sing N N 291 
THR N     H2     sing N N 292 
THR CA    C      sing N N 293 
THR CA    CB     sing N N 294 
THR CA    HA     sing N N 295 
THR C     O      doub N N 296 
THR C     OXT    sing N N 297 
THR CB    OG1    sing N N 298 
THR CB    CG2    sing N N 299 
THR CB    HB     sing N N 300 
THR OG1   HG1    sing N N 301 
THR CG2   HG21   sing N N 302 
THR CG2   HG22   sing N N 303 
THR CG2   HG23   sing N N 304 
THR OXT   HXT    sing N N 305 
TRP N     CA     sing N N 306 
TRP N     H      sing N N 307 
TRP N     H2     sing N N 308 
TRP CA    C      sing N N 309 
TRP CA    CB     sing N N 310 
TRP CA    HA     sing N N 311 
TRP C     O      doub N N 312 
TRP C     OXT    sing N N 313 
TRP CB    CG     sing N N 314 
TRP CB    HB2    sing N N 315 
TRP CB    HB3    sing N N 316 
TRP CG    CD1    doub Y N 317 
TRP CG    CD2    sing Y N 318 
TRP CD1   NE1    sing Y N 319 
TRP CD1   HD1    sing N N 320 
TRP CD2   CE2    doub Y N 321 
TRP CD2   CE3    sing Y N 322 
TRP NE1   CE2    sing Y N 323 
TRP NE1   HE1    sing N N 324 
TRP CE2   CZ2    sing Y N 325 
TRP CE3   CZ3    doub Y N 326 
TRP CE3   HE3    sing N N 327 
TRP CZ2   CH2    doub Y N 328 
TRP CZ2   HZ2    sing N N 329 
TRP CZ3   CH2    sing Y N 330 
TRP CZ3   HZ3    sing N N 331 
TRP CH2   HH2    sing N N 332 
TRP OXT   HXT    sing N N 333 
TS5 N1    CA1    sing N N 334 
TS5 N1    HN11   sing N N 335 
TS5 N1    HN12   sing N N 336 
TS5 CA1   C1     sing N N 337 
TS5 CA1   CB1    sing N N 338 
TS5 CA1   HA1    sing N N 339 
TS5 C1    OE1    doub N N 340 
TS5 C1    OE2    sing N N 341 
TS5 OE2   HO2    sing N N 342 
TS5 CB1   CG1    sing N N 343 
TS5 CB1   HB11   sing N N 344 
TS5 CB1   HB12   sing N N 345 
TS5 CG1   CD1    sing N N 346 
TS5 CG1   HG11   sing N N 347 
TS5 CG1   HG12   sing N N 348 
TS5 CD1   O1     doub N N 349 
TS5 CD1   N2     sing N N 350 
TS5 N2    CA2    sing N N 351 
TS5 N2    HN2    sing N N 352 
TS5 CA2   C2     sing N N 353 
TS5 CA2   CB2    sing N N 354 
TS5 CA2   HA2    sing N N 355 
TS5 C2    O2     doub N N 356 
TS5 C2    N3     sing N N 357 
TS5 CB2   SG2    sing N N 358 
TS5 CB2   HB21   sing N N 359 
TS5 CB2   HB22   sing N N 360 
TS5 SG2   HG2    sing N N 361 
TS5 N3    CA3    sing N N 362 
TS5 N3    HN3    sing N N 363 
TS5 CA3   C3     sing N N 364 
TS5 CA3   HA31   sing N N 365 
TS5 CA3   HA32   sing N N 366 
TS5 C3    O3     doub N N 367 
TS5 C3    "N1'"  sing N N 368 
TS5 "N1'" "C1'"  sing N N 369 
TS5 "N1'" "HN1'" sing N N 370 
TS5 "C1'" "C2'"  sing N N 371 
TS5 "C1'" "H1'1" sing N N 372 
TS5 "C1'" "H1'2" sing N N 373 
TS5 "C2'" "C3'"  sing N N 374 
TS5 "C2'" "H2'1" sing N N 375 
TS5 "C2'" "H2'2" sing N N 376 
TS5 "N2'" "C3'"  sing N N 377 
TS5 "N2'" "C4'"  sing N N 378 
TS5 "N2'" "HN2'" sing N N 379 
TS5 "C3'" "H3'1" sing N N 380 
TS5 "C3'" "H3'2" sing N N 381 
TS5 "C4'" "C5'"  sing N N 382 
TS5 "C4'" "H4'1" sing N N 383 
TS5 "C4'" "H4'2" sing N N 384 
TS5 "C5'" "C6'"  sing N N 385 
TS5 "C5'" "H5'1" sing N N 386 
TS5 "C5'" "H5'2" sing N N 387 
TS5 "C6'" "C7'"  sing N N 388 
TS5 "C6'" "H6'1" sing N N 389 
TS5 "C6'" "H6'2" sing N N 390 
TS5 "C7'" "N3'"  sing N N 391 
TS5 "C7'" "H7'1" sing N N 392 
TS5 "C7'" "H7'2" sing N N 393 
TS5 "N3'" HN31   sing N N 394 
TS5 "N3'" HN32   sing N N 395 
TYR N     CA     sing N N 396 
TYR N     H      sing N N 397 
TYR N     H2     sing N N 398 
TYR CA    C      sing N N 399 
TYR CA    CB     sing N N 400 
TYR CA    HA     sing N N 401 
TYR C     O      doub N N 402 
TYR C     OXT    sing N N 403 
TYR CB    CG     sing N N 404 
TYR CB    HB2    sing N N 405 
TYR CB    HB3    sing N N 406 
TYR CG    CD1    doub Y N 407 
TYR CG    CD2    sing Y N 408 
TYR CD1   CE1    sing Y N 409 
TYR CD1   HD1    sing N N 410 
TYR CD2   CE2    doub Y N 411 
TYR CD2   HD2    sing N N 412 
TYR CE1   CZ     doub Y N 413 
TYR CE1   HE1    sing N N 414 
TYR CE2   CZ     sing Y N 415 
TYR CE2   HE2    sing N N 416 
TYR CZ    OH     sing N N 417 
TYR OH    HH     sing N N 418 
TYR OXT   HXT    sing N N 419 
VAL N     CA     sing N N 420 
VAL N     H      sing N N 421 
VAL N     H2     sing N N 422 
VAL CA    C      sing N N 423 
VAL CA    CB     sing N N 424 
VAL CA    HA     sing N N 425 
VAL C     O      doub N N 426 
VAL C     OXT    sing N N 427 
VAL CB    CG1    sing N N 428 
VAL CB    CG2    sing N N 429 
VAL CB    HB     sing N N 430 
VAL CG1   HG11   sing N N 431 
VAL CG1   HG12   sing N N 432 
VAL CG1   HG13   sing N N 433 
VAL CG2   HG21   sing N N 434 
VAL CG2   HG22   sing N N 435 
VAL CG2   HG23   sing N N 436 
VAL OXT   HXT    sing N N 437 
# 
loop_
_pdbx_entity_nonpoly.entity_id 
_pdbx_entity_nonpoly.name 
_pdbx_entity_nonpoly.comp_id 
2 GLUTATHIONYLSPERMIDINE TS5 
3 water                  HOH 
# 
_pdbx_initial_refinement_model.id               1 
_pdbx_initial_refinement_model.entity_id_list   ? 
_pdbx_initial_refinement_model.type             'experimental model' 
_pdbx_initial_refinement_model.source_name      PDB 
_pdbx_initial_refinement_model.accession_code   2IOB 
_pdbx_initial_refinement_model.details          'pdb entry 2iob' 
# 
